data_5T8V
#
_entry.id   5T8V
#
_cell.length_a   66.733
_cell.length_b   88.779
_cell.length_c   160.296
_cell.angle_alpha   90.000
_cell.angle_beta   93.170
_cell.angle_gamma   90.000
#
_symmetry.space_group_name_H-M   'P 1 21 1'
#
loop_
_entity.id
_entity.type
_entity.pdbx_description
1 polymer 'Putative uncharacterized protein'
2 non-polymer 'CITRIC ACID'
#
_entity_poly.entity_id   1
_entity_poly.type   'polypeptide(L)'
_entity_poly.pdbx_seq_one_letter_code
;DLYGESLDLRQRANVALHELKAYLQAAFQAVDRAIAQKSSNEMAIFLSETEATLAAPTQTKLQSALKKTIELNCFMTVPL
DDLIYLLRLCDSALRQTESLDFSVQTSWGAQDVEQWLELLPNLEAAIRAARTSMRIMCGGREEKQLYSENAIEQALSLCK
RLIDGIIMPLAELRNTSDTEELFKALSSCKRRILPLMTDAQKLLSMMSELIAKVDTSETVTNALEFAASQLLFIETANAE
RDSVIETQKFDGFRLVAMDMICQIFLLNPSQRQGIIDEILTSLEKLPLGKRARTFKLADGSSIQPVSALIMRLVQTSAGK
DEGRGSSGRLDMTEGVQKVTGAKAFIIQSEAQGASQHSTAIRDLDTISTPLLETARNNASYVIKFIVNRALNSTKSGDTP
YRNLLDLFVEDFITCLDNPDWPAAELLLRLLMLMMVGLVENDKSSIMAKNMALELLGTMCAAISKLRGHVRKMASALEAD
ELSLFLSDLAASALELKSRPEHMVAWTGPYRATLEYLQSRSRFNEDAQLSSAMTFIISEWGSKICTCYDGYQDDVLERDQ
ELGRLAYRLREMILDRKWLSTEYTYKDVSPLQAKLSYSIILLRSQFCEAFGAILNILLNSMASDQPTVRSKSLKSINQVM
EADPTILDGDSVVVQLILRSSSDSSTQVRDSALGLISKCISLRPALEEKMTETVVNRFSDAGPGVRKRAMKLAKDIYLRN
SNRVLRSAIANGLLHRVQDPEESVRDLARQVIEEIWFAPFHSGETSAASQISLSEHVILMVQTVKRGNVANVLDKVLQAL
LSPSSKTSQASMEVCRKLVGSMFDLIDNIDSNDASAPSGRDVLQVLMIFAKAEASLFTFEQLRLLRPYIASIGTSEDLTV
SRAVVVIYRRVLPQLSSAHAQFLTDVRKELLPVVAKVPRALLDDVMACLWIISTLLGTYEPLARLVISSLKGIQKTRASA
QVQPLDQLKIRQFDRYSLIVGMAGKHCNLDSHHEMFKEHFPKFSGASVSKLMVDIVVPFAAPSWPLDVRKPALDCVGLVC
QSSPRNYVAANVYTAFQQVFDDQIPILETMVLRSLKEFLFSEEKRSEQEPEGPAGKDGESKKKRELTVIGGTNYDDVASA
TTHRFLKDITRIATSTQDDHAFLAVEVLASINRQGLVHPKETGVTFITLATSTHPRISELAFLEHKALHTKHETVIEREY
AKAIQSIFAYQRDIVKDPRGATTNPFTPKLHLFMEVLKISKAKNRVKFLEKLVSQIDFDIAKLDMSEELPPHVQYSRFII
ENLAFFEYVTVGEIHSLVAAMERLVASTGASVAQVIESEVFHLRIDVLDAPSSQSPNPDGQLRAEAQTQGQVNPLLPDIE
YSRLRQLTAASMILLAIWEVRTYLRRLYSLGTNRRENSAKPAKPQVKDLARPPVKVQGVTGDKVWEEINNIMGALSGGRE
RMVRACKDLVELMSID
;
_entity_poly.pdbx_strand_id   A
#
# COMPACT_ATOMS: atom_id res chain seq x y z
N GLY A 4 11.11 -21.14 70.97
CA GLY A 4 12.49 -21.24 71.41
C GLY A 4 13.07 -22.62 71.19
N GLU A 5 12.76 -23.20 70.03
CA GLU A 5 13.22 -24.54 69.67
C GLU A 5 13.73 -24.55 68.23
N SER A 6 14.44 -23.48 67.84
CA SER A 6 15.06 -23.39 66.52
C SER A 6 16.58 -23.48 66.73
N LEU A 7 17.11 -24.70 66.58
CA LEU A 7 18.51 -24.97 66.88
C LEU A 7 19.20 -25.56 65.65
N ASP A 8 20.24 -26.37 65.87
CA ASP A 8 20.89 -27.06 64.77
C ASP A 8 20.01 -28.21 64.27
N LEU A 9 20.27 -28.63 63.02
CA LEU A 9 19.37 -29.55 62.35
C LEU A 9 19.20 -30.86 63.12
N ARG A 10 20.24 -31.30 63.84
CA ARG A 10 20.14 -32.53 64.62
C ARG A 10 18.99 -32.45 65.61
N GLN A 11 19.05 -31.47 66.52
CA GLN A 11 18.04 -31.36 67.56
C GLN A 11 16.66 -31.07 66.95
N ARG A 12 16.61 -30.24 65.91
CA ARG A 12 15.32 -30.00 65.26
C ARG A 12 14.73 -31.31 64.75
N ALA A 13 15.55 -32.14 64.12
CA ALA A 13 15.09 -33.45 63.67
C ALA A 13 14.52 -34.25 64.83
N ASN A 14 15.25 -34.32 65.94
CA ASN A 14 14.74 -35.06 67.10
C ASN A 14 13.41 -34.49 67.57
N VAL A 15 13.26 -33.17 67.55
CA VAL A 15 12.02 -32.55 68.00
C VAL A 15 10.86 -32.95 67.09
N ALA A 16 11.05 -32.84 65.77
CA ALA A 16 10.01 -33.27 64.85
C ALA A 16 9.66 -34.73 65.07
N LEU A 17 10.66 -35.57 65.30
CA LEU A 17 10.40 -36.99 65.54
C LEU A 17 9.53 -37.19 66.77
N HIS A 18 9.89 -36.56 67.89
CA HIS A 18 9.12 -36.76 69.12
C HIS A 18 7.72 -36.17 69.00
N GLU A 19 7.58 -35.05 68.31
CA GLU A 19 6.26 -34.47 68.10
C GLU A 19 5.38 -35.40 67.28
N LEU A 20 5.90 -35.92 66.17
CA LEU A 20 5.12 -36.85 65.36
C LEU A 20 4.79 -38.12 66.13
N LYS A 21 5.73 -38.61 66.94
CA LYS A 21 5.44 -39.79 67.75
C LYS A 21 4.31 -39.51 68.73
N ALA A 22 4.38 -38.39 69.44
CA ALA A 22 3.35 -38.04 70.41
C ALA A 22 1.98 -37.94 69.72
N TYR A 23 1.89 -37.08 68.71
CA TYR A 23 0.61 -36.92 68.00
C TYR A 23 0.12 -38.25 67.46
N LEU A 24 1.03 -39.09 66.95
CA LEU A 24 0.66 -40.39 66.42
C LEU A 24 0.00 -41.25 67.49
N GLN A 25 0.64 -41.36 68.66
CA GLN A 25 0.06 -42.12 69.76
C GLN A 25 -1.30 -41.56 70.16
N ALA A 26 -1.40 -40.23 70.26
CA ALA A 26 -2.68 -39.62 70.59
C ALA A 26 -3.76 -40.01 69.58
N ALA A 27 -3.39 -40.10 68.30
CA ALA A 27 -4.37 -40.49 67.28
C ALA A 27 -4.77 -41.95 67.44
N PHE A 28 -3.80 -42.84 67.67
CA PHE A 28 -4.12 -44.25 67.77
C PHE A 28 -5.00 -44.55 68.99
N GLN A 29 -4.65 -43.97 70.15
CA GLN A 29 -5.49 -44.18 71.32
C GLN A 29 -6.81 -43.41 71.21
N ALA A 30 -6.85 -42.37 70.37
CA ALA A 30 -8.14 -41.76 70.04
C ALA A 30 -9.01 -42.74 69.26
N VAL A 31 -8.41 -43.52 68.36
CA VAL A 31 -9.15 -44.56 67.65
C VAL A 31 -9.61 -45.63 68.64
N ASP A 32 -8.73 -46.04 69.55
CA ASP A 32 -9.11 -47.02 70.57
C ASP A 32 -10.32 -46.53 71.35
N ARG A 33 -10.28 -45.28 71.80
CA ARG A 33 -11.42 -44.72 72.54
C ARG A 33 -12.67 -44.69 71.67
N ALA A 34 -12.51 -44.38 70.38
CA ALA A 34 -13.66 -44.33 69.48
C ALA A 34 -14.24 -45.70 69.20
N ILE A 35 -13.47 -46.77 69.41
CA ILE A 35 -13.99 -48.12 69.23
C ILE A 35 -14.62 -48.64 70.51
N ALA A 36 -13.90 -48.53 71.64
CA ALA A 36 -14.45 -48.92 72.93
C ALA A 36 -15.82 -48.27 73.10
N GLN A 37 -15.84 -46.95 73.26
CA GLN A 37 -17.08 -46.21 73.16
C GLN A 37 -17.58 -46.25 71.72
N LYS A 38 -18.88 -46.43 71.54
CA LYS A 38 -19.46 -46.52 70.21
C LYS A 38 -19.79 -45.14 69.62
N SER A 39 -18.99 -44.12 69.93
CA SER A 39 -19.24 -42.77 69.47
C SER A 39 -17.98 -42.21 68.81
N SER A 40 -18.18 -41.18 67.98
CA SER A 40 -17.07 -40.55 67.28
C SER A 40 -16.30 -39.67 68.25
N ASN A 41 -14.97 -39.79 68.22
CA ASN A 41 -14.10 -39.03 69.10
C ASN A 41 -13.77 -37.67 68.48
N GLU A 42 -13.16 -36.80 69.28
CA GLU A 42 -12.72 -35.50 68.79
C GLU A 42 -11.73 -35.65 67.63
N MET A 43 -10.97 -36.74 67.61
CA MET A 43 -9.99 -37.00 66.56
C MET A 43 -10.40 -38.11 65.62
N ALA A 44 -11.05 -39.17 66.11
CA ALA A 44 -11.43 -40.31 65.30
C ALA A 44 -12.92 -40.27 64.98
N ILE A 45 -13.31 -41.11 64.03
CA ILE A 45 -14.69 -41.28 63.60
C ILE A 45 -15.05 -42.74 63.75
N PHE A 46 -16.19 -43.00 64.40
CA PHE A 46 -16.68 -44.36 64.60
C PHE A 46 -17.55 -44.76 63.42
N LEU A 47 -17.16 -45.83 62.73
CA LEU A 47 -17.95 -46.35 61.61
C LEU A 47 -18.71 -47.60 62.04
N SER A 48 -18.03 -48.72 62.13
CA SER A 48 -18.58 -49.95 62.69
C SER A 48 -17.95 -50.20 64.06
N GLU A 49 -18.34 -51.31 64.68
CA GLU A 49 -17.80 -51.65 66.00
C GLU A 49 -16.43 -52.31 65.92
N THR A 50 -15.86 -52.44 64.73
CA THR A 50 -14.49 -52.92 64.57
C THR A 50 -13.57 -51.91 63.89
N GLU A 51 -14.12 -51.00 63.09
CA GLU A 51 -13.34 -50.01 62.38
C GLU A 51 -13.62 -48.62 62.94
N ALA A 52 -12.65 -47.73 62.77
CA ALA A 52 -12.78 -46.33 63.19
C ALA A 52 -11.60 -45.53 62.62
N THR A 53 -11.89 -44.48 61.87
CA THR A 53 -10.89 -43.82 61.07
C THR A 53 -10.44 -42.52 61.74
N LEU A 54 -9.47 -41.86 61.11
CA LEU A 54 -8.98 -40.56 61.59
C LEU A 54 -9.73 -39.45 60.85
N ALA A 55 -10.08 -38.41 61.60
CA ALA A 55 -10.82 -37.30 61.01
C ALA A 55 -9.91 -36.45 60.13
N ALA A 56 -10.52 -35.63 59.29
CA ALA A 56 -9.75 -34.81 58.36
C ALA A 56 -8.76 -33.88 59.05
N PRO A 57 -9.10 -33.21 60.15
CA PRO A 57 -8.14 -32.29 60.78
C PRO A 57 -6.94 -33.01 61.37
N THR A 58 -7.19 -34.10 62.09
CA THR A 58 -6.09 -34.88 62.64
C THR A 58 -5.21 -35.44 61.52
N GLN A 59 -5.83 -35.85 60.42
CA GLN A 59 -5.05 -36.25 59.24
C GLN A 59 -4.18 -35.10 58.76
N THR A 60 -4.73 -33.88 58.76
CA THR A 60 -3.94 -32.71 58.35
C THR A 60 -2.70 -32.57 59.23
N LYS A 61 -2.88 -32.52 60.55
CA LYS A 61 -1.74 -32.34 61.44
C LYS A 61 -0.73 -33.46 61.27
N LEU A 62 -1.20 -34.71 61.16
CA LEU A 62 -0.28 -35.82 60.90
C LEU A 62 0.51 -35.56 59.63
N GLN A 63 -0.13 -35.04 58.58
CA GLN A 63 0.59 -34.75 57.35
C GLN A 63 1.68 -33.71 57.59
N SER A 64 1.35 -32.65 58.33
CA SER A 64 2.36 -31.64 58.64
C SER A 64 3.56 -32.24 59.35
N ALA A 65 3.31 -33.00 60.42
CA ALA A 65 4.41 -33.62 61.15
C ALA A 65 5.23 -34.54 60.26
N LEU A 66 4.56 -35.34 59.42
CA LEU A 66 5.27 -36.21 58.49
C LEU A 66 6.19 -35.41 57.57
N LYS A 67 5.68 -34.31 57.02
CA LYS A 67 6.52 -33.46 56.18
C LYS A 67 7.73 -32.95 56.95
N LYS A 68 7.53 -32.57 58.21
CA LYS A 68 8.67 -32.17 59.03
C LYS A 68 9.71 -33.28 59.11
N THR A 69 9.28 -34.51 59.41
CA THR A 69 10.24 -35.61 59.54
C THR A 69 10.95 -35.88 58.22
N ILE A 70 10.25 -35.74 57.09
CA ILE A 70 10.87 -36.00 55.79
C ILE A 70 11.92 -34.94 55.48
N GLU A 71 11.57 -33.66 55.65
CA GLU A 71 12.50 -32.60 55.28
C GLU A 71 13.75 -32.60 56.17
N LEU A 72 13.65 -33.10 57.39
CA LEU A 72 14.79 -33.19 58.30
C LEU A 72 15.47 -34.54 58.27
N ASN A 73 15.13 -35.39 57.30
CA ASN A 73 15.83 -36.66 57.08
C ASN A 73 15.83 -37.54 58.32
N CYS A 74 14.76 -37.48 59.11
CA CYS A 74 14.57 -38.38 60.25
C CYS A 74 13.32 -39.23 60.11
N PHE A 75 12.62 -39.15 58.98
CA PHE A 75 11.47 -40.01 58.74
C PHE A 75 11.84 -41.49 58.77
N MET A 76 13.11 -41.82 58.53
CA MET A 76 13.54 -43.21 58.55
C MET A 76 13.45 -43.81 59.95
N THR A 77 13.52 -42.98 60.98
CA THR A 77 13.52 -43.48 62.36
C THR A 77 12.12 -43.80 62.87
N VAL A 78 11.08 -43.26 62.24
CA VAL A 78 9.70 -43.54 62.65
C VAL A 78 9.49 -45.05 62.69
N PRO A 79 8.98 -45.61 63.79
CA PRO A 79 8.76 -47.06 63.84
C PRO A 79 7.93 -47.53 62.66
N LEU A 80 8.44 -48.55 61.95
CA LEU A 80 7.71 -49.11 60.82
C LEU A 80 6.36 -49.66 61.26
N ASP A 81 6.34 -50.51 62.29
CA ASP A 81 5.15 -51.26 62.64
C ASP A 81 3.94 -50.36 62.85
N ASP A 82 4.13 -49.13 63.33
CA ASP A 82 3.01 -48.23 63.55
C ASP A 82 2.80 -47.25 62.39
N LEU A 83 3.52 -47.42 61.29
CA LEU A 83 3.17 -46.74 60.05
C LEU A 83 2.25 -47.59 59.19
N ILE A 84 2.43 -48.91 59.21
CA ILE A 84 1.48 -49.80 58.57
C ILE A 84 0.09 -49.60 59.17
N TYR A 85 0.03 -49.34 60.48
CA TYR A 85 -1.26 -49.12 61.12
C TYR A 85 -1.91 -47.84 60.62
N LEU A 86 -1.14 -46.76 60.52
CA LEU A 86 -1.68 -45.53 59.96
C LEU A 86 -2.17 -45.75 58.53
N LEU A 87 -1.38 -46.47 57.73
CA LEU A 87 -1.82 -46.79 56.37
C LEU A 87 -3.10 -47.63 56.38
N ARG A 88 -3.30 -48.43 57.42
CA ARG A 88 -4.52 -49.22 57.50
C ARG A 88 -5.72 -48.33 57.83
N LEU A 89 -5.56 -47.41 58.79
CA LEU A 89 -6.62 -46.45 59.07
C LEU A 89 -6.97 -45.66 57.81
N CYS A 90 -5.96 -45.21 57.08
CA CYS A 90 -6.20 -44.53 55.80
C CYS A 90 -7.01 -45.44 54.87
N ASP A 91 -6.61 -46.70 54.76
CA ASP A 91 -7.31 -47.61 53.87
C ASP A 91 -8.76 -47.81 54.29
N SER A 92 -9.03 -47.73 55.59
CA SER A 92 -10.42 -47.81 56.07
C SER A 92 -11.19 -46.57 55.65
N ALA A 93 -10.63 -45.39 55.88
CA ALA A 93 -11.31 -44.16 55.46
C ALA A 93 -11.56 -44.14 53.96
N LEU A 94 -10.67 -44.75 53.18
CA LEU A 94 -10.84 -44.76 51.74
C LEU A 94 -11.86 -45.81 51.30
N ARG A 95 -11.84 -46.99 51.91
CA ARG A 95 -12.85 -48.00 51.60
C ARG A 95 -14.23 -47.52 51.99
N GLN A 96 -14.34 -46.64 52.99
CA GLN A 96 -15.64 -46.13 53.39
C GLN A 96 -16.35 -45.45 52.23
N THR A 97 -15.64 -44.60 51.50
CA THR A 97 -16.23 -43.76 50.45
C THR A 97 -15.89 -44.24 49.05
N GLU A 98 -15.46 -45.49 48.89
CA GLU A 98 -15.05 -45.96 47.57
C GLU A 98 -16.23 -46.01 46.61
N SER A 99 -17.36 -46.59 47.05
CA SER A 99 -18.56 -46.68 46.23
C SER A 99 -19.49 -45.49 46.43
N LEU A 100 -19.26 -44.67 47.45
CA LEU A 100 -20.11 -43.53 47.71
C LEU A 100 -20.13 -42.58 46.50
N ASP A 101 -21.30 -41.97 46.29
CA ASP A 101 -21.49 -40.99 45.22
C ASP A 101 -21.74 -39.64 45.89
N PHE A 102 -20.68 -38.85 46.04
CA PHE A 102 -20.75 -37.54 46.67
C PHE A 102 -20.88 -36.41 45.65
N SER A 103 -21.33 -36.72 44.43
CA SER A 103 -21.43 -35.71 43.39
C SER A 103 -22.64 -34.80 43.64
N VAL A 104 -22.51 -33.56 43.19
CA VAL A 104 -23.59 -32.59 43.24
C VAL A 104 -24.34 -32.62 41.91
N GLN A 105 -25.66 -32.48 41.98
CA GLN A 105 -26.51 -32.45 40.81
C GLN A 105 -27.22 -31.11 40.72
N THR A 106 -27.24 -30.54 39.51
CA THR A 106 -27.87 -29.23 39.33
C THR A 106 -29.35 -29.27 39.66
N SER A 107 -30.00 -30.41 39.44
CA SER A 107 -31.42 -30.53 39.76
C SER A 107 -31.71 -30.40 41.25
N TRP A 108 -30.70 -30.64 42.11
CA TRP A 108 -30.91 -30.68 43.54
C TRP A 108 -31.62 -29.44 44.07
N GLY A 109 -32.30 -29.58 45.21
CA GLY A 109 -32.93 -28.47 45.88
C GLY A 109 -32.22 -28.12 47.17
N ALA A 110 -32.84 -27.19 47.91
CA ALA A 110 -32.21 -26.67 49.12
C ALA A 110 -32.06 -27.74 50.19
N GLN A 111 -32.79 -28.86 50.10
CA GLN A 111 -32.69 -29.91 51.09
C GLN A 111 -31.78 -31.06 50.67
N ASP A 112 -31.58 -31.27 49.37
CA ASP A 112 -30.62 -32.27 48.91
C ASP A 112 -29.22 -31.92 49.38
N VAL A 113 -28.90 -30.64 49.50
CA VAL A 113 -27.59 -30.23 49.97
C VAL A 113 -27.44 -30.48 51.46
N GLU A 114 -28.55 -30.55 52.21
CA GLU A 114 -28.46 -30.91 53.62
C GLU A 114 -28.08 -32.37 53.79
N GLN A 115 -28.70 -33.26 53.03
CA GLN A 115 -28.32 -34.67 53.04
C GLN A 115 -26.92 -34.85 52.46
N TRP A 116 -26.51 -33.97 51.54
CA TRP A 116 -25.17 -34.03 50.99
C TRP A 116 -24.12 -33.60 52.01
N LEU A 117 -24.44 -32.60 52.83
CA LEU A 117 -23.50 -32.05 53.80
C LEU A 117 -23.13 -33.05 54.88
N GLU A 118 -23.90 -34.13 55.04
CA GLU A 118 -23.59 -35.13 56.06
C GLU A 118 -22.47 -36.07 55.63
N LEU A 119 -22.14 -36.10 54.34
CA LEU A 119 -21.04 -36.92 53.85
C LEU A 119 -19.68 -36.29 54.12
N LEU A 120 -19.63 -34.99 54.37
CA LEU A 120 -18.35 -34.29 54.40
C LEU A 120 -17.37 -34.85 55.43
N PRO A 121 -17.78 -35.27 56.63
CA PRO A 121 -16.81 -35.86 57.56
C PRO A 121 -16.07 -37.06 56.97
N ASN A 122 -16.81 -38.06 56.51
CA ASN A 122 -16.18 -39.24 55.93
C ASN A 122 -15.46 -38.92 54.63
N LEU A 123 -16.08 -38.10 53.78
CA LEU A 123 -15.45 -37.74 52.51
C LEU A 123 -14.10 -37.06 52.72
N GLU A 124 -14.09 -35.99 53.51
CA GLU A 124 -12.84 -35.28 53.81
C GLU A 124 -11.84 -36.22 54.47
N ALA A 125 -12.31 -37.01 55.45
CA ALA A 125 -11.43 -37.98 56.10
C ALA A 125 -10.75 -38.87 55.07
N ALA A 126 -11.48 -39.24 54.01
CA ALA A 126 -10.90 -40.09 52.98
C ALA A 126 -9.91 -39.32 52.11
N ILE A 127 -10.27 -38.09 51.73
CA ILE A 127 -9.37 -37.27 50.91
C ILE A 127 -8.01 -37.13 51.60
N ARG A 128 -8.02 -36.64 52.83
CA ARG A 128 -6.77 -36.41 53.53
C ARG A 128 -6.12 -37.71 53.99
N ALA A 129 -6.89 -38.79 54.12
CA ALA A 129 -6.29 -40.10 54.32
C ALA A 129 -5.43 -40.49 53.12
N ALA A 130 -5.98 -40.31 51.92
CA ALA A 130 -5.21 -40.55 50.71
C ALA A 130 -3.95 -39.69 50.69
N ARG A 131 -4.10 -38.40 50.99
CA ARG A 131 -2.93 -37.53 51.03
C ARG A 131 -1.86 -38.07 51.97
N THR A 132 -2.27 -38.51 53.16
CA THR A 132 -1.31 -39.08 54.10
C THR A 132 -0.62 -40.30 53.51
N SER A 133 -1.40 -41.21 52.91
CA SER A 133 -0.79 -42.40 52.31
C SER A 133 0.28 -42.02 51.29
N MET A 134 -0.06 -41.11 50.36
CA MET A 134 0.89 -40.70 49.35
C MET A 134 2.16 -40.12 49.99
N ARG A 135 1.99 -39.17 50.91
CA ARG A 135 3.15 -38.58 51.56
C ARG A 135 4.02 -39.66 52.22
N ILE A 136 3.39 -40.65 52.85
CA ILE A 136 4.15 -41.76 53.41
C ILE A 136 4.93 -42.47 52.31
N MET A 137 4.36 -42.57 51.12
CA MET A 137 5.09 -43.13 49.98
C MET A 137 6.09 -42.15 49.37
N CYS A 138 6.20 -40.93 49.90
CA CYS A 138 7.16 -39.94 49.42
C CYS A 138 8.28 -39.69 50.43
N GLY A 139 8.63 -40.70 51.23
CA GLY A 139 9.63 -40.53 52.27
C GLY A 139 10.97 -41.16 51.97
N GLY A 140 11.06 -41.92 50.88
CA GLY A 140 12.29 -42.58 50.51
C GLY A 140 12.60 -43.85 51.26
N ARG A 141 11.70 -44.31 52.13
CA ARG A 141 11.93 -45.56 52.86
C ARG A 141 11.79 -46.75 51.92
N GLU A 142 12.45 -47.84 52.29
CA GLU A 142 12.59 -49.00 51.41
C GLU A 142 11.62 -50.13 51.75
N GLU A 143 11.02 -50.14 52.93
CA GLU A 143 10.13 -51.23 53.31
C GLU A 143 8.98 -51.35 52.31
N LYS A 144 8.67 -52.59 51.94
CA LYS A 144 7.63 -52.83 50.95
C LYS A 144 6.24 -52.61 51.51
N GLN A 145 6.06 -52.71 52.82
CA GLN A 145 4.74 -52.53 53.42
C GLN A 145 4.28 -51.08 53.40
N LEU A 146 5.13 -50.14 52.99
CA LEU A 146 4.78 -48.73 52.95
C LEU A 146 4.36 -48.27 51.56
N TYR A 147 4.40 -49.16 50.57
CA TYR A 147 3.99 -48.85 49.21
C TYR A 147 2.89 -49.80 48.79
N SER A 148 1.81 -49.26 48.24
CA SER A 148 0.71 -50.07 47.74
C SER A 148 0.14 -49.43 46.49
N GLU A 149 0.11 -50.17 45.39
CA GLU A 149 -0.53 -49.68 44.17
C GLU A 149 -1.99 -49.35 44.41
N ASN A 150 -2.65 -50.11 45.29
CA ASN A 150 -4.08 -49.91 45.52
C ASN A 150 -4.35 -48.56 46.16
N ALA A 151 -3.47 -48.09 47.04
CA ALA A 151 -3.65 -46.77 47.64
C ALA A 151 -3.61 -45.69 46.57
N ILE A 152 -2.64 -45.78 45.66
CA ILE A 152 -2.60 -44.86 44.53
C ILE A 152 -3.91 -44.94 43.75
N GLU A 153 -4.41 -46.16 43.52
CA GLU A 153 -5.65 -46.32 42.77
C GLU A 153 -6.80 -45.58 43.47
N GLN A 154 -6.91 -45.75 44.79
CA GLN A 154 -7.97 -45.07 45.55
C GLN A 154 -7.84 -43.56 45.44
N ALA A 155 -6.63 -43.04 45.66
CA ALA A 155 -6.42 -41.59 45.56
C ALA A 155 -6.83 -41.09 44.19
N LEU A 156 -6.40 -41.78 43.13
CA LEU A 156 -6.75 -41.37 41.77
C LEU A 156 -8.26 -41.37 41.57
N SER A 157 -8.95 -42.40 42.07
CA SER A 157 -10.40 -42.41 41.99
C SER A 157 -10.99 -41.18 42.67
N LEU A 158 -10.56 -40.90 43.90
CA LEU A 158 -11.09 -39.75 44.61
C LEU A 158 -10.86 -38.46 43.84
N CYS A 159 -9.70 -38.33 43.18
CA CYS A 159 -9.45 -37.14 42.38
C CYS A 159 -10.43 -37.05 41.23
N LYS A 160 -10.61 -38.14 40.49
CA LYS A 160 -11.55 -38.15 39.37
C LYS A 160 -12.95 -37.75 39.85
N ARG A 161 -13.46 -38.42 40.88
CA ARG A 161 -14.82 -38.16 41.32
C ARG A 161 -14.96 -36.77 41.94
N LEU A 162 -13.88 -36.23 42.50
CA LEU A 162 -13.92 -34.87 43.03
C LEU A 162 -14.02 -33.86 41.90
N ILE A 163 -13.26 -34.07 40.82
CA ILE A 163 -13.30 -33.14 39.70
C ILE A 163 -14.65 -33.23 38.99
N ASP A 164 -15.12 -34.45 38.71
CA ASP A 164 -16.38 -34.60 37.97
C ASP A 164 -17.57 -34.17 38.81
N GLY A 165 -17.55 -34.47 40.11
CA GLY A 165 -18.76 -34.40 40.92
C GLY A 165 -18.91 -33.18 41.80
N ILE A 166 -17.85 -32.40 42.00
CA ILE A 166 -17.92 -31.27 42.93
C ILE A 166 -17.26 -30.03 42.34
N ILE A 167 -15.97 -30.13 42.02
CA ILE A 167 -15.20 -28.95 41.64
C ILE A 167 -15.79 -28.31 40.39
N MET A 168 -15.93 -29.08 39.31
CA MET A 168 -16.45 -28.53 38.06
C MET A 168 -17.88 -28.06 38.20
N PRO A 169 -18.84 -28.87 38.67
CA PRO A 169 -20.22 -28.37 38.78
C PRO A 169 -20.37 -27.18 39.72
N LEU A 170 -19.52 -27.08 40.75
CA LEU A 170 -19.58 -25.91 41.61
C LEU A 170 -19.06 -24.66 40.91
N ALA A 171 -17.94 -24.81 40.17
CA ALA A 171 -17.43 -23.68 39.41
C ALA A 171 -18.43 -23.21 38.37
N GLU A 172 -19.11 -24.15 37.71
CA GLU A 172 -20.00 -23.81 36.61
C GLU A 172 -21.37 -23.34 37.08
N LEU A 173 -21.76 -23.62 38.32
CA LEU A 173 -23.10 -23.32 38.79
C LEU A 173 -23.32 -21.80 38.83
N ARG A 174 -24.42 -21.36 38.26
CA ARG A 174 -24.79 -19.95 38.21
C ARG A 174 -26.13 -19.74 38.90
N ASN A 175 -26.51 -18.47 39.03
CA ASN A 175 -27.74 -18.09 39.72
C ASN A 175 -28.86 -17.91 38.71
N THR A 176 -29.23 -19.03 38.08
CA THR A 176 -30.28 -19.07 37.08
C THR A 176 -31.59 -19.53 37.72
N SER A 177 -32.71 -19.07 37.15
CA SER A 177 -34.02 -19.46 37.67
C SER A 177 -34.16 -20.99 37.71
N ASP A 178 -33.44 -21.69 36.85
CA ASP A 178 -33.51 -23.15 36.81
C ASP A 178 -32.74 -23.78 37.98
N THR A 179 -31.61 -23.17 38.36
CA THR A 179 -30.78 -23.67 39.45
C THR A 179 -30.61 -22.64 40.56
N GLU A 180 -31.53 -21.68 40.66
CA GLU A 180 -31.44 -20.64 41.68
C GLU A 180 -31.37 -21.24 43.08
N GLU A 181 -32.32 -22.11 43.41
CA GLU A 181 -32.42 -22.64 44.77
C GLU A 181 -31.13 -23.32 45.20
N LEU A 182 -30.57 -24.18 44.35
CA LEU A 182 -29.33 -24.86 44.67
C LEU A 182 -28.20 -23.86 44.89
N PHE A 183 -28.11 -22.86 44.01
CA PHE A 183 -27.06 -21.84 44.14
C PHE A 183 -27.11 -21.19 45.52
N LYS A 184 -28.29 -20.72 45.92
CA LYS A 184 -28.38 -20.04 47.21
C LYS A 184 -28.18 -21.01 48.37
N ALA A 185 -28.57 -22.26 48.19
CA ALA A 185 -28.36 -23.27 49.23
C ALA A 185 -26.88 -23.48 49.50
N LEU A 186 -26.09 -23.74 48.45
CA LEU A 186 -24.65 -23.94 48.64
C LEU A 186 -23.98 -22.65 49.12
N SER A 187 -24.40 -21.51 48.55
CA SER A 187 -23.91 -20.22 49.02
C SER A 187 -24.16 -20.03 50.51
N SER A 188 -25.19 -20.69 51.06
CA SER A 188 -25.47 -20.60 52.48
C SER A 188 -24.51 -21.43 53.34
N CYS A 189 -23.73 -22.34 52.75
CA CYS A 189 -22.77 -23.15 53.49
C CYS A 189 -21.39 -23.13 52.83
N LYS A 190 -21.07 -22.03 52.15
CA LYS A 190 -19.69 -21.70 51.80
C LYS A 190 -18.67 -22.27 52.78
N ARG A 191 -18.79 -21.88 54.06
CA ARG A 191 -17.73 -22.18 55.01
C ARG A 191 -17.50 -23.67 55.17
N ARG A 192 -18.53 -24.48 54.92
CA ARG A 192 -18.34 -25.92 54.93
C ARG A 192 -17.79 -26.41 53.60
N ILE A 193 -18.06 -25.70 52.50
CA ILE A 193 -17.53 -26.14 51.22
C ILE A 193 -16.03 -25.88 51.12
N LEU A 194 -15.56 -24.75 51.64
CA LEU A 194 -14.17 -24.37 51.43
C LEU A 194 -13.18 -25.41 51.92
N PRO A 195 -13.25 -25.89 53.16
CA PRO A 195 -12.29 -26.91 53.60
C PRO A 195 -12.24 -28.13 52.68
N LEU A 196 -13.39 -28.52 52.13
CA LEU A 196 -13.41 -29.63 51.18
C LEU A 196 -12.57 -29.29 49.95
N MET A 197 -12.75 -28.08 49.40
CA MET A 197 -11.95 -27.65 48.26
C MET A 197 -10.47 -27.67 48.59
N THR A 198 -10.09 -27.13 49.75
CA THR A 198 -8.69 -27.16 50.16
C THR A 198 -8.16 -28.60 50.20
N ASP A 199 -8.94 -29.51 50.77
CA ASP A 199 -8.55 -30.91 50.81
C ASP A 199 -8.29 -31.44 49.41
N ALA A 200 -9.19 -31.13 48.47
CA ALA A 200 -9.01 -31.59 47.09
C ALA A 200 -7.74 -31.04 46.48
N GLN A 201 -7.52 -29.73 46.61
CA GLN A 201 -6.28 -29.14 46.11
C GLN A 201 -5.06 -29.86 46.67
N LYS A 202 -5.02 -30.00 47.99
CA LYS A 202 -3.86 -30.63 48.64
C LYS A 202 -3.64 -32.05 48.14
N LEU A 203 -4.72 -32.78 47.86
CA LEU A 203 -4.58 -34.13 47.34
C LEU A 203 -4.00 -34.12 45.92
N LEU A 204 -4.58 -33.31 45.04
CA LEU A 204 -4.08 -33.24 43.67
C LEU A 204 -2.60 -32.88 43.65
N SER A 205 -2.23 -31.79 44.33
CA SER A 205 -0.83 -31.41 44.41
C SER A 205 0.01 -32.54 44.99
N MET A 206 -0.54 -33.27 45.97
CA MET A 206 0.21 -34.38 46.54
C MET A 206 0.45 -35.49 45.53
N MET A 207 -0.48 -35.68 44.58
CA MET A 207 -0.25 -36.63 43.49
C MET A 207 0.85 -36.13 42.56
N SER A 208 0.80 -34.85 42.21
CA SER A 208 1.88 -34.26 41.42
C SER A 208 3.23 -34.54 42.06
N GLU A 209 3.33 -34.39 43.39
CA GLU A 209 4.56 -34.75 44.08
C GLU A 209 4.83 -36.24 43.98
N LEU A 210 3.79 -37.07 44.16
CA LEU A 210 3.97 -38.52 44.15
C LEU A 210 4.68 -38.99 42.89
N ILE A 211 4.14 -38.66 41.72
CA ILE A 211 4.64 -39.25 40.49
C ILE A 211 6.11 -38.92 40.24
N ALA A 212 6.69 -37.97 40.99
CA ALA A 212 8.09 -37.64 40.84
C ALA A 212 9.01 -38.47 41.72
N LYS A 213 8.48 -39.09 42.77
CA LYS A 213 9.31 -39.79 43.75
C LYS A 213 9.11 -41.29 43.77
N VAL A 214 8.01 -41.79 43.21
CA VAL A 214 7.79 -43.23 43.07
C VAL A 214 7.40 -43.51 41.62
N ASP A 215 7.99 -44.56 41.06
CA ASP A 215 7.64 -44.96 39.71
C ASP A 215 6.21 -45.47 39.67
N THR A 216 5.45 -45.02 38.69
CA THR A 216 4.03 -45.29 38.61
C THR A 216 3.67 -45.75 37.20
N SER A 217 2.55 -46.46 37.10
CA SER A 217 2.11 -46.99 35.81
C SER A 217 1.77 -45.86 34.85
N GLU A 218 1.85 -46.16 33.56
CA GLU A 218 1.46 -45.20 32.54
C GLU A 218 -0.05 -44.97 32.52
N THR A 219 -0.84 -45.91 33.02
CA THR A 219 -2.28 -45.71 33.10
C THR A 219 -2.63 -44.72 34.20
N VAL A 220 -1.89 -44.75 35.31
CA VAL A 220 -2.09 -43.78 36.38
C VAL A 220 -1.79 -42.38 35.89
N THR A 221 -0.62 -42.19 35.27
CA THR A 221 -0.24 -40.86 34.80
C THR A 221 -1.13 -40.41 33.65
N ASN A 222 -1.62 -41.35 32.83
CA ASN A 222 -2.57 -40.98 31.78
C ASN A 222 -3.87 -40.46 32.40
N ALA A 223 -4.36 -41.15 33.42
CA ALA A 223 -5.58 -40.71 34.10
C ALA A 223 -5.37 -39.35 34.75
N LEU A 224 -4.21 -39.14 35.37
CA LEU A 224 -3.93 -37.84 35.97
C LEU A 224 -3.85 -36.74 34.92
N GLU A 225 -3.29 -37.06 33.75
CA GLU A 225 -3.21 -36.07 32.67
C GLU A 225 -4.59 -35.74 32.12
N PHE A 226 -5.49 -36.73 32.09
CA PHE A 226 -6.86 -36.46 31.64
C PHE A 226 -7.61 -35.62 32.66
N ALA A 227 -7.48 -35.95 33.94
CA ALA A 227 -8.17 -35.19 34.99
C ALA A 227 -7.64 -33.76 35.06
N ALA A 228 -6.32 -33.60 35.09
CA ALA A 228 -5.73 -32.26 35.09
C ALA A 228 -6.12 -31.50 33.85
N SER A 229 -6.06 -32.16 32.68
CA SER A 229 -6.52 -31.53 31.45
C SER A 229 -7.95 -31.02 31.60
N GLN A 230 -8.79 -31.77 32.31
CA GLN A 230 -10.17 -31.32 32.52
C GLN A 230 -10.21 -30.10 33.44
N LEU A 231 -9.47 -30.14 34.54
CA LEU A 231 -9.43 -29.01 35.46
C LEU A 231 -8.87 -27.76 34.80
N LEU A 232 -8.08 -27.91 33.74
CA LEU A 232 -7.46 -26.75 33.10
C LEU A 232 -8.51 -25.80 32.55
N PHE A 233 -9.60 -26.35 31.98
CA PHE A 233 -10.66 -25.56 31.38
C PHE A 233 -11.84 -25.36 32.32
N ILE A 234 -11.58 -25.33 33.64
CA ILE A 234 -12.62 -25.04 34.60
C ILE A 234 -13.23 -23.68 34.31
N GLU A 235 -14.55 -23.58 34.48
CA GLU A 235 -15.27 -22.34 34.14
C GLU A 235 -15.49 -21.52 35.41
N THR A 236 -14.45 -20.82 35.82
CA THR A 236 -14.58 -19.80 36.85
C THR A 236 -15.60 -18.75 36.39
N ALA A 237 -16.30 -18.18 37.35
CA ALA A 237 -17.29 -17.17 37.05
C ALA A 237 -16.63 -15.83 36.70
N ASN A 238 -17.38 -14.99 36.01
CA ASN A 238 -16.88 -13.68 35.58
C ASN A 238 -16.48 -12.86 36.81
N ALA A 239 -17.46 -12.36 37.54
CA ALA A 239 -17.24 -11.58 38.75
C ALA A 239 -17.66 -12.40 39.97
N GLU A 240 -17.21 -11.95 41.15
CA GLU A 240 -17.51 -12.65 42.39
C GLU A 240 -18.91 -12.31 42.89
N ARG A 241 -19.91 -12.61 42.05
CA ARG A 241 -21.30 -12.39 42.45
C ARG A 241 -22.14 -13.60 42.08
N ASP A 242 -21.79 -14.27 40.98
CA ASP A 242 -22.52 -15.45 40.50
C ASP A 242 -21.70 -16.72 40.67
N SER A 243 -20.84 -16.76 41.69
CA SER A 243 -20.06 -17.94 42.03
C SER A 243 -20.37 -18.34 43.47
N VAL A 244 -20.51 -19.64 43.70
CA VAL A 244 -20.84 -20.14 45.03
C VAL A 244 -19.76 -19.72 46.02
N ILE A 245 -18.49 -19.88 45.65
CA ILE A 245 -17.36 -19.52 46.49
C ILE A 245 -16.45 -18.58 45.72
N GLU A 246 -15.44 -18.07 46.41
CA GLU A 246 -14.50 -17.14 45.79
C GLU A 246 -13.83 -17.78 44.58
N THR A 247 -13.88 -17.06 43.45
CA THR A 247 -13.31 -17.56 42.21
C THR A 247 -11.83 -17.93 42.36
N GLN A 248 -11.10 -17.21 43.22
CA GLN A 248 -9.67 -17.46 43.38
C GLN A 248 -9.39 -18.91 43.77
N LYS A 249 -10.29 -19.52 44.54
CA LYS A 249 -10.11 -20.94 44.90
C LYS A 249 -10.04 -21.80 43.64
N PHE A 250 -11.00 -21.62 42.74
CA PHE A 250 -10.97 -22.35 41.47
C PHE A 250 -9.71 -22.01 40.68
N ASP A 251 -9.29 -20.74 40.70
CA ASP A 251 -8.00 -20.41 40.09
C ASP A 251 -6.91 -21.31 40.65
N GLY A 252 -6.90 -21.50 41.97
CA GLY A 252 -5.95 -22.41 42.57
C GLY A 252 -6.01 -23.79 41.96
N PHE A 253 -7.23 -24.28 41.71
CA PHE A 253 -7.35 -25.57 41.02
C PHE A 253 -6.67 -25.52 39.65
N ARG A 254 -6.95 -24.48 38.86
CA ARG A 254 -6.30 -24.36 37.55
C ARG A 254 -4.78 -24.46 37.69
N LEU A 255 -4.21 -23.74 38.65
CA LEU A 255 -2.75 -23.76 38.82
C LEU A 255 -2.26 -25.15 39.17
N VAL A 256 -2.91 -25.81 40.13
CA VAL A 256 -2.52 -27.17 40.49
C VAL A 256 -2.54 -28.07 39.25
N ALA A 257 -3.55 -27.90 38.40
CA ALA A 257 -3.63 -28.71 37.18
C ALA A 257 -2.44 -28.45 36.27
N MET A 258 -2.09 -27.18 36.07
CA MET A 258 -0.93 -26.86 35.25
C MET A 258 0.33 -27.52 35.80
N ASP A 259 0.55 -27.42 37.12
CA ASP A 259 1.70 -28.07 37.73
C ASP A 259 1.69 -29.56 37.43
N MET A 260 0.54 -30.21 37.56
CA MET A 260 0.46 -31.65 37.34
C MET A 260 0.83 -32.00 35.90
N ILE A 261 0.27 -31.26 34.93
CA ILE A 261 0.55 -31.55 33.53
C ILE A 261 2.02 -31.32 33.22
N CYS A 262 2.62 -30.28 33.78
CA CYS A 262 4.05 -30.06 33.59
C CYS A 262 4.85 -31.22 34.15
N GLN A 263 4.43 -31.75 35.30
CA GLN A 263 5.15 -32.88 35.89
C GLN A 263 5.07 -34.11 35.00
N ILE A 264 3.86 -34.51 34.60
CA ILE A 264 3.71 -35.65 33.70
C ILE A 264 4.53 -35.42 32.43
N PHE A 265 4.46 -34.21 31.88
CA PHE A 265 5.19 -33.88 30.66
C PHE A 265 6.69 -34.03 30.84
N LEU A 266 7.20 -33.72 32.03
CA LEU A 266 8.64 -33.73 32.26
C LEU A 266 9.18 -35.14 32.48
N LEU A 267 8.48 -35.95 33.29
CA LEU A 267 8.98 -37.26 33.66
C LEU A 267 8.74 -38.34 32.60
N ASN A 268 8.22 -37.97 31.43
CA ASN A 268 7.94 -38.94 30.37
C ASN A 268 8.22 -38.29 29.01
N PRO A 269 9.48 -38.28 28.58
CA PRO A 269 9.78 -37.68 27.27
C PRO A 269 9.05 -38.33 26.12
N SER A 270 8.96 -39.67 26.12
CA SER A 270 8.44 -40.40 24.96
C SER A 270 7.10 -39.86 24.49
N GLN A 271 6.26 -39.41 25.41
CA GLN A 271 4.89 -39.02 25.08
C GLN A 271 4.68 -37.50 25.15
N ARG A 272 5.75 -36.71 25.25
CA ARG A 272 5.58 -35.26 25.34
C ARG A 272 4.78 -34.72 24.17
N GLN A 273 5.24 -34.98 22.95
CA GLN A 273 4.51 -34.56 21.76
C GLN A 273 3.05 -35.00 21.82
N GLY A 274 2.78 -36.15 22.42
CA GLY A 274 1.41 -36.59 22.58
C GLY A 274 0.62 -35.63 23.45
N ILE A 275 1.13 -35.41 24.65
CA ILE A 275 0.47 -34.54 25.63
C ILE A 275 0.08 -33.23 24.94
N ILE A 276 1.08 -32.47 24.51
CA ILE A 276 0.87 -31.23 23.79
C ILE A 276 -0.25 -31.45 22.77
N ASP A 277 -0.05 -32.43 21.88
CA ASP A 277 -1.02 -32.66 20.81
C ASP A 277 -2.43 -32.71 21.37
N GLU A 278 -2.67 -33.60 22.34
CA GLU A 278 -4.04 -33.73 22.83
C GLU A 278 -4.50 -32.44 23.51
N ILE A 279 -3.62 -31.80 24.26
CA ILE A 279 -3.98 -30.53 24.89
C ILE A 279 -4.43 -29.53 23.82
N LEU A 280 -3.82 -29.59 22.64
CA LEU A 280 -4.18 -28.64 21.59
C LEU A 280 -5.44 -29.04 20.83
N THR A 281 -5.87 -30.30 20.94
CA THR A 281 -7.13 -30.72 20.34
C THR A 281 -8.29 -30.62 21.31
N SER A 282 -8.03 -30.86 22.60
CA SER A 282 -9.06 -30.59 23.61
C SER A 282 -9.53 -29.15 23.52
N LEU A 283 -8.60 -28.22 23.30
CA LEU A 283 -8.96 -26.81 23.16
C LEU A 283 -9.88 -26.59 21.98
N GLU A 284 -9.81 -27.45 20.96
CA GLU A 284 -10.63 -27.28 19.77
C GLU A 284 -12.06 -27.75 20.00
N LYS A 285 -12.27 -28.73 20.87
CA LYS A 285 -13.59 -29.29 21.13
C LYS A 285 -14.33 -28.58 22.26
N LEU A 286 -14.28 -27.26 22.30
CA LEU A 286 -14.91 -26.47 23.35
C LEU A 286 -15.58 -25.24 22.74
N PRO A 287 -16.69 -24.78 23.32
CA PRO A 287 -17.28 -23.53 22.84
C PRO A 287 -16.34 -22.35 23.05
N LEU A 288 -16.49 -21.35 22.18
CA LEU A 288 -15.58 -20.21 22.22
C LEU A 288 -15.60 -19.52 23.58
N GLY A 289 -16.71 -19.62 24.32
CA GLY A 289 -16.79 -18.98 25.62
C GLY A 289 -15.62 -19.33 26.53
N LYS A 290 -15.00 -20.48 26.31
CA LYS A 290 -13.86 -20.89 27.12
C LYS A 290 -12.55 -20.29 26.60
N ARG A 291 -12.48 -20.01 25.29
CA ARG A 291 -11.27 -19.47 24.69
C ARG A 291 -10.92 -18.08 25.21
N ALA A 292 -11.77 -17.47 26.04
CA ALA A 292 -11.47 -16.17 26.59
C ALA A 292 -10.18 -16.20 27.40
N ARG A 293 -9.54 -15.04 27.51
CA ARG A 293 -8.27 -14.90 28.23
C ARG A 293 -8.58 -14.69 29.70
N THR A 294 -8.63 -15.78 30.45
CA THR A 294 -9.02 -15.76 31.85
C THR A 294 -7.87 -16.05 32.80
N PHE A 295 -6.64 -16.03 32.31
CA PHE A 295 -5.45 -16.30 33.13
C PHE A 295 -4.73 -14.97 33.34
N LYS A 296 -4.88 -14.40 34.53
CA LYS A 296 -4.31 -13.09 34.83
C LYS A 296 -2.83 -13.24 35.17
N LEU A 297 -2.02 -12.32 34.63
CA LEU A 297 -0.60 -12.28 34.91
C LEU A 297 -0.30 -11.15 35.90
N ALA A 298 0.80 -11.33 36.64
CA ALA A 298 1.19 -10.33 37.63
C ALA A 298 1.21 -8.93 37.05
N ASP A 299 1.80 -8.77 35.86
CA ASP A 299 1.94 -7.46 35.26
C ASP A 299 0.62 -6.80 34.92
N GLY A 300 -0.49 -7.54 34.94
CA GLY A 300 -1.81 -7.01 34.70
C GLY A 300 -2.47 -7.52 33.43
N SER A 301 -1.70 -7.97 32.45
CA SER A 301 -2.27 -8.48 31.21
C SER A 301 -2.93 -9.84 31.45
N SER A 302 -3.51 -10.39 30.39
CA SER A 302 -4.27 -11.64 30.49
C SER A 302 -4.05 -12.47 29.24
N ILE A 303 -3.93 -13.79 29.45
CA ILE A 303 -3.81 -14.76 28.38
C ILE A 303 -4.78 -15.90 28.68
N GLN A 304 -5.08 -16.69 27.66
CA GLN A 304 -5.90 -17.86 27.94
C GLN A 304 -5.05 -18.95 28.57
N PRO A 305 -5.61 -19.73 29.50
CA PRO A 305 -4.77 -20.62 30.31
C PRO A 305 -4.02 -21.66 29.49
N VAL A 306 -4.59 -22.11 28.37
CA VAL A 306 -3.89 -23.07 27.53
C VAL A 306 -2.56 -22.48 27.04
N SER A 307 -2.54 -21.20 26.71
CA SER A 307 -1.29 -20.55 26.31
C SER A 307 -0.27 -20.64 27.43
N ALA A 308 -0.67 -20.27 28.64
CA ALA A 308 0.23 -20.33 29.78
C ALA A 308 0.77 -21.74 29.97
N LEU A 309 -0.08 -22.76 29.80
CA LEU A 309 0.38 -24.13 29.99
C LEU A 309 1.36 -24.52 28.90
N ILE A 310 1.03 -24.25 27.64
CA ILE A 310 1.94 -24.54 26.53
C ILE A 310 3.32 -23.96 26.83
N MET A 311 3.37 -22.66 27.11
CA MET A 311 4.65 -22.01 27.37
C MET A 311 5.36 -22.67 28.54
N ARG A 312 4.63 -22.96 29.62
CA ARG A 312 5.22 -23.64 30.77
C ARG A 312 5.88 -24.95 30.35
N LEU A 313 5.17 -25.75 29.54
CA LEU A 313 5.75 -27.00 29.04
C LEU A 313 7.02 -26.73 28.25
N VAL A 314 7.05 -25.63 27.49
CA VAL A 314 8.26 -25.31 26.75
C VAL A 314 9.40 -24.96 27.71
N GLN A 315 9.10 -24.39 28.88
CA GLN A 315 10.15 -23.98 29.80
C GLN A 315 10.54 -25.07 30.80
N THR A 316 9.77 -26.16 30.89
CA THR A 316 10.19 -27.27 31.73
C THR A 316 11.43 -27.98 31.21
N SER A 317 11.88 -27.63 30.00
CA SER A 317 13.04 -28.30 29.41
C SER A 317 14.22 -28.37 30.37
N ALA A 318 14.49 -27.28 31.07
CA ALA A 318 15.55 -27.28 32.08
C ALA A 318 15.15 -27.97 33.36
N GLY A 319 13.92 -28.49 33.45
CA GLY A 319 13.46 -29.16 34.66
C GLY A 319 14.18 -30.48 34.91
N ILE A 346 36.10 -31.31 33.63
CA ILE A 346 37.54 -31.25 33.71
C ILE A 346 37.95 -30.19 34.75
N ILE A 347 37.06 -29.22 34.98
CA ILE A 347 37.30 -28.13 35.92
C ILE A 347 36.43 -28.34 37.15
N GLN A 348 36.97 -27.97 38.32
CA GLN A 348 36.21 -27.99 39.55
C GLN A 348 36.46 -26.75 40.40
N SER A 349 37.15 -25.74 39.86
CA SER A 349 37.47 -24.53 40.60
C SER A 349 37.26 -23.33 39.68
N GLU A 350 36.77 -22.22 40.26
CA GLU A 350 36.53 -21.03 39.45
C GLU A 350 37.82 -20.47 38.87
N ALA A 351 38.95 -20.72 39.52
CA ALA A 351 40.23 -20.22 39.00
C ALA A 351 40.71 -21.05 37.82
N GLN A 352 40.58 -22.38 37.92
CA GLN A 352 41.01 -23.24 36.81
C GLN A 352 40.24 -22.95 35.54
N GLY A 353 39.03 -22.40 35.64
CA GLY A 353 38.25 -22.09 34.46
C GLY A 353 38.67 -20.82 33.77
N ALA A 354 39.28 -19.89 34.51
CA ALA A 354 39.73 -18.65 33.90
C ALA A 354 40.99 -18.86 33.07
N SER A 355 41.84 -19.81 33.45
CA SER A 355 43.06 -20.10 32.71
C SER A 355 42.81 -21.08 31.57
N GLN A 356 42.02 -22.11 31.80
CA GLN A 356 41.63 -23.07 30.77
C GLN A 356 40.26 -22.73 30.22
N HIS A 357 40.07 -21.45 29.88
CA HIS A 357 38.76 -20.95 29.50
C HIS A 357 38.13 -21.78 28.38
N SER A 358 38.94 -22.27 27.44
CA SER A 358 38.42 -23.08 26.35
C SER A 358 37.69 -24.30 26.89
N THR A 359 38.30 -24.99 27.85
CA THR A 359 37.69 -26.20 28.41
C THR A 359 36.43 -25.87 29.19
N ALA A 360 36.45 -24.78 29.96
CA ALA A 360 35.25 -24.35 30.67
C ALA A 360 34.11 -24.11 29.68
N ILE A 361 34.40 -23.41 28.59
CA ILE A 361 33.39 -23.16 27.57
C ILE A 361 32.87 -24.47 26.99
N ARG A 362 33.76 -25.43 26.76
CA ARG A 362 33.31 -26.67 26.13
C ARG A 362 32.44 -27.48 27.09
N ASP A 363 32.82 -27.55 28.36
CA ASP A 363 31.96 -28.16 29.37
C ASP A 363 30.59 -27.51 29.37
N LEU A 364 30.55 -26.18 29.48
CA LEU A 364 29.27 -25.49 29.48
C LEU A 364 28.46 -25.82 28.24
N ASP A 365 29.13 -25.93 27.09
CA ASP A 365 28.43 -26.28 25.86
C ASP A 365 27.78 -27.65 25.97
N THR A 366 28.52 -28.64 26.46
CA THR A 366 27.97 -29.99 26.56
C THR A 366 26.80 -30.04 27.53
N ILE A 367 26.85 -29.27 28.62
CA ILE A 367 25.75 -29.35 29.57
C ILE A 367 24.53 -28.55 29.11
N SER A 368 24.75 -27.42 28.41
CA SER A 368 23.66 -26.50 28.13
C SER A 368 22.97 -26.76 26.80
N THR A 369 23.70 -27.20 25.77
CA THR A 369 23.06 -27.36 24.47
C THR A 369 21.91 -28.35 24.48
N PRO A 370 21.95 -29.47 25.24
CA PRO A 370 20.80 -30.38 25.23
C PRO A 370 19.54 -29.75 25.82
N LEU A 371 19.68 -28.87 26.81
CA LEU A 371 18.51 -28.24 27.41
C LEU A 371 17.77 -27.37 26.40
N LEU A 372 18.51 -26.55 25.67
CA LEU A 372 17.89 -25.71 24.65
C LEU A 372 17.47 -26.50 23.43
N GLU A 373 18.11 -27.65 23.18
CA GLU A 373 17.65 -28.54 22.12
C GLU A 373 16.28 -29.13 22.46
N THR A 374 16.08 -29.55 23.71
CA THR A 374 14.77 -30.06 24.10
C THR A 374 13.74 -28.93 24.12
N ALA A 375 14.12 -27.74 24.59
CA ALA A 375 13.21 -26.61 24.53
C ALA A 375 12.75 -26.34 23.10
N ARG A 376 13.69 -26.28 22.17
CA ARG A 376 13.33 -26.08 20.77
C ARG A 376 12.48 -27.24 20.24
N ASN A 377 12.73 -28.46 20.71
CA ASN A 377 11.93 -29.60 20.26
C ASN A 377 10.49 -29.46 20.69
N ASN A 378 10.26 -29.08 21.95
CA ASN A 378 8.89 -28.90 22.43
C ASN A 378 8.20 -27.75 21.70
N ALA A 379 8.86 -26.59 21.65
CA ALA A 379 8.31 -25.45 20.92
C ALA A 379 7.94 -25.86 19.49
N SER A 380 8.78 -26.67 18.86
CA SER A 380 8.50 -27.09 17.49
C SER A 380 7.32 -28.06 17.43
N TYR A 381 7.16 -28.91 18.45
CA TYR A 381 5.93 -29.70 18.54
C TYR A 381 4.71 -28.78 18.45
N VAL A 382 4.69 -27.75 19.30
CA VAL A 382 3.55 -26.83 19.31
C VAL A 382 3.35 -26.21 17.93
N ILE A 383 4.38 -25.52 17.44
CA ILE A 383 4.24 -24.73 16.21
C ILE A 383 3.84 -25.62 15.04
N LYS A 384 4.53 -26.76 14.89
CA LYS A 384 4.18 -27.70 13.83
C LYS A 384 2.72 -28.09 13.92
N PHE A 385 2.24 -28.39 15.12
CA PHE A 385 0.83 -28.79 15.24
C PHE A 385 -0.10 -27.67 14.79
N ILE A 386 0.03 -26.49 15.40
CA ILE A 386 -0.99 -25.46 15.19
C ILE A 386 -0.94 -24.93 13.77
N VAL A 387 0.25 -24.78 13.19
CA VAL A 387 0.32 -24.37 11.79
C VAL A 387 -0.25 -25.47 10.89
N ASN A 388 0.19 -26.70 11.12
CA ASN A 388 -0.28 -27.83 10.33
C ASN A 388 -1.80 -27.82 10.21
N ARG A 389 -2.50 -27.86 11.35
CA ARG A 389 -3.95 -27.91 11.26
C ARG A 389 -4.59 -26.54 11.04
N ALA A 390 -3.80 -25.46 11.05
CA ALA A 390 -4.29 -24.20 10.54
C ALA A 390 -4.41 -24.24 9.01
N LEU A 391 -3.52 -24.98 8.35
CA LEU A 391 -3.51 -25.08 6.90
C LEU A 391 -4.27 -26.31 6.40
N ASN A 392 -3.83 -27.50 6.79
CA ASN A 392 -4.36 -28.75 6.24
C ASN A 392 -5.68 -29.17 6.87
N SER A 393 -6.54 -28.22 7.20
CA SER A 393 -7.85 -28.54 7.78
C SER A 393 -8.91 -28.59 6.68
N PRO A 400 -11.81 -22.27 10.87
CA PRO A 400 -11.84 -23.52 11.65
C PRO A 400 -10.83 -23.51 12.79
N TYR A 401 -9.56 -23.78 12.49
CA TYR A 401 -8.50 -23.77 13.50
C TYR A 401 -7.61 -22.55 13.42
N ARG A 402 -7.61 -21.84 12.29
CA ARG A 402 -6.75 -20.68 12.15
C ARG A 402 -6.98 -19.66 13.26
N ASN A 403 -8.21 -19.60 13.80
CA ASN A 403 -8.49 -18.65 14.87
C ASN A 403 -7.75 -19.01 16.14
N LEU A 404 -7.55 -20.31 16.40
CA LEU A 404 -6.78 -20.71 17.57
C LEU A 404 -5.31 -20.38 17.40
N LEU A 405 -4.78 -20.57 16.19
CA LEU A 405 -3.43 -20.09 15.89
C LEU A 405 -3.32 -18.59 16.16
N ASP A 406 -4.31 -17.82 15.69
CA ASP A 406 -4.30 -16.39 15.94
C ASP A 406 -4.29 -16.09 17.43
N LEU A 407 -5.11 -16.80 18.21
CA LEU A 407 -5.17 -16.56 19.65
C LEU A 407 -3.83 -16.89 20.31
N PHE A 408 -3.24 -18.03 19.95
CA PHE A 408 -1.93 -18.38 20.49
C PHE A 408 -0.92 -17.30 20.18
N VAL A 409 -0.88 -16.85 18.92
CA VAL A 409 0.08 -15.82 18.55
C VAL A 409 -0.16 -14.55 19.37
N GLU A 410 -1.41 -14.16 19.54
CA GLU A 410 -1.70 -12.96 20.32
C GLU A 410 -1.18 -13.09 21.75
N ASP A 411 -1.44 -14.23 22.39
CA ASP A 411 -0.97 -14.42 23.76
C ASP A 411 0.56 -14.43 23.83
N PHE A 412 1.22 -15.10 22.87
CA PHE A 412 2.67 -15.11 22.86
C PHE A 412 3.23 -13.70 22.72
N ILE A 413 2.66 -12.91 21.81
CA ILE A 413 3.08 -11.51 21.68
C ILE A 413 2.91 -10.78 23.01
N THR A 414 1.75 -10.97 23.65
CA THR A 414 1.51 -10.31 24.93
C THR A 414 2.62 -10.61 25.93
N CYS A 415 3.11 -11.85 25.94
CA CYS A 415 4.13 -12.28 26.88
C CYS A 415 5.54 -12.18 26.33
N LEU A 416 5.71 -11.60 25.14
CA LEU A 416 7.02 -11.56 24.50
C LEU A 416 8.07 -10.95 25.43
N ASP A 417 7.81 -9.74 25.93
CA ASP A 417 8.77 -9.02 26.76
C ASP A 417 8.55 -9.25 28.25
N ASN A 418 7.97 -10.39 28.62
CA ASN A 418 7.73 -10.71 30.02
C ASN A 418 8.77 -11.71 30.49
N PRO A 419 9.67 -11.35 31.41
CA PRO A 419 10.71 -12.30 31.82
C PRO A 419 10.16 -13.56 32.49
N ASP A 420 8.90 -13.53 32.94
CA ASP A 420 8.28 -14.73 33.49
C ASP A 420 8.02 -15.77 32.41
N TRP A 421 8.07 -15.39 31.14
CA TRP A 421 7.62 -16.25 30.04
C TRP A 421 8.62 -16.22 28.90
N PRO A 422 9.84 -16.71 29.14
CA PRO A 422 10.86 -16.71 28.08
C PRO A 422 10.53 -17.62 26.90
N ALA A 423 9.53 -18.48 27.00
CA ALA A 423 9.17 -19.34 25.88
C ALA A 423 8.39 -18.59 24.80
N ALA A 424 7.91 -17.38 25.08
CA ALA A 424 7.24 -16.59 24.07
C ALA A 424 8.15 -16.30 22.89
N GLU A 425 9.38 -15.86 23.17
CA GLU A 425 10.31 -15.56 22.09
C GLU A 425 10.70 -16.81 21.31
N LEU A 426 10.70 -17.97 21.96
CA LEU A 426 11.08 -19.20 21.28
C LEU A 426 9.95 -19.68 20.36
N LEU A 427 8.72 -19.73 20.88
CA LEU A 427 7.58 -20.09 20.05
C LEU A 427 7.43 -19.12 18.88
N LEU A 428 7.50 -17.82 19.17
CA LEU A 428 7.39 -16.82 18.11
C LEU A 428 8.56 -16.92 17.13
N ARG A 429 9.75 -17.28 17.62
CA ARG A 429 10.91 -17.42 16.74
C ARG A 429 10.69 -18.54 15.74
N LEU A 430 10.32 -19.73 16.23
CA LEU A 430 10.11 -20.84 15.31
C LEU A 430 8.94 -20.58 14.38
N LEU A 431 7.87 -19.98 14.90
CA LEU A 431 6.75 -19.62 14.03
C LEU A 431 7.20 -18.68 12.93
N MET A 432 8.01 -17.68 13.27
CA MET A 432 8.49 -16.72 12.28
C MET A 432 9.35 -17.41 11.23
N LEU A 433 10.32 -18.21 11.67
CA LEU A 433 11.14 -18.96 10.71
C LEU A 433 10.27 -19.77 9.77
N MET A 434 9.21 -20.38 10.31
CA MET A 434 8.35 -21.21 9.48
C MET A 434 7.58 -20.37 8.46
N MET A 435 7.09 -19.20 8.86
CA MET A 435 6.34 -18.37 7.93
C MET A 435 7.24 -17.80 6.85
N VAL A 436 8.42 -17.29 7.22
CA VAL A 436 9.38 -16.86 6.22
C VAL A 436 9.64 -17.99 5.24
N GLY A 437 9.86 -19.20 5.76
CA GLY A 437 10.07 -20.34 4.88
C GLY A 437 8.92 -20.54 3.92
N LEU A 438 7.68 -20.45 4.42
CA LEU A 438 6.52 -20.65 3.55
C LEU A 438 6.46 -19.58 2.46
N VAL A 439 6.83 -18.34 2.81
CA VAL A 439 6.76 -17.26 1.82
C VAL A 439 7.88 -17.38 0.80
N GLU A 440 9.00 -17.98 1.17
CA GLU A 440 10.20 -17.93 0.33
C GLU A 440 10.32 -19.11 -0.64
N ASN A 441 9.50 -20.15 -0.50
CA ASN A 441 9.50 -21.25 -1.46
C ASN A 441 8.27 -21.09 -2.36
N ASP A 442 8.51 -21.00 -3.67
CA ASP A 442 7.43 -20.70 -4.61
C ASP A 442 6.48 -21.87 -4.83
N LYS A 443 6.85 -23.07 -4.41
CA LYS A 443 5.93 -24.21 -4.49
C LYS A 443 5.00 -24.28 -3.28
N SER A 444 4.47 -23.13 -2.86
CA SER A 444 3.62 -23.03 -1.67
C SER A 444 2.26 -22.46 -2.06
N SER A 445 1.22 -22.92 -1.38
CA SER A 445 -0.14 -22.57 -1.74
C SER A 445 -0.42 -21.09 -1.44
N ILE A 446 -1.54 -20.60 -1.97
CA ILE A 446 -1.92 -19.22 -1.74
C ILE A 446 -2.41 -19.02 -0.31
N MET A 447 -3.16 -20.00 0.21
CA MET A 447 -3.60 -19.93 1.60
C MET A 447 -2.40 -19.82 2.54
N ALA A 448 -1.37 -20.63 2.31
CA ALA A 448 -0.21 -20.65 3.20
C ALA A 448 0.57 -19.33 3.10
N LYS A 449 0.76 -18.82 1.88
CA LYS A 449 1.46 -17.55 1.72
C LYS A 449 0.69 -16.42 2.41
N ASN A 450 -0.63 -16.37 2.18
CA ASN A 450 -1.44 -15.32 2.77
C ASN A 450 -1.37 -15.37 4.29
N MET A 451 -1.52 -16.56 4.87
CA MET A 451 -1.39 -16.69 6.31
C MET A 451 -0.03 -16.23 6.78
N ALA A 452 1.03 -16.68 6.10
CA ALA A 452 2.39 -16.35 6.52
C ALA A 452 2.62 -14.85 6.51
N LEU A 453 2.20 -14.16 5.45
CA LEU A 453 2.32 -12.71 5.42
C LEU A 453 1.50 -12.06 6.52
N GLU A 454 0.26 -12.52 6.70
CA GLU A 454 -0.61 -11.91 7.70
C GLU A 454 -0.03 -12.02 9.10
N LEU A 455 0.64 -13.14 9.41
CA LEU A 455 1.23 -13.30 10.74
C LEU A 455 2.57 -12.57 10.84
N LEU A 456 3.40 -12.66 9.80
CA LEU A 456 4.64 -11.88 9.78
C LEU A 456 4.36 -10.41 10.01
N GLY A 457 3.19 -9.93 9.60
CA GLY A 457 2.79 -8.57 9.88
C GLY A 457 2.63 -8.31 11.37
N THR A 458 1.81 -9.11 12.05
CA THR A 458 1.59 -8.90 13.48
C THR A 458 2.89 -9.04 14.26
N MET A 459 3.72 -10.02 13.90
CA MET A 459 5.01 -10.18 14.57
C MET A 459 5.88 -8.96 14.33
N CYS A 460 5.91 -8.45 13.10
CA CYS A 460 6.67 -7.24 12.80
C CYS A 460 6.22 -6.09 13.69
N ALA A 461 4.90 -5.87 13.77
CA ALA A 461 4.38 -4.82 14.64
C ALA A 461 4.83 -5.02 16.09
N ALA A 462 4.79 -6.26 16.57
CA ALA A 462 5.19 -6.52 17.95
C ALA A 462 6.65 -6.16 18.17
N ILE A 463 7.53 -6.55 17.25
CA ILE A 463 8.95 -6.21 17.38
C ILE A 463 9.13 -4.69 17.37
N SER A 464 8.43 -4.00 16.46
CA SER A 464 8.53 -2.55 16.40
C SER A 464 8.14 -1.92 17.73
N LYS A 465 7.02 -2.38 18.30
CA LYS A 465 6.60 -1.87 19.60
C LYS A 465 7.65 -2.14 20.67
N LEU A 466 8.26 -3.33 20.65
CA LEU A 466 9.29 -3.64 21.64
C LEU A 466 10.46 -2.68 21.51
N ARG A 467 10.90 -2.39 20.28
CA ARG A 467 12.03 -1.50 20.07
C ARG A 467 11.70 -0.08 20.55
N GLY A 468 10.51 0.41 20.22
CA GLY A 468 10.10 1.71 20.72
C GLY A 468 10.09 1.75 22.23
N HIS A 469 9.55 0.70 22.86
CA HIS A 469 9.51 0.65 24.32
C HIS A 469 10.92 0.65 24.90
N VAL A 470 11.85 -0.03 24.26
CA VAL A 470 13.24 -0.04 24.74
C VAL A 470 13.82 1.37 24.67
N ARG A 471 13.61 2.06 23.55
CA ARG A 471 14.13 3.42 23.44
C ARG A 471 13.54 4.31 24.52
N LYS A 472 12.23 4.19 24.75
CA LYS A 472 11.59 4.99 25.80
C LYS A 472 12.21 4.70 27.17
N MET A 473 12.25 3.43 27.56
CA MET A 473 12.77 3.08 28.88
C MET A 473 14.21 3.55 29.03
N ALA A 474 15.02 3.42 27.97
CA ALA A 474 16.43 3.77 28.05
C ALA A 474 16.66 5.28 28.00
N SER A 475 15.66 6.06 27.58
CA SER A 475 15.82 7.51 27.55
C SER A 475 15.63 8.17 28.92
N ALA A 476 15.29 7.40 29.94
CA ALA A 476 15.03 7.98 31.25
C ALA A 476 16.33 8.36 31.97
N LEU A 477 16.20 9.30 32.90
CA LEU A 477 17.31 9.73 33.75
C LEU A 477 17.20 9.01 35.09
N GLU A 478 18.24 8.24 35.42
CA GLU A 478 18.25 7.45 36.65
C GLU A 478 19.64 7.49 37.26
N ALA A 479 19.75 8.06 38.46
CA ALA A 479 21.01 8.06 39.21
C ALA A 479 21.23 6.67 39.80
N ASP A 480 21.52 5.73 38.92
CA ASP A 480 21.62 4.32 39.29
C ASP A 480 22.62 3.65 38.38
N GLU A 481 23.60 2.96 38.98
CA GLU A 481 24.66 2.33 38.20
C GLU A 481 24.08 1.35 37.18
N LEU A 482 23.20 0.45 37.65
CA LEU A 482 22.59 -0.51 36.75
C LEU A 482 21.80 0.18 35.65
N SER A 483 21.03 1.22 36.01
CA SER A 483 20.27 1.93 35.01
C SER A 483 21.18 2.54 33.95
N LEU A 484 22.34 3.05 34.36
CA LEU A 484 23.29 3.58 33.38
C LEU A 484 23.81 2.48 32.47
N PHE A 485 24.25 1.37 33.05
CA PHE A 485 24.75 0.26 32.24
C PHE A 485 23.70 -0.20 31.24
N LEU A 486 22.47 -0.40 31.70
CA LEU A 486 21.40 -0.81 30.81
C LEU A 486 21.10 0.24 29.76
N SER A 487 21.26 1.51 30.09
CA SER A 487 20.98 2.57 29.12
C SER A 487 21.99 2.57 27.99
N ASP A 488 23.29 2.52 28.34
CA ASP A 488 24.31 2.43 27.31
C ASP A 488 24.14 1.15 26.49
N LEU A 489 23.88 0.04 27.16
CA LEU A 489 23.73 -1.23 26.45
C LEU A 489 22.54 -1.20 25.51
N ALA A 490 21.44 -0.56 25.92
CA ALA A 490 20.28 -0.43 25.04
C ALA A 490 20.60 0.47 23.86
N ALA A 491 21.30 1.58 24.10
CA ALA A 491 21.76 2.42 23.00
C ALA A 491 22.53 1.60 21.98
N SER A 492 23.42 0.71 22.45
CA SER A 492 24.19 -0.11 21.53
C SER A 492 23.31 -1.15 20.83
N ALA A 493 22.33 -1.69 21.55
CA ALA A 493 21.56 -2.82 21.03
C ALA A 493 20.51 -2.39 20.01
N LEU A 494 19.97 -1.18 20.14
CA LEU A 494 19.00 -0.71 19.16
C LEU A 494 19.62 -0.68 17.77
N GLU A 495 20.77 -0.03 17.63
CA GLU A 495 21.63 -0.30 16.49
C GLU A 495 22.21 -1.70 16.62
N LEU A 496 22.68 -2.24 15.49
CA LEU A 496 23.18 -3.61 15.51
C LEU A 496 24.65 -3.67 15.91
N LYS A 497 25.08 -2.74 16.76
CA LYS A 497 26.46 -2.74 17.22
C LYS A 497 26.75 -4.01 18.01
N SER A 498 27.76 -4.75 17.58
CA SER A 498 28.10 -6.04 18.19
C SER A 498 28.57 -5.84 19.63
N ARG A 499 27.99 -6.61 20.55
CA ARG A 499 28.46 -6.63 21.93
C ARG A 499 28.08 -7.94 22.61
N PRO A 500 28.45 -9.10 22.04
CA PRO A 500 28.09 -10.36 22.70
C PRO A 500 28.69 -10.50 24.09
N GLU A 501 29.72 -9.72 24.41
CA GLU A 501 30.46 -9.88 25.66
C GLU A 501 29.86 -9.06 26.79
N HIS A 502 29.26 -7.90 26.49
CA HIS A 502 28.57 -7.13 27.52
C HIS A 502 27.20 -7.71 27.84
N MET A 503 26.59 -8.45 26.90
CA MET A 503 25.29 -9.05 27.15
C MET A 503 25.38 -10.18 28.16
N VAL A 504 26.38 -11.05 28.03
CA VAL A 504 26.53 -12.21 28.90
C VAL A 504 27.36 -11.83 30.11
N ALA A 505 27.57 -10.53 30.33
CA ALA A 505 28.39 -10.08 31.44
C ALA A 505 27.80 -10.55 32.76
N TRP A 506 28.68 -10.75 33.75
CA TRP A 506 28.27 -11.25 35.04
C TRP A 506 27.30 -10.31 35.74
N THR A 507 27.45 -9.01 35.54
CA THR A 507 26.56 -8.02 36.13
C THR A 507 25.65 -7.36 35.09
N GLY A 508 25.40 -8.05 33.98
CA GLY A 508 24.65 -7.48 32.89
C GLY A 508 23.18 -7.83 32.92
N PRO A 509 22.53 -7.83 31.75
CA PRO A 509 21.07 -8.00 31.75
C PRO A 509 20.60 -9.36 32.22
N TYR A 510 21.29 -10.45 31.84
CA TYR A 510 20.90 -11.77 32.32
C TYR A 510 20.89 -11.81 33.84
N ARG A 511 21.97 -11.33 34.46
CA ARG A 511 22.04 -11.28 35.91
C ARG A 511 20.85 -10.54 36.50
N ALA A 512 20.55 -9.35 35.97
CA ALA A 512 19.46 -8.54 36.53
C ALA A 512 18.13 -9.25 36.40
N THR A 513 17.85 -9.82 35.21
CA THR A 513 16.59 -10.54 35.02
C THR A 513 16.47 -11.69 36.01
N LEU A 514 17.54 -12.48 36.15
CA LEU A 514 17.47 -13.63 37.05
C LEU A 514 17.32 -13.20 38.50
N GLU A 515 17.98 -12.12 38.91
CA GLU A 515 17.85 -11.65 40.28
C GLU A 515 16.45 -11.12 40.55
N TYR A 516 15.85 -10.47 39.56
CA TYR A 516 14.47 -10.03 39.70
C TYR A 516 13.54 -11.23 39.88
N LEU A 517 13.57 -12.17 38.92
CA LEU A 517 12.75 -13.36 39.04
C LEU A 517 12.99 -14.07 40.36
N GLN A 518 14.23 -14.03 40.87
CA GLN A 518 14.54 -14.65 42.15
C GLN A 518 13.80 -13.93 43.28
N SER A 519 13.93 -12.60 43.35
CA SER A 519 13.26 -11.86 44.39
C SER A 519 11.76 -12.13 44.38
N ARG A 520 11.15 -12.15 43.19
CA ARG A 520 9.71 -12.43 43.13
C ARG A 520 9.41 -13.88 43.46
N SER A 521 10.34 -14.78 43.19
CA SER A 521 10.17 -16.19 43.54
C SER A 521 10.29 -16.35 45.05
N ASN A 524 9.92 -19.42 47.20
CA ASN A 524 10.83 -20.22 46.41
C ASN A 524 10.17 -21.55 46.02
N GLU A 525 8.84 -21.52 45.87
CA GLU A 525 8.07 -22.70 45.51
C GLU A 525 7.30 -22.55 44.21
N ASP A 526 7.31 -21.36 43.60
CA ASP A 526 6.58 -21.14 42.36
C ASP A 526 7.22 -21.95 41.24
N ALA A 527 6.55 -23.01 40.80
CA ALA A 527 7.12 -23.88 39.77
C ALA A 527 7.27 -23.14 38.45
N GLN A 528 6.28 -22.34 38.08
CA GLN A 528 6.35 -21.60 36.83
C GLN A 528 7.55 -20.65 36.82
N LEU A 529 7.71 -19.87 37.89
CA LEU A 529 8.78 -18.88 37.93
C LEU A 529 10.15 -19.54 37.98
N SER A 530 10.27 -20.66 38.70
CA SER A 530 11.55 -21.36 38.74
C SER A 530 11.87 -22.02 37.41
N SER A 531 10.85 -22.47 36.67
CA SER A 531 11.09 -22.98 35.33
C SER A 531 11.59 -21.86 34.42
N ALA A 532 10.94 -20.68 34.49
CA ALA A 532 11.43 -19.53 33.74
C ALA A 532 12.88 -19.23 34.09
N MET A 533 13.23 -19.34 35.37
CA MET A 533 14.59 -19.04 35.80
C MET A 533 15.58 -20.04 35.20
N THR A 534 15.31 -21.34 35.33
CA THR A 534 16.24 -22.32 34.75
C THR A 534 16.37 -22.14 33.25
N PHE A 535 15.25 -21.92 32.56
CA PHE A 535 15.27 -21.65 31.12
C PHE A 535 16.22 -20.50 30.80
N ILE A 536 16.03 -19.36 31.47
CA ILE A 536 16.87 -18.19 31.20
C ILE A 536 18.33 -18.50 31.51
N ILE A 537 18.58 -19.26 32.58
CA ILE A 537 19.96 -19.63 32.92
C ILE A 537 20.60 -20.40 31.77
N SER A 538 19.87 -21.35 31.19
CA SER A 538 20.42 -22.10 30.07
C SER A 538 20.65 -21.20 28.86
N GLU A 539 19.72 -20.27 28.60
CA GLU A 539 19.95 -19.30 27.53
C GLU A 539 21.23 -18.51 27.76
N TRP A 540 21.46 -18.10 29.00
CA TRP A 540 22.67 -17.36 29.34
C TRP A 540 23.92 -18.19 29.05
N GLY A 541 23.95 -19.43 29.54
CA GLY A 541 25.09 -20.29 29.26
C GLY A 541 25.35 -20.44 27.77
N SER A 542 24.29 -20.73 27.00
CA SER A 542 24.45 -20.90 25.57
C SER A 542 25.00 -19.65 24.91
N LYS A 543 24.52 -18.48 25.33
CA LYS A 543 25.04 -17.24 24.75
C LYS A 543 26.49 -17.02 25.13
N ILE A 544 26.89 -17.40 26.34
CA ILE A 544 28.32 -17.39 26.67
C ILE A 544 29.11 -18.22 25.67
N CYS A 545 28.66 -19.46 25.44
CA CYS A 545 29.37 -20.33 24.52
C CYS A 545 29.44 -19.73 23.11
N THR A 546 28.32 -19.20 22.61
CA THR A 546 28.32 -18.61 21.29
C THR A 546 29.27 -17.42 21.21
N CYS A 547 29.25 -16.57 22.24
CA CYS A 547 30.15 -15.43 22.28
C CYS A 547 31.60 -15.88 22.20
N TYR A 548 32.00 -16.85 23.03
CA TYR A 548 33.38 -17.30 23.04
C TYR A 548 33.75 -17.95 21.70
N ASP A 549 32.84 -18.72 21.12
CA ASP A 549 33.13 -19.44 19.88
C ASP A 549 33.04 -18.56 18.64
N GLY A 550 32.53 -17.32 18.77
CA GLY A 550 32.44 -16.44 17.63
C GLY A 550 33.72 -15.71 17.30
N TYR A 551 34.63 -15.58 18.26
CA TYR A 551 35.88 -14.85 18.07
C TYR A 551 36.99 -15.81 17.63
N GLN A 552 37.82 -15.35 16.69
CA GLN A 552 38.92 -16.14 16.18
C GLN A 552 40.28 -15.52 16.52
N ASP A 553 40.34 -14.70 17.57
CA ASP A 553 41.58 -14.13 18.06
C ASP A 553 41.88 -14.72 19.45
N ASP A 554 42.68 -14.02 20.24
CA ASP A 554 43.05 -14.48 21.58
C ASP A 554 43.21 -13.28 22.51
N VAL A 555 42.12 -12.54 22.72
CA VAL A 555 42.12 -11.47 23.71
C VAL A 555 42.08 -12.12 25.08
N LEU A 556 43.19 -12.05 25.81
CA LEU A 556 43.37 -12.88 27.00
C LEU A 556 42.29 -12.61 28.05
N GLU A 557 42.26 -11.39 28.59
CA GLU A 557 41.38 -11.10 29.71
C GLU A 557 39.93 -11.42 29.38
N ARG A 558 39.48 -11.04 28.19
CA ARG A 558 38.13 -11.39 27.75
C ARG A 558 37.88 -12.88 27.87
N ASP A 559 38.81 -13.69 27.35
CA ASP A 559 38.64 -15.14 27.39
C ASP A 559 38.61 -15.66 28.82
N GLN A 560 39.42 -15.07 29.70
CA GLN A 560 39.43 -15.51 31.09
C GLN A 560 38.10 -15.22 31.77
N GLU A 561 37.61 -13.99 31.63
CA GLU A 561 36.28 -13.67 32.16
C GLU A 561 35.23 -14.62 31.61
N LEU A 562 35.29 -14.92 30.30
CA LEU A 562 34.33 -15.85 29.72
C LEU A 562 34.47 -17.24 30.32
N GLY A 563 35.68 -17.64 30.70
CA GLY A 563 35.86 -18.91 31.37
C GLY A 563 35.23 -18.92 32.75
N ARG A 564 35.40 -17.83 33.50
CA ARG A 564 34.74 -17.71 34.80
C ARG A 564 33.22 -17.81 34.63
N LEU A 565 32.67 -17.08 33.67
CA LEU A 565 31.24 -17.18 33.38
C LEU A 565 30.85 -18.61 33.03
N ALA A 566 31.73 -19.31 32.32
CA ALA A 566 31.43 -20.69 31.95
C ALA A 566 31.30 -21.58 33.18
N TYR A 567 32.30 -21.52 34.07
CA TYR A 567 32.22 -22.29 35.31
C TYR A 567 30.97 -21.92 36.10
N ARG A 568 30.78 -20.62 36.35
CA ARG A 568 29.64 -20.16 37.13
C ARG A 568 28.33 -20.70 36.57
N LEU A 569 28.08 -20.46 35.27
CA LEU A 569 26.83 -20.89 34.68
C LEU A 569 26.67 -22.40 34.70
N ARG A 570 27.77 -23.14 34.58
CA ARG A 570 27.69 -24.59 34.71
C ARG A 570 27.19 -24.98 36.10
N GLU A 571 27.82 -24.43 37.14
CA GLU A 571 27.36 -24.69 38.51
C GLU A 571 25.91 -24.27 38.69
N MET A 572 25.49 -23.19 38.02
CA MET A 572 24.11 -22.73 38.16
C MET A 572 23.13 -23.70 37.51
N ILE A 573 23.47 -24.22 36.33
CA ILE A 573 22.59 -25.17 35.66
C ILE A 573 22.50 -26.45 36.48
N LEU A 574 23.61 -26.90 37.06
CA LEU A 574 23.57 -28.13 37.85
C LEU A 574 22.80 -27.94 39.16
N ASP A 575 22.77 -26.72 39.68
CA ASP A 575 22.09 -26.44 40.95
C ASP A 575 21.57 -25.01 40.89
N ARG A 576 20.24 -24.87 40.84
CA ARG A 576 19.66 -23.55 40.62
C ARG A 576 19.89 -22.62 41.81
N LYS A 577 19.94 -23.17 43.03
CA LYS A 577 20.18 -22.36 44.22
C LYS A 577 21.62 -21.88 44.33
N TRP A 578 22.49 -22.22 43.37
CA TRP A 578 23.90 -21.88 43.47
C TRP A 578 24.10 -20.37 43.37
N LEU A 579 23.30 -19.69 42.56
CA LEU A 579 23.48 -18.25 42.35
C LEU A 579 23.26 -17.48 43.64
N SER A 580 22.09 -17.64 44.25
CA SER A 580 21.75 -16.88 45.45
C SER A 580 22.57 -17.31 46.67
N THR A 581 23.06 -18.55 46.68
CA THR A 581 23.81 -19.04 47.83
C THR A 581 25.24 -18.51 47.84
N GLU A 582 25.91 -18.51 46.68
CA GLU A 582 27.31 -18.13 46.61
C GLU A 582 27.52 -16.64 46.38
N TYR A 583 26.49 -15.92 45.97
CA TYR A 583 26.61 -14.48 45.73
C TYR A 583 25.37 -13.78 46.26
N THR A 584 25.51 -12.46 46.44
CA THR A 584 24.39 -11.59 46.75
C THR A 584 24.46 -10.38 45.83
N TYR A 585 23.29 -9.79 45.56
CA TYR A 585 23.17 -8.77 44.52
C TYR A 585 22.16 -7.72 44.96
N LYS A 586 22.23 -6.56 44.32
CA LYS A 586 21.30 -5.48 44.61
C LYS A 586 19.90 -5.86 44.15
N ASP A 587 18.91 -5.09 44.62
CA ASP A 587 17.53 -5.32 44.23
C ASP A 587 17.26 -4.66 42.89
N VAL A 588 16.55 -5.37 42.01
CA VAL A 588 16.26 -4.91 40.66
C VAL A 588 14.80 -4.47 40.61
N SER A 589 14.56 -3.29 40.07
CA SER A 589 13.20 -2.79 39.92
C SER A 589 12.53 -3.43 38.70
N PRO A 590 11.21 -3.59 38.72
CA PRO A 590 10.54 -4.18 37.55
C PRO A 590 10.85 -3.43 36.27
N LEU A 591 11.16 -2.14 36.37
CA LEU A 591 11.56 -1.38 35.19
C LEU A 591 12.93 -1.82 34.69
N GLN A 592 13.89 -1.94 35.62
CA GLN A 592 15.22 -2.41 35.25
C GLN A 592 15.16 -3.83 34.68
N ALA A 593 14.31 -4.68 35.27
CA ALA A 593 14.18 -6.04 34.79
C ALA A 593 13.57 -6.07 33.39
N LYS A 594 12.48 -5.33 33.19
CA LYS A 594 11.85 -5.29 31.87
C LYS A 594 12.81 -4.77 30.82
N LEU A 595 13.54 -3.69 31.13
CA LEU A 595 14.52 -3.18 30.16
C LEU A 595 15.62 -4.20 29.90
N SER A 596 16.10 -4.87 30.94
CA SER A 596 17.13 -5.88 30.77
C SER A 596 16.67 -6.97 29.81
N TYR A 597 15.54 -7.61 30.12
CA TYR A 597 15.06 -8.69 29.28
C TYR A 597 14.76 -8.20 27.87
N SER A 598 14.27 -6.97 27.73
CA SER A 598 14.01 -6.43 26.39
C SER A 598 15.31 -6.29 25.60
N ILE A 599 16.36 -5.81 26.25
CA ILE A 599 17.67 -5.75 25.60
C ILE A 599 18.10 -7.14 25.15
N ILE A 600 17.92 -8.13 26.01
CA ILE A 600 18.23 -9.51 25.62
C ILE A 600 17.42 -9.90 24.37
N LEU A 601 16.15 -9.51 24.33
CA LEU A 601 15.30 -9.88 23.21
C LEU A 601 15.77 -9.23 21.91
N LEU A 602 16.22 -7.97 21.98
CA LEU A 602 16.68 -7.30 20.77
C LEU A 602 17.80 -8.07 20.08
N ARG A 603 18.54 -8.89 20.82
CA ARG A 603 19.60 -9.71 20.26
C ARG A 603 19.17 -11.15 20.04
N SER A 604 17.90 -11.47 20.25
CA SER A 604 17.39 -12.79 19.99
C SER A 604 17.20 -12.98 18.49
N GLN A 605 17.17 -14.25 18.06
CA GLN A 605 17.01 -14.54 16.64
C GLN A 605 15.66 -14.05 16.12
N PHE A 606 14.66 -13.96 16.99
CA PHE A 606 13.34 -13.48 16.58
C PHE A 606 13.39 -12.00 16.22
N CYS A 607 13.78 -11.15 17.17
CA CYS A 607 13.77 -9.72 16.93
C CYS A 607 14.78 -9.32 15.87
N GLU A 608 15.93 -9.98 15.83
CA GLU A 608 16.96 -9.65 14.85
C GLU A 608 16.46 -9.85 13.42
N ALA A 609 15.35 -10.56 13.22
CA ALA A 609 14.78 -10.74 11.89
C ALA A 609 13.95 -9.55 11.41
N PHE A 610 13.66 -8.61 12.31
CA PHE A 610 12.85 -7.43 12.01
C PHE A 610 13.06 -6.94 10.58
N GLY A 611 14.20 -6.30 10.33
CA GLY A 611 14.53 -5.82 9.00
C GLY A 611 14.05 -6.75 7.91
N ALA A 612 14.58 -7.98 7.90
CA ALA A 612 14.22 -8.93 6.86
C ALA A 612 12.71 -9.00 6.69
N ILE A 613 12.00 -9.37 7.76
CA ILE A 613 10.56 -9.59 7.61
C ILE A 613 9.86 -8.29 7.23
N LEU A 614 10.37 -7.15 7.73
CA LEU A 614 9.79 -5.88 7.33
C LEU A 614 9.78 -5.74 5.82
N ASN A 615 10.90 -6.08 5.17
CA ASN A 615 10.94 -6.07 3.72
C ASN A 615 9.85 -6.96 3.15
N ILE A 616 9.76 -8.20 3.65
CA ILE A 616 8.71 -9.10 3.18
C ILE A 616 7.36 -8.41 3.25
N LEU A 617 7.13 -7.67 4.33
CA LEU A 617 5.86 -6.95 4.47
C LEU A 617 5.74 -5.86 3.42
N LEU A 618 6.77 -5.03 3.30
CA LEU A 618 6.71 -3.90 2.36
C LEU A 618 6.44 -4.39 0.95
N ASN A 619 7.22 -5.37 0.47
CA ASN A 619 7.03 -5.89 -0.88
C ASN A 619 5.66 -6.53 -1.05
N SER A 620 5.00 -6.93 0.04
CA SER A 620 3.68 -7.53 -0.08
C SER A 620 2.58 -6.47 -0.18
N MET A 621 2.93 -5.18 -0.24
CA MET A 621 1.93 -4.16 -0.53
C MET A 621 1.43 -4.27 -1.97
N ALA A 622 2.32 -4.63 -2.90
CA ALA A 622 1.95 -4.87 -4.29
C ALA A 622 1.48 -6.30 -4.50
N SER A 623 0.73 -6.86 -3.55
CA SER A 623 0.27 -8.24 -3.64
C SER A 623 -0.86 -8.37 -4.66
N ASP A 624 -1.63 -9.45 -4.56
CA ASP A 624 -2.76 -9.68 -5.46
C ASP A 624 -4.08 -9.75 -4.71
N GLN A 625 -4.15 -10.51 -3.62
CA GLN A 625 -5.40 -10.62 -2.88
C GLN A 625 -5.78 -9.26 -2.29
N PRO A 626 -7.08 -8.97 -2.18
CA PRO A 626 -7.50 -7.70 -1.56
C PRO A 626 -7.49 -7.71 -0.05
N THR A 627 -7.12 -8.83 0.58
CA THR A 627 -7.08 -8.96 2.03
C THR A 627 -5.67 -9.02 2.58
N VAL A 628 -4.73 -9.65 1.87
CA VAL A 628 -3.34 -9.63 2.30
C VAL A 628 -2.75 -8.24 2.11
N ARG A 629 -3.25 -7.50 1.12
CA ARG A 629 -2.75 -6.14 0.87
C ARG A 629 -3.18 -5.19 1.98
N SER A 630 -4.49 -5.12 2.26
CA SER A 630 -4.96 -4.23 3.31
C SER A 630 -4.38 -4.62 4.66
N LYS A 631 -4.26 -5.92 4.93
CA LYS A 631 -3.66 -6.38 6.18
C LYS A 631 -2.20 -5.96 6.26
N SER A 632 -1.45 -6.10 5.16
CA SER A 632 -0.07 -5.65 5.14
C SER A 632 0.02 -4.15 5.43
N LEU A 633 -0.82 -3.35 4.78
CA LEU A 633 -0.82 -1.92 5.03
C LEU A 633 -1.09 -1.63 6.51
N LYS A 634 -2.08 -2.31 7.08
CA LYS A 634 -2.38 -2.15 8.50
C LYS A 634 -1.15 -2.42 9.35
N SER A 635 -0.47 -3.53 9.09
CA SER A 635 0.71 -3.88 9.89
C SER A 635 1.82 -2.85 9.70
N ILE A 636 1.97 -2.31 8.49
CA ILE A 636 2.99 -1.30 8.24
C ILE A 636 2.68 -0.03 9.03
N ASN A 637 1.40 0.36 9.06
CA ASN A 637 1.02 1.49 9.88
C ASN A 637 1.35 1.25 11.35
N GLN A 638 1.01 0.07 11.87
CA GLN A 638 1.35 -0.22 13.25
C GLN A 638 2.84 -0.16 13.48
N VAL A 639 3.63 -0.66 12.53
CA VAL A 639 5.09 -0.62 12.67
C VAL A 639 5.57 0.82 12.74
N MET A 640 5.04 1.68 11.87
CA MET A 640 5.46 3.08 11.85
C MET A 640 5.10 3.78 13.16
N GLU A 641 3.85 3.65 13.59
CA GLU A 641 3.42 4.34 14.81
C GLU A 641 4.16 3.83 16.03
N ALA A 642 4.48 2.53 16.05
CA ALA A 642 5.12 1.94 17.23
C ALA A 642 6.55 2.44 17.40
N ASP A 643 7.24 2.75 16.30
CA ASP A 643 8.64 3.18 16.35
C ASP A 643 8.91 4.06 15.15
N PRO A 644 8.49 5.33 15.19
CA PRO A 644 8.66 6.21 14.02
C PRO A 644 10.11 6.42 13.62
N THR A 645 11.08 6.07 14.45
CA THR A 645 12.48 6.30 14.12
C THR A 645 12.90 5.54 12.86
N ILE A 646 12.14 4.52 12.45
CA ILE A 646 12.46 3.80 11.22
C ILE A 646 12.22 4.62 9.97
N LEU A 647 11.60 5.79 10.12
CA LEU A 647 11.41 6.71 9.00
C LEU A 647 12.57 7.69 8.84
N ASP A 648 13.62 7.55 9.66
CA ASP A 648 14.74 8.48 9.65
C ASP A 648 15.88 7.95 8.79
N GLY A 649 16.72 8.87 8.34
CA GLY A 649 17.87 8.52 7.53
C GLY A 649 17.46 7.73 6.30
N ASP A 650 18.35 6.82 5.90
CA ASP A 650 18.10 5.95 4.75
C ASP A 650 17.03 4.93 5.17
N SER A 651 15.78 5.40 5.17
CA SER A 651 14.66 4.59 5.60
C SER A 651 14.10 3.80 4.43
N VAL A 652 14.14 2.47 4.54
CA VAL A 652 13.59 1.63 3.48
C VAL A 652 12.07 1.77 3.42
N VAL A 653 11.43 2.06 4.55
CA VAL A 653 9.98 2.26 4.56
C VAL A 653 9.60 3.39 3.62
N VAL A 654 10.28 4.54 3.76
CA VAL A 654 10.05 5.66 2.86
C VAL A 654 10.27 5.23 1.42
N GLN A 655 11.45 4.64 1.15
CA GLN A 655 11.81 4.21 -0.20
C GLN A 655 10.70 3.39 -0.85
N LEU A 656 10.31 2.30 -0.21
CA LEU A 656 9.35 1.37 -0.81
C LEU A 656 7.93 1.88 -0.78
N ILE A 657 7.60 2.81 0.12
CA ILE A 657 6.31 3.49 0.03
C ILE A 657 6.26 4.35 -1.23
N LEU A 658 7.32 5.14 -1.46
CA LEU A 658 7.41 5.94 -2.67
C LEU A 658 7.31 5.06 -3.91
N ARG A 659 8.05 3.95 -3.92
CA ARG A 659 7.93 3.02 -5.04
C ARG A 659 6.52 2.45 -5.15
N SER A 660 5.83 2.30 -4.02
CA SER A 660 4.44 1.85 -4.05
C SER A 660 3.54 2.87 -4.74
N SER A 661 3.83 4.16 -4.56
CA SER A 661 3.01 5.20 -5.18
C SER A 661 3.05 5.15 -6.70
N SER A 662 3.99 4.43 -7.29
CA SER A 662 4.09 4.31 -8.75
C SER A 662 3.94 2.86 -9.21
N ASP A 663 3.24 2.05 -8.43
CA ASP A 663 3.03 0.65 -8.79
C ASP A 663 2.13 0.55 -10.01
N SER A 664 2.30 -0.54 -10.76
CA SER A 664 1.52 -0.74 -11.98
C SER A 664 0.02 -0.88 -11.70
N SER A 665 -0.37 -1.10 -10.46
CA SER A 665 -1.78 -1.21 -10.09
C SER A 665 -2.29 0.12 -9.54
N THR A 666 -3.58 0.37 -9.73
CA THR A 666 -4.20 1.63 -9.34
C THR A 666 -4.29 1.75 -7.82
N GLN A 667 -5.15 0.94 -7.21
CA GLN A 667 -5.43 1.08 -5.79
C GLN A 667 -4.20 0.83 -4.92
N VAL A 668 -3.15 0.20 -5.47
CA VAL A 668 -1.88 0.13 -4.77
C VAL A 668 -1.30 1.51 -4.60
N ARG A 669 -1.34 2.33 -5.66
CA ARG A 669 -0.94 3.72 -5.55
C ARG A 669 -1.91 4.49 -4.68
N ASP A 670 -3.21 4.22 -4.83
CA ASP A 670 -4.22 4.89 -4.01
C ASP A 670 -3.93 4.74 -2.52
N SER A 671 -3.58 3.53 -2.09
CA SER A 671 -3.23 3.33 -0.69
C SER A 671 -1.84 3.87 -0.37
N ALA A 672 -0.92 3.76 -1.34
CA ALA A 672 0.40 4.35 -1.17
C ALA A 672 0.30 5.82 -0.76
N LEU A 673 -0.71 6.53 -1.26
CA LEU A 673 -0.96 7.89 -0.80
C LEU A 673 -1.26 7.91 0.70
N GLY A 674 -2.09 6.97 1.17
CA GLY A 674 -2.35 6.89 2.58
C GLY A 674 -1.09 6.71 3.41
N LEU A 675 -0.22 5.78 2.97
CA LEU A 675 1.04 5.60 3.67
C LEU A 675 1.88 6.86 3.65
N ILE A 676 1.98 7.52 2.50
CA ILE A 676 2.68 8.80 2.44
C ILE A 676 2.14 9.77 3.48
N SER A 677 0.81 9.82 3.61
CA SER A 677 0.20 10.72 4.58
C SER A 677 0.61 10.36 6.00
N LYS A 678 0.62 9.07 6.33
CA LYS A 678 1.03 8.67 7.67
C LYS A 678 2.49 9.03 7.94
N CYS A 679 3.37 8.78 6.98
CA CYS A 679 4.76 9.19 7.11
C CYS A 679 4.84 10.69 7.41
N ILE A 680 4.21 11.51 6.58
CA ILE A 680 4.23 12.96 6.78
C ILE A 680 3.71 13.30 8.17
N SER A 681 2.73 12.54 8.65
CA SER A 681 2.16 12.81 9.97
C SER A 681 3.17 12.53 11.08
N LEU A 682 3.94 11.45 10.96
CA LEU A 682 4.86 11.08 12.03
C LEU A 682 6.16 11.85 11.97
N ARG A 683 6.61 12.24 10.78
CA ARG A 683 7.84 13.03 10.63
C ARG A 683 7.60 14.11 9.58
N PRO A 684 7.11 15.28 9.99
CA PRO A 684 6.80 16.34 9.01
C PRO A 684 7.99 16.79 8.19
N ALA A 685 9.22 16.52 8.62
CA ALA A 685 10.38 16.89 7.81
C ALA A 685 10.34 16.18 6.46
N LEU A 686 9.80 14.96 6.42
CA LEU A 686 9.66 14.26 5.14
C LEU A 686 8.76 15.02 4.18
N GLU A 687 7.82 15.80 4.72
CA GLU A 687 6.80 16.47 3.93
C GLU A 687 7.37 17.09 2.65
N GLU A 688 8.34 17.99 2.81
CA GLU A 688 8.83 18.73 1.64
C GLU A 688 9.29 17.79 0.53
N LYS A 689 9.95 16.69 0.88
CA LYS A 689 10.49 15.81 -0.15
C LYS A 689 9.46 14.81 -0.65
N MET A 690 8.31 14.68 -0.01
CA MET A 690 7.29 13.73 -0.44
C MET A 690 6.17 14.37 -1.25
N THR A 691 5.91 15.67 -1.06
CA THR A 691 4.87 16.32 -1.86
C THR A 691 5.16 16.21 -3.34
N GLU A 692 6.44 16.20 -3.73
CA GLU A 692 6.80 16.04 -5.13
C GLU A 692 6.19 14.77 -5.69
N THR A 693 6.19 13.69 -4.90
CA THR A 693 5.57 12.44 -5.34
C THR A 693 4.06 12.56 -5.36
N VAL A 694 3.48 13.36 -4.47
CA VAL A 694 2.03 13.54 -4.45
C VAL A 694 1.57 14.27 -5.69
N VAL A 695 2.19 15.42 -5.99
CA VAL A 695 1.77 16.20 -7.15
C VAL A 695 1.96 15.42 -8.44
N ASN A 696 2.99 14.59 -8.51
CA ASN A 696 3.16 13.73 -9.67
C ASN A 696 1.94 12.84 -9.88
N ARG A 697 1.37 12.33 -8.79
CA ARG A 697 0.17 11.51 -8.89
C ARG A 697 -1.02 12.28 -9.44
N PHE A 698 -0.93 13.61 -9.55
CA PHE A 698 -1.96 14.35 -10.26
C PHE A 698 -2.12 13.85 -11.69
N SER A 699 -1.02 13.42 -12.32
CA SER A 699 -1.06 12.90 -13.68
C SER A 699 -1.10 11.38 -13.69
N ASP A 700 -1.87 10.79 -12.79
CA ASP A 700 -2.00 9.34 -12.71
C ASP A 700 -3.23 8.88 -13.50
N ALA A 701 -3.15 7.66 -14.02
CA ALA A 701 -4.24 7.14 -14.85
C ALA A 701 -5.56 7.14 -14.10
N GLY A 702 -5.59 6.48 -12.94
CA GLY A 702 -6.81 6.35 -12.17
C GLY A 702 -7.43 7.69 -11.81
N PRO A 703 -8.72 7.88 -12.10
CA PRO A 703 -9.37 9.14 -11.71
C PRO A 703 -9.64 9.27 -10.22
N GLY A 704 -9.44 8.22 -9.43
CA GLY A 704 -9.63 8.29 -8.00
C GLY A 704 -8.35 8.59 -7.27
N VAL A 705 -7.27 7.95 -7.71
CA VAL A 705 -5.96 8.20 -7.10
C VAL A 705 -5.56 9.66 -7.27
N ARG A 706 -5.93 10.27 -8.41
CA ARG A 706 -5.66 11.69 -8.61
C ARG A 706 -6.40 12.52 -7.58
N LYS A 707 -7.71 12.26 -7.43
CA LYS A 707 -8.51 13.00 -6.46
C LYS A 707 -7.92 12.90 -5.06
N ARG A 708 -7.56 11.68 -4.64
CA ARG A 708 -6.94 11.51 -3.34
C ARG A 708 -5.65 12.30 -3.23
N ALA A 709 -4.79 12.19 -4.25
CA ALA A 709 -3.50 12.88 -4.21
C ALA A 709 -3.67 14.39 -4.09
N MET A 710 -4.70 14.96 -4.72
CA MET A 710 -4.88 16.40 -4.66
C MET A 710 -5.62 16.85 -3.41
N LYS A 711 -6.40 15.97 -2.78
CA LYS A 711 -6.93 16.29 -1.46
C LYS A 711 -5.81 16.31 -0.43
N LEU A 712 -4.96 15.27 -0.43
CA LEU A 712 -3.76 15.29 0.40
C LEU A 712 -2.92 16.52 0.13
N ALA A 713 -2.74 16.85 -1.15
CA ALA A 713 -1.96 18.04 -1.51
C ALA A 713 -2.62 19.31 -1.00
N LYS A 714 -3.95 19.31 -0.88
CA LYS A 714 -4.64 20.45 -0.26
C LYS A 714 -4.26 20.56 1.21
N ASP A 715 -4.43 19.46 1.96
CA ASP A 715 -4.05 19.48 3.37
C ASP A 715 -2.62 19.96 3.54
N ILE A 716 -1.70 19.47 2.72
CA ILE A 716 -0.31 19.89 2.80
C ILE A 716 -0.18 21.38 2.48
N TYR A 717 -0.93 21.85 1.49
CA TYR A 717 -0.91 23.28 1.16
C TYR A 717 -1.26 24.12 2.37
N LEU A 718 -2.28 23.69 3.13
CA LEU A 718 -2.66 24.46 4.33
C LEU A 718 -1.62 24.34 5.42
N ARG A 719 -1.00 23.16 5.56
CA ARG A 719 -0.01 22.95 6.62
C ARG A 719 1.25 23.77 6.37
N ASN A 720 1.88 23.58 5.21
CA ASN A 720 3.21 24.08 4.95
C ASN A 720 3.14 25.49 4.34
N SER A 721 3.89 26.41 4.94
CA SER A 721 3.96 27.78 4.45
C SER A 721 5.06 27.98 3.41
N ASN A 722 5.79 26.93 3.05
CA ASN A 722 6.82 27.03 2.03
C ASN A 722 6.20 27.49 0.72
N ARG A 723 6.75 28.56 0.15
CA ARG A 723 6.18 29.15 -1.06
C ARG A 723 6.45 28.29 -2.29
N VAL A 724 7.60 27.62 -2.34
CA VAL A 724 7.90 26.75 -3.48
C VAL A 724 6.92 25.59 -3.53
N LEU A 725 6.75 24.89 -2.40
CA LEU A 725 5.74 23.83 -2.32
C LEU A 725 4.38 24.37 -2.72
N ARG A 726 3.84 25.31 -1.94
CA ARG A 726 2.50 25.83 -2.19
C ARG A 726 2.31 26.20 -3.66
N SER A 727 3.30 26.85 -4.26
CA SER A 727 3.17 27.25 -5.66
C SER A 727 3.12 26.03 -6.59
N ALA A 728 3.92 25.01 -6.29
CA ALA A 728 3.88 23.80 -7.12
C ALA A 728 2.53 23.08 -6.98
N ILE A 729 2.06 22.95 -5.74
CA ILE A 729 0.73 22.39 -5.48
C ILE A 729 -0.32 23.13 -6.31
N ALA A 730 -0.37 24.45 -6.17
CA ALA A 730 -1.39 25.23 -6.85
C ALA A 730 -1.25 25.10 -8.36
N ASN A 731 -0.02 25.00 -8.86
CA ASN A 731 0.17 24.85 -10.31
C ASN A 731 -0.39 23.53 -10.80
N GLY A 732 -0.14 22.44 -10.07
CA GLY A 732 -0.71 21.16 -10.46
C GLY A 732 -2.23 21.15 -10.37
N LEU A 733 -2.76 21.56 -9.22
CA LEU A 733 -4.21 21.66 -9.06
C LEU A 733 -4.84 22.43 -10.21
N LEU A 734 -4.28 23.60 -10.54
CA LEU A 734 -4.81 24.37 -11.64
C LEU A 734 -4.71 23.61 -12.95
N HIS A 735 -3.59 22.94 -13.20
CA HIS A 735 -3.47 22.13 -14.40
C HIS A 735 -4.57 21.08 -14.47
N ARG A 736 -5.10 20.65 -13.32
CA ARG A 736 -6.13 19.62 -13.28
C ARG A 736 -7.54 20.17 -13.44
N VAL A 737 -7.69 21.42 -13.88
CA VAL A 737 -9.02 21.94 -14.17
C VAL A 737 -9.49 21.48 -15.55
N GLN A 738 -8.56 21.29 -16.48
CA GLN A 738 -8.89 20.76 -17.81
C GLN A 738 -8.57 19.27 -17.86
N ASP A 739 -9.20 18.52 -16.94
CA ASP A 739 -8.99 17.09 -16.82
C ASP A 739 -10.11 16.33 -17.53
N PRO A 740 -9.81 15.15 -18.10
CA PRO A 740 -10.86 14.36 -18.75
C PRO A 740 -12.09 14.14 -17.87
N GLU A 741 -11.91 13.48 -16.72
CA GLU A 741 -13.02 13.23 -15.83
C GLU A 741 -13.61 14.55 -15.33
N GLU A 742 -14.89 14.51 -14.98
CA GLU A 742 -15.61 15.72 -14.58
C GLU A 742 -15.53 15.95 -13.07
N SER A 743 -15.82 14.93 -12.27
CA SER A 743 -15.77 15.07 -10.82
C SER A 743 -14.42 15.61 -10.36
N VAL A 744 -13.35 15.22 -11.04
CA VAL A 744 -12.02 15.71 -10.67
C VAL A 744 -11.89 17.19 -10.98
N ARG A 745 -12.51 17.66 -12.07
CA ARG A 745 -12.54 19.09 -12.33
C ARG A 745 -13.29 19.82 -11.22
N ASP A 746 -14.47 19.31 -10.85
CA ASP A 746 -15.23 19.91 -9.75
C ASP A 746 -14.38 20.00 -8.49
N LEU A 747 -13.63 18.93 -8.19
CA LEU A 747 -12.76 18.95 -7.01
C LEU A 747 -11.67 20.01 -7.14
N ALA A 748 -11.02 20.05 -8.31
CA ALA A 748 -9.98 21.05 -8.54
C ALA A 748 -10.51 22.46 -8.29
N ARG A 749 -11.62 22.81 -8.94
CA ARG A 749 -12.26 24.10 -8.68
C ARG A 749 -12.47 24.30 -7.19
N GLN A 750 -13.25 23.41 -6.55
CA GLN A 750 -13.53 23.50 -5.13
C GLN A 750 -12.28 23.87 -4.33
N VAL A 751 -11.24 23.04 -4.43
CA VAL A 751 -10.02 23.25 -3.63
C VAL A 751 -9.42 24.61 -3.94
N ILE A 752 -9.31 24.95 -5.21
CA ILE A 752 -8.69 26.22 -5.58
C ILE A 752 -9.47 27.39 -5.00
N GLU A 753 -10.80 27.30 -5.01
CA GLU A 753 -11.63 28.32 -4.37
C GLU A 753 -11.34 28.40 -2.88
N GLU A 754 -11.08 27.24 -2.25
CA GLU A 754 -10.86 27.25 -0.81
C GLU A 754 -9.52 27.87 -0.44
N ILE A 755 -8.45 27.47 -1.12
CA ILE A 755 -7.10 27.87 -0.71
C ILE A 755 -6.67 29.23 -1.26
N TRP A 756 -7.27 29.69 -2.36
CA TRP A 756 -6.90 30.96 -2.97
C TRP A 756 -7.97 32.04 -2.78
N PHE A 757 -9.23 31.72 -3.03
CA PHE A 757 -10.29 32.72 -3.00
C PHE A 757 -11.26 32.46 -1.85
N ALA A 758 -10.75 32.55 -0.62
CA ALA A 758 -11.58 32.38 0.57
C ALA A 758 -11.26 33.49 1.57
N PRO A 759 -12.23 33.89 2.41
CA PRO A 759 -11.97 34.93 3.39
C PRO A 759 -11.46 34.39 4.73
N SER A 772 -2.78 38.27 5.60
CA SER A 772 -2.02 37.36 4.75
C SER A 772 -2.33 37.60 3.27
N LEU A 773 -3.10 38.66 2.98
CA LEU A 773 -3.41 38.99 1.60
C LEU A 773 -2.15 39.07 0.75
N SER A 774 -1.13 39.75 1.27
CA SER A 774 0.16 39.80 0.59
C SER A 774 0.65 38.40 0.25
N GLU A 775 0.51 37.46 1.19
CA GLU A 775 0.93 36.09 0.92
C GLU A 775 0.10 35.47 -0.20
N HIS A 776 -1.21 35.74 -0.20
CA HIS A 776 -2.07 35.25 -1.29
C HIS A 776 -1.55 35.74 -2.64
N VAL A 777 -1.41 37.06 -2.80
CA VAL A 777 -1.01 37.61 -4.09
C VAL A 777 0.36 37.05 -4.49
N ILE A 778 1.31 37.01 -3.57
CA ILE A 778 2.64 36.51 -3.90
C ILE A 778 2.55 35.07 -4.37
N LEU A 779 1.80 34.24 -3.65
CA LEU A 779 1.66 32.84 -4.03
C LEU A 779 1.05 32.72 -5.43
N MET A 780 0.11 33.60 -5.76
CA MET A 780 -0.47 33.58 -7.10
C MET A 780 0.58 33.93 -8.15
N VAL A 781 1.33 35.01 -7.92
CA VAL A 781 2.36 35.42 -8.87
C VAL A 781 3.34 34.28 -9.10
N GLN A 782 3.86 33.70 -8.02
CA GLN A 782 4.77 32.57 -8.16
C GLN A 782 4.13 31.43 -8.93
N THR A 783 2.84 31.15 -8.66
CA THR A 783 2.18 30.03 -9.30
C THR A 783 2.07 30.23 -10.81
N VAL A 784 1.66 31.43 -11.24
CA VAL A 784 1.50 31.66 -12.68
C VAL A 784 2.87 31.76 -13.35
N LYS A 785 3.85 32.35 -12.65
CA LYS A 785 5.21 32.42 -13.20
C LYS A 785 5.81 31.03 -13.34
N ARG A 786 5.37 30.07 -12.51
CA ARG A 786 5.97 28.75 -12.53
C ARG A 786 5.76 28.06 -13.86
N GLY A 787 4.50 27.98 -14.33
CA GLY A 787 4.21 27.19 -15.50
C GLY A 787 3.08 27.71 -16.38
N ASN A 788 2.53 26.80 -17.20
CA ASN A 788 1.53 27.14 -18.20
C ASN A 788 0.15 27.03 -17.56
N VAL A 789 -0.25 28.12 -16.89
CA VAL A 789 -1.50 28.14 -16.13
C VAL A 789 -2.16 29.50 -16.26
N ALA A 790 -2.25 30.01 -17.49
CA ALA A 790 -2.85 31.32 -17.73
C ALA A 790 -4.32 31.17 -18.10
N ASN A 791 -4.58 30.55 -19.26
CA ASN A 791 -5.96 30.33 -19.69
C ASN A 791 -6.76 29.59 -18.63
N VAL A 792 -6.12 28.64 -17.96
CA VAL A 792 -6.83 27.80 -16.99
C VAL A 792 -7.32 28.65 -15.82
N LEU A 793 -6.40 29.41 -15.19
CA LEU A 793 -6.80 30.28 -14.10
C LEU A 793 -7.86 31.27 -14.55
N ASP A 794 -7.76 31.76 -15.79
CA ASP A 794 -8.81 32.62 -16.33
C ASP A 794 -10.17 31.94 -16.24
N LYS A 795 -10.26 30.70 -16.74
CA LYS A 795 -11.54 30.01 -16.70
C LYS A 795 -11.96 29.62 -15.28
N VAL A 796 -11.02 29.52 -14.34
CA VAL A 796 -11.39 29.33 -12.94
C VAL A 796 -12.06 30.60 -12.40
N LEU A 797 -11.45 31.76 -12.67
CA LEU A 797 -12.03 33.02 -12.20
C LEU A 797 -13.40 33.26 -12.84
N GLN A 798 -13.55 32.89 -14.11
CA GLN A 798 -14.84 33.09 -14.77
C GLN A 798 -15.88 32.11 -14.26
N ALA A 799 -15.49 30.84 -14.06
CA ALA A 799 -16.40 29.88 -13.45
C ALA A 799 -16.69 30.19 -11.99
N LEU A 800 -15.94 31.09 -11.37
CA LEU A 800 -16.12 31.44 -9.97
C LEU A 800 -16.94 32.72 -9.78
N LEU A 801 -16.72 33.74 -10.60
CA LEU A 801 -17.35 35.03 -10.43
C LEU A 801 -18.58 35.22 -11.32
N SER A 802 -18.94 34.23 -12.12
CA SER A 802 -20.13 34.34 -12.94
C SER A 802 -21.36 34.45 -12.05
N PRO A 803 -22.41 35.16 -12.49
CA PRO A 803 -23.58 35.35 -11.64
C PRO A 803 -24.37 34.06 -11.46
N SER A 804 -25.31 34.11 -10.52
CA SER A 804 -26.17 32.97 -10.22
C SER A 804 -25.33 31.74 -9.88
N SER A 805 -24.40 31.90 -8.95
CA SER A 805 -23.56 30.80 -8.49
C SER A 805 -23.55 30.75 -6.97
N LYS A 806 -22.72 29.87 -6.42
CA LYS A 806 -22.65 29.69 -4.97
C LYS A 806 -22.44 31.02 -4.26
N THR A 807 -21.20 31.51 -4.23
CA THR A 807 -20.84 32.73 -3.52
C THR A 807 -20.17 33.69 -4.50
N SER A 808 -20.95 34.22 -5.44
CA SER A 808 -20.42 35.14 -6.44
C SER A 808 -20.16 36.51 -5.81
N GLN A 809 -21.20 37.16 -5.31
CA GLN A 809 -21.05 38.50 -4.75
C GLN A 809 -20.14 38.52 -3.54
N ALA A 810 -19.99 37.39 -2.84
CA ALA A 810 -19.09 37.33 -1.70
C ALA A 810 -17.64 37.15 -2.14
N SER A 811 -17.41 36.28 -3.14
CA SER A 811 -16.07 36.05 -3.66
C SER A 811 -15.65 37.10 -4.69
N MET A 812 -16.48 38.12 -4.93
CA MET A 812 -16.15 39.15 -5.90
C MET A 812 -15.20 40.18 -5.31
N GLU A 813 -15.54 40.72 -4.13
CA GLU A 813 -14.74 41.78 -3.55
C GLU A 813 -13.42 41.27 -2.98
N VAL A 814 -13.29 39.96 -2.74
CA VAL A 814 -11.99 39.41 -2.37
C VAL A 814 -11.05 39.45 -3.57
N CYS A 815 -11.58 39.21 -4.77
CA CYS A 815 -10.79 39.41 -5.98
C CYS A 815 -10.54 40.89 -6.22
N ARG A 816 -11.51 41.75 -5.88
CA ARG A 816 -11.30 43.18 -6.02
C ARG A 816 -10.13 43.64 -5.16
N LYS A 817 -10.06 43.15 -3.92
CA LYS A 817 -8.97 43.54 -3.03
C LYS A 817 -7.68 42.80 -3.32
N LEU A 818 -7.76 41.63 -3.96
CA LEU A 818 -6.54 40.99 -4.46
C LEU A 818 -5.92 41.84 -5.57
N VAL A 819 -6.70 42.17 -6.60
CA VAL A 819 -6.23 43.07 -7.65
C VAL A 819 -5.71 44.36 -7.05
N GLY A 820 -6.52 44.98 -6.19
CA GLY A 820 -6.09 46.21 -5.54
C GLY A 820 -4.79 46.07 -4.80
N SER A 821 -4.53 44.88 -4.24
CA SER A 821 -3.23 44.63 -3.63
C SER A 821 -2.13 44.59 -4.69
N MET A 822 -2.33 43.80 -5.74
CA MET A 822 -1.33 43.71 -6.81
C MET A 822 -0.93 45.09 -7.29
N PHE A 823 -1.90 45.99 -7.48
CA PHE A 823 -1.56 47.36 -7.82
C PHE A 823 -0.89 48.08 -6.65
N ASP A 824 -1.29 47.76 -5.42
CA ASP A 824 -0.64 48.34 -4.25
C ASP A 824 0.81 47.89 -4.15
N LEU A 825 1.14 46.73 -4.70
CA LEU A 825 2.52 46.27 -4.77
C LEU A 825 3.32 46.94 -5.87
N ILE A 826 2.68 47.74 -6.72
CA ILE A 826 3.36 48.43 -7.80
C ILE A 826 3.38 49.93 -7.61
N ASP A 827 2.46 50.49 -6.82
CA ASP A 827 2.44 51.94 -6.60
C ASP A 827 3.78 52.45 -6.11
N ASN A 828 4.55 51.62 -5.41
CA ASN A 828 5.88 51.99 -4.95
C ASN A 828 6.94 51.64 -5.99
N ASN A 832 11.16 47.81 -4.05
CA ASN A 832 11.85 48.42 -2.93
C ASN A 832 13.05 47.56 -2.51
N ASP A 833 13.03 47.01 -1.28
CA ASP A 833 14.14 46.18 -0.77
C ASP A 833 13.51 44.96 -0.09
N ALA A 834 13.14 43.96 -0.88
CA ALA A 834 12.58 42.73 -0.37
C ALA A 834 12.62 41.67 -1.46
N SER A 835 12.35 40.43 -1.08
CA SER A 835 12.27 39.34 -2.03
C SER A 835 10.85 39.26 -2.62
N ALA A 836 10.16 40.40 -2.64
CA ALA A 836 8.81 40.51 -3.18
C ALA A 836 8.82 40.17 -4.67
N PRO A 837 7.66 40.00 -5.31
CA PRO A 837 7.67 39.60 -6.73
C PRO A 837 7.98 40.77 -7.65
N SER A 838 8.42 40.41 -8.86
CA SER A 838 8.71 41.41 -9.88
C SER A 838 7.43 42.03 -10.41
N GLY A 839 7.50 43.31 -10.76
CA GLY A 839 6.36 43.98 -11.35
C GLY A 839 5.86 43.28 -12.60
N ARG A 840 6.79 42.84 -13.45
CA ARG A 840 6.46 42.02 -14.60
C ARG A 840 5.61 40.81 -14.19
N ASP A 841 6.10 40.04 -13.22
CA ASP A 841 5.41 38.83 -12.80
C ASP A 841 4.03 39.14 -12.21
N VAL A 842 3.89 40.27 -11.52
CA VAL A 842 2.58 40.68 -11.01
C VAL A 842 1.64 41.02 -12.16
N LEU A 843 2.15 41.72 -13.17
CA LEU A 843 1.33 42.09 -14.31
C LEU A 843 0.91 40.87 -15.12
N GLN A 844 1.66 39.77 -15.05
CA GLN A 844 1.23 38.57 -15.75
C GLN A 844 -0.05 38.00 -15.16
N VAL A 845 -0.26 38.15 -13.86
CA VAL A 845 -1.51 37.68 -13.23
C VAL A 845 -2.59 38.75 -13.31
N LEU A 846 -2.23 40.02 -13.15
CA LEU A 846 -3.21 41.07 -13.38
C LEU A 846 -3.80 41.00 -14.77
N MET A 847 -2.98 40.59 -15.75
CA MET A 847 -3.45 40.42 -17.12
C MET A 847 -4.62 39.45 -17.20
N ILE A 848 -4.42 38.23 -16.71
CA ILE A 848 -5.46 37.21 -16.78
C ILE A 848 -6.65 37.58 -15.90
N PHE A 849 -6.41 38.33 -14.82
CA PHE A 849 -7.53 38.85 -14.03
C PHE A 849 -8.41 39.77 -14.86
N ALA A 850 -7.78 40.76 -15.52
CA ALA A 850 -8.53 41.68 -16.37
C ALA A 850 -9.25 40.91 -17.48
N LYS A 851 -8.63 39.85 -17.99
CA LYS A 851 -9.32 39.02 -18.98
C LYS A 851 -10.55 38.35 -18.37
N ALA A 852 -10.46 37.90 -17.13
CA ALA A 852 -11.56 37.17 -16.51
C ALA A 852 -12.72 38.09 -16.17
N GLU A 853 -12.45 39.19 -15.48
CA GLU A 853 -13.51 40.10 -15.05
C GLU A 853 -12.91 41.49 -14.86
N ALA A 854 -13.21 42.40 -15.78
CA ALA A 854 -12.66 43.75 -15.73
C ALA A 854 -13.35 44.62 -14.67
N SER A 855 -14.53 44.22 -14.19
CA SER A 855 -15.22 45.00 -13.16
C SER A 855 -14.36 45.21 -11.93
N LEU A 856 -13.35 44.36 -11.70
CA LEU A 856 -12.55 44.45 -10.49
C LEU A 856 -11.57 45.62 -10.51
N PHE A 857 -11.32 46.21 -11.68
CA PHE A 857 -10.32 47.25 -11.84
C PHE A 857 -10.96 48.63 -11.75
N THR A 858 -10.16 49.60 -11.35
CA THR A 858 -10.60 50.99 -11.24
C THR A 858 -9.67 51.88 -12.06
N PHE A 859 -10.18 53.08 -12.38
CA PHE A 859 -9.41 54.01 -13.20
C PHE A 859 -8.13 54.43 -12.49
N GLU A 860 -8.20 54.70 -11.18
CA GLU A 860 -7.03 55.21 -10.46
C GLU A 860 -5.84 54.28 -10.60
N GLN A 861 -6.08 52.96 -10.64
CA GLN A 861 -4.99 52.00 -10.76
C GLN A 861 -4.62 51.72 -12.22
N LEU A 862 -5.44 52.14 -13.18
CA LEU A 862 -4.96 52.22 -14.55
C LEU A 862 -4.02 53.39 -14.74
N ARG A 863 -4.11 54.41 -13.88
CA ARG A 863 -3.18 55.53 -13.94
C ARG A 863 -1.80 55.15 -13.43
N LEU A 864 -1.69 54.11 -12.61
CA LEU A 864 -0.39 53.66 -12.14
C LEU A 864 0.38 52.95 -13.24
N LEU A 865 -0.33 52.32 -14.18
CA LEU A 865 0.31 51.74 -15.35
C LEU A 865 0.65 52.79 -16.40
N ARG A 866 0.18 54.03 -16.23
CA ARG A 866 0.41 55.10 -17.20
C ARG A 866 1.85 55.18 -17.70
N PRO A 867 2.88 55.23 -16.87
CA PRO A 867 4.24 55.36 -17.40
C PRO A 867 4.69 54.17 -18.23
N TYR A 868 4.11 52.98 -18.02
CA TYR A 868 4.46 51.83 -18.84
C TYR A 868 4.05 52.05 -20.29
N ILE A 869 2.99 52.81 -20.54
CA ILE A 869 2.53 53.05 -21.90
C ILE A 869 3.50 53.97 -22.64
N ALA A 870 3.97 55.02 -21.96
CA ALA A 870 4.84 55.99 -22.61
C ALA A 870 6.15 55.35 -23.04
N SER A 871 6.61 54.33 -22.33
CA SER A 871 7.89 53.69 -22.61
C SER A 871 7.75 52.49 -23.56
N ILE A 872 6.55 52.18 -24.04
CA ILE A 872 6.38 51.07 -24.96
C ILE A 872 7.26 51.25 -26.19
N GLY A 873 7.53 52.49 -26.58
CA GLY A 873 8.24 52.75 -27.81
C GLY A 873 9.61 52.08 -27.88
N THR A 874 10.29 51.96 -26.74
CA THR A 874 11.66 51.45 -26.75
C THR A 874 11.88 50.42 -25.65
N SER A 875 11.12 50.50 -24.56
CA SER A 875 11.26 49.54 -23.47
C SER A 875 11.29 48.13 -24.02
N GLU A 876 12.45 47.47 -23.92
CA GLU A 876 12.62 46.17 -24.57
C GLU A 876 11.79 45.09 -23.90
N ASP A 877 11.53 45.21 -22.60
CA ASP A 877 10.72 44.22 -21.92
C ASP A 877 9.32 44.20 -22.51
N LEU A 878 9.06 43.24 -23.41
CA LEU A 878 7.79 43.20 -24.12
C LEU A 878 6.68 42.60 -23.27
N THR A 879 7.02 41.72 -22.33
CA THR A 879 6.02 41.11 -21.46
C THR A 879 5.19 42.18 -20.77
N VAL A 880 5.86 43.10 -20.07
CA VAL A 880 5.16 44.17 -19.36
C VAL A 880 4.30 44.98 -20.33
N SER A 881 4.84 45.30 -21.51
CA SER A 881 4.10 46.12 -22.46
C SER A 881 2.80 45.43 -22.89
N ARG A 882 2.91 44.19 -23.39
CA ARG A 882 1.70 43.46 -23.77
C ARG A 882 0.73 43.36 -22.60
N ALA A 883 1.26 43.16 -21.38
CA ALA A 883 0.41 43.10 -20.21
C ALA A 883 -0.42 44.36 -20.05
N VAL A 884 0.24 45.53 -20.05
CA VAL A 884 -0.47 46.77 -19.78
C VAL A 884 -1.45 47.09 -20.91
N VAL A 885 -1.02 46.88 -22.16
CA VAL A 885 -1.93 47.20 -23.27
C VAL A 885 -3.14 46.27 -23.25
N VAL A 886 -2.96 45.02 -22.81
CA VAL A 886 -4.10 44.12 -22.70
C VAL A 886 -5.00 44.53 -21.54
N ILE A 887 -4.41 45.01 -20.44
CA ILE A 887 -5.21 45.46 -19.31
C ILE A 887 -6.04 46.67 -19.68
N TYR A 888 -5.48 47.59 -20.47
CA TYR A 888 -6.27 48.71 -20.98
C TYR A 888 -7.33 48.22 -21.95
N ARG A 889 -6.96 47.27 -22.82
CA ARG A 889 -7.89 46.74 -23.80
C ARG A 889 -9.13 46.15 -23.12
N ARG A 890 -8.92 45.37 -22.06
CA ARG A 890 -10.04 44.69 -21.40
C ARG A 890 -10.77 45.61 -20.43
N VAL A 891 -10.03 46.43 -19.70
CA VAL A 891 -10.63 47.25 -18.63
C VAL A 891 -11.30 48.48 -19.21
N LEU A 892 -10.54 49.27 -19.96
CA LEU A 892 -10.98 50.62 -20.31
C LEU A 892 -12.38 50.69 -20.91
N PRO A 893 -12.81 49.77 -21.79
CA PRO A 893 -14.20 49.84 -22.26
C PRO A 893 -15.23 49.60 -21.18
N GLN A 894 -14.82 49.18 -19.98
CA GLN A 894 -15.75 48.97 -18.88
C GLN A 894 -16.02 50.24 -18.08
N LEU A 895 -15.12 51.21 -18.10
CA LEU A 895 -15.34 52.46 -17.39
C LEU A 895 -16.60 53.14 -17.90
N SER A 896 -17.18 53.99 -17.05
CA SER A 896 -18.40 54.73 -17.36
C SER A 896 -18.18 56.21 -17.52
N SER A 897 -17.36 56.82 -16.67
CA SER A 897 -17.15 58.27 -16.72
C SER A 897 -16.57 58.71 -18.05
N ALA A 898 -15.86 57.82 -18.75
CA ALA A 898 -15.23 58.17 -20.02
C ALA A 898 -14.31 59.37 -19.83
N HIS A 899 -13.08 59.12 -19.40
CA HIS A 899 -12.10 60.18 -19.14
C HIS A 899 -11.50 60.59 -20.48
N ALA A 900 -12.15 61.57 -21.13
CA ALA A 900 -11.81 61.92 -22.51
C ALA A 900 -10.31 62.20 -22.67
N GLN A 901 -9.79 63.17 -21.92
CA GLN A 901 -8.40 63.57 -22.09
C GLN A 901 -7.46 62.39 -21.84
N PHE A 902 -7.81 61.50 -20.91
CA PHE A 902 -6.99 60.32 -20.68
C PHE A 902 -6.89 59.47 -21.93
N LEU A 903 -8.05 59.11 -22.51
CA LEU A 903 -8.06 58.33 -23.74
C LEU A 903 -7.24 59.01 -24.82
N THR A 904 -7.52 60.29 -25.08
CA THR A 904 -6.81 61.02 -26.13
C THR A 904 -5.30 60.93 -25.93
N ASP A 905 -4.83 61.28 -24.73
CA ASP A 905 -3.40 61.24 -24.45
C ASP A 905 -2.84 59.84 -24.68
N VAL A 906 -3.52 58.83 -24.15
CA VAL A 906 -3.04 57.45 -24.31
C VAL A 906 -2.86 57.12 -25.79
N ARG A 907 -3.85 57.46 -26.60
CA ARG A 907 -3.74 57.18 -28.03
C ARG A 907 -2.56 57.92 -28.65
N LYS A 908 -2.39 59.20 -28.32
CA LYS A 908 -1.29 59.96 -28.90
C LYS A 908 0.06 59.39 -28.49
N GLU A 909 0.16 58.83 -27.29
CA GLU A 909 1.39 58.18 -26.85
C GLU A 909 1.52 56.75 -27.35
N LEU A 910 0.44 56.18 -27.91
CA LEU A 910 0.39 54.78 -28.25
C LEU A 910 0.39 54.52 -29.75
N LEU A 911 0.21 55.55 -30.57
CA LEU A 911 0.19 55.36 -32.02
C LEU A 911 1.59 55.26 -32.59
N PRO A 912 2.52 56.16 -32.27
CA PRO A 912 3.84 56.10 -32.93
C PRO A 912 4.57 54.78 -32.73
N VAL A 913 4.31 54.07 -31.63
CA VAL A 913 4.98 52.78 -31.40
C VAL A 913 4.56 51.73 -32.41
N VAL A 914 3.49 51.97 -33.17
CA VAL A 914 3.06 51.03 -34.19
C VAL A 914 4.15 50.76 -35.20
N ALA A 915 5.10 51.67 -35.37
CA ALA A 915 6.09 51.59 -36.43
C ALA A 915 7.34 50.82 -36.04
N LYS A 916 7.39 50.24 -34.84
CA LYS A 916 8.60 49.58 -34.37
C LYS A 916 8.29 48.25 -33.69
N VAL A 917 7.36 48.28 -32.75
CA VAL A 917 7.06 47.16 -31.87
C VAL A 917 6.86 45.87 -32.66
N PRO A 918 7.26 44.69 -32.14
CA PRO A 918 7.01 43.44 -32.87
C PRO A 918 5.54 43.17 -33.14
N ARG A 919 5.27 42.09 -33.88
CA ARG A 919 3.90 41.78 -34.30
C ARG A 919 3.02 41.43 -33.12
N ALA A 920 3.44 40.45 -32.31
CA ALA A 920 2.59 39.94 -31.24
C ALA A 920 2.09 41.07 -30.35
N LEU A 921 2.92 42.07 -30.08
CA LEU A 921 2.48 43.21 -29.30
C LEU A 921 1.70 44.20 -30.16
N LEU A 922 2.09 44.35 -31.43
CA LEU A 922 1.32 45.20 -32.33
C LEU A 922 -0.14 44.79 -32.35
N ASP A 923 -0.43 43.51 -32.13
CA ASP A 923 -1.81 43.04 -32.11
C ASP A 923 -2.59 43.68 -30.95
N ASP A 924 -2.11 43.49 -29.73
CA ASP A 924 -2.83 44.00 -28.57
C ASP A 924 -2.87 45.53 -28.58
N VAL A 925 -1.80 46.18 -29.04
CA VAL A 925 -1.79 47.64 -29.04
C VAL A 925 -2.73 48.18 -30.11
N MET A 926 -2.82 47.49 -31.26
CA MET A 926 -3.76 47.92 -32.29
C MET A 926 -5.20 47.76 -31.79
N ALA A 927 -5.50 46.62 -31.17
CA ALA A 927 -6.80 46.45 -30.54
C ALA A 927 -7.09 47.58 -29.57
N CYS A 928 -6.12 47.91 -28.72
CA CYS A 928 -6.29 49.00 -27.76
C CYS A 928 -6.58 50.32 -28.48
N LEU A 929 -5.88 50.58 -29.57
CA LEU A 929 -6.14 51.79 -30.35
C LEU A 929 -7.60 51.83 -30.82
N TRP A 930 -8.05 50.74 -31.44
CA TRP A 930 -9.44 50.69 -31.89
C TRP A 930 -10.41 50.97 -30.74
N ILE A 931 -10.18 50.32 -29.59
CA ILE A 931 -11.03 50.54 -28.43
C ILE A 931 -11.07 52.02 -28.07
N ILE A 932 -9.90 52.60 -27.78
CA ILE A 932 -9.82 54.03 -27.48
C ILE A 932 -10.64 54.83 -28.47
N SER A 933 -10.52 54.50 -29.76
CA SER A 933 -11.22 55.27 -30.79
C SER A 933 -12.72 55.09 -30.70
N THR A 934 -13.19 53.91 -30.27
CA THR A 934 -14.63 53.72 -30.13
C THR A 934 -15.17 54.47 -28.92
N LEU A 935 -14.44 54.44 -27.80
CA LEU A 935 -14.86 55.24 -26.65
C LEU A 935 -14.89 56.71 -27.00
N LEU A 936 -13.82 57.22 -27.59
CA LEU A 936 -13.85 58.55 -28.18
C LEU A 936 -14.75 58.55 -29.40
N GLY A 937 -14.98 59.73 -29.95
CA GLY A 937 -15.80 59.87 -31.13
C GLY A 937 -15.00 59.94 -32.42
N THR A 938 -13.69 60.05 -32.30
CA THR A 938 -12.83 60.29 -33.45
C THR A 938 -12.20 58.99 -33.96
N TYR A 939 -12.01 58.93 -35.28
CA TYR A 939 -11.29 57.83 -35.91
C TYR A 939 -10.30 58.32 -36.95
N GLU A 940 -10.17 59.63 -37.15
CA GLU A 940 -9.26 60.15 -38.17
C GLU A 940 -7.80 59.76 -37.93
N PRO A 941 -7.29 59.70 -36.69
CA PRO A 941 -5.88 59.28 -36.54
C PRO A 941 -5.62 57.87 -37.08
N LEU A 942 -6.50 56.92 -36.78
CA LEU A 942 -6.35 55.58 -37.34
C LEU A 942 -6.39 55.61 -38.86
N ALA A 943 -7.42 56.23 -39.42
CA ALA A 943 -7.52 56.34 -40.87
C ALA A 943 -6.24 56.94 -41.46
N ARG A 944 -5.66 57.93 -40.78
CA ARG A 944 -4.43 58.53 -41.24
C ARG A 944 -3.29 57.53 -41.22
N LEU A 945 -3.22 56.70 -40.18
CA LEU A 945 -2.20 55.67 -40.11
C LEU A 945 -2.34 54.69 -41.27
N VAL A 946 -3.55 54.18 -41.50
CA VAL A 946 -3.79 53.24 -42.58
C VAL A 946 -3.42 53.87 -43.93
N ILE A 947 -3.87 55.10 -44.15
CA ILE A 947 -3.65 55.75 -45.44
C ILE A 947 -2.16 55.97 -45.67
N SER A 948 -1.45 56.44 -44.65
CA SER A 948 -0.01 56.64 -44.80
C SER A 948 0.69 55.32 -45.10
N SER A 949 0.28 54.24 -44.43
CA SER A 949 0.89 52.94 -44.69
C SER A 949 0.65 52.50 -46.13
N LEU A 950 -0.59 52.61 -46.60
CA LEU A 950 -0.90 52.20 -47.98
C LEU A 950 -0.13 53.04 -48.98
N LYS A 951 -0.16 54.37 -48.83
CA LYS A 951 0.67 55.24 -49.65
C LYS A 951 2.11 54.74 -49.69
N GLY A 952 2.66 54.42 -48.52
CA GLY A 952 4.00 53.84 -48.48
C GLY A 952 4.12 52.59 -49.32
N ILE A 953 3.08 51.75 -49.31
CA ILE A 953 3.12 50.50 -50.07
C ILE A 953 3.23 50.80 -51.56
N GLN A 954 2.29 51.57 -52.10
CA GLN A 954 2.34 51.85 -53.53
C GLN A 954 3.58 52.66 -53.91
N LYS A 955 4.15 53.42 -52.97
CA LYS A 955 5.47 54.00 -53.19
C LYS A 955 6.52 52.90 -53.32
N THR A 956 6.37 51.82 -52.56
CA THR A 956 7.28 50.69 -52.68
C THR A 956 7.17 50.08 -54.07
N ARG A 957 5.95 49.91 -54.58
CA ARG A 957 5.78 49.42 -55.95
C ARG A 957 6.47 50.35 -56.95
N ALA A 958 6.13 51.64 -56.89
CA ALA A 958 6.76 52.61 -57.79
C ALA A 958 8.28 52.50 -57.76
N SER A 959 8.85 52.31 -56.56
CA SER A 959 10.29 52.15 -56.47
C SER A 959 10.75 50.87 -57.14
N ALA A 960 10.03 49.77 -56.91
CA ALA A 960 10.38 48.50 -57.53
C ALA A 960 10.39 48.60 -59.05
N GLN A 961 9.66 49.57 -59.62
CA GLN A 961 9.72 49.76 -61.06
C GLN A 961 11.07 50.30 -61.53
N VAL A 962 11.87 50.90 -60.64
CA VAL A 962 13.13 51.52 -61.04
C VAL A 962 14.29 50.58 -60.75
N GLN A 963 14.56 50.34 -59.47
CA GLN A 963 15.60 49.40 -59.07
C GLN A 963 14.97 48.23 -58.31
N PRO A 964 15.56 47.02 -58.40
CA PRO A 964 15.00 45.88 -57.65
C PRO A 964 15.04 46.02 -56.14
N LEU A 965 14.46 47.09 -55.61
CA LEU A 965 14.39 47.26 -54.16
C LEU A 965 15.76 47.16 -53.52
N ASP A 966 15.79 46.87 -52.22
CA ASP A 966 17.03 46.62 -51.48
C ASP A 966 16.63 45.99 -50.15
N GLN A 967 17.65 45.58 -49.39
CA GLN A 967 17.37 44.90 -48.13
C GLN A 967 16.67 45.80 -47.11
N LEU A 968 16.61 47.11 -47.36
CA LEU A 968 15.97 48.05 -46.45
C LEU A 968 14.53 48.37 -46.82
N LYS A 969 14.26 48.59 -48.12
CA LYS A 969 12.89 48.87 -48.54
C LYS A 969 11.98 47.67 -48.31
N ILE A 970 12.52 46.45 -48.37
CA ILE A 970 11.71 45.25 -48.13
C ILE A 970 11.22 45.22 -46.69
N ARG A 971 12.06 45.64 -45.74
CA ARG A 971 11.63 45.69 -44.35
C ARG A 971 10.61 46.80 -44.14
N GLN A 972 10.84 47.97 -44.77
CA GLN A 972 9.83 49.02 -44.75
C GLN A 972 8.47 48.47 -45.21
N PHE A 973 8.46 47.76 -46.33
CA PHE A 973 7.21 47.17 -46.80
C PHE A 973 6.66 46.17 -45.79
N ASP A 974 7.52 45.37 -45.18
CA ASP A 974 7.07 44.45 -44.15
C ASP A 974 6.28 45.20 -43.09
N ARG A 975 6.79 46.35 -42.65
CA ARG A 975 6.09 47.10 -41.60
C ARG A 975 4.79 47.72 -42.13
N TYR A 976 4.82 48.28 -43.35
CA TYR A 976 3.60 48.83 -43.92
C TYR A 976 2.50 47.78 -43.98
N SER A 977 2.78 46.65 -44.64
CA SER A 977 1.79 45.59 -44.76
C SER A 977 1.38 45.06 -43.40
N LEU A 978 2.29 45.02 -42.44
CA LEU A 978 1.92 44.57 -41.09
C LEU A 978 0.91 45.52 -40.47
N ILE A 979 1.18 46.82 -40.54
CA ILE A 979 0.27 47.81 -39.96
C ILE A 979 -1.10 47.74 -40.64
N VAL A 980 -1.11 47.74 -41.98
CA VAL A 980 -2.37 47.63 -42.70
C VAL A 980 -3.12 46.37 -42.29
N GLY A 981 -2.41 45.25 -42.19
CA GLY A 981 -3.06 43.99 -41.89
C GLY A 981 -3.68 43.97 -40.50
N MET A 982 -2.91 44.39 -39.50
CA MET A 982 -3.46 44.44 -38.15
C MET A 982 -4.63 45.41 -38.06
N ALA A 983 -4.51 46.57 -38.69
CA ALA A 983 -5.61 47.52 -38.72
C ALA A 983 -6.86 46.86 -39.29
N GLY A 984 -6.73 46.19 -40.44
CA GLY A 984 -7.86 45.45 -40.99
C GLY A 984 -8.39 44.39 -40.05
N LYS A 985 -7.52 43.81 -39.23
CA LYS A 985 -7.95 42.76 -38.31
C LYS A 985 -8.82 43.32 -37.20
N HIS A 986 -8.39 44.43 -36.58
CA HIS A 986 -9.06 44.94 -35.40
C HIS A 986 -10.03 46.08 -35.70
N CYS A 987 -9.62 47.06 -36.51
CA CYS A 987 -10.41 48.25 -36.76
C CYS A 987 -10.76 48.31 -38.24
N ASN A 988 -12.03 48.12 -38.57
CA ASN A 988 -12.51 48.23 -39.93
C ASN A 988 -13.21 49.58 -40.07
N LEU A 989 -12.58 50.50 -40.79
CA LEU A 989 -13.08 51.86 -40.96
C LEU A 989 -14.00 51.97 -42.16
N ASP A 990 -14.97 51.05 -42.25
CA ASP A 990 -15.91 51.08 -43.36
C ASP A 990 -16.83 52.29 -43.30
N SER A 991 -17.09 52.80 -42.10
CA SER A 991 -17.94 53.99 -41.96
C SER A 991 -17.26 55.23 -42.51
N HIS A 992 -15.93 55.26 -42.56
CA HIS A 992 -15.17 56.39 -43.12
C HIS A 992 -14.78 56.11 -44.56
N HIS A 993 -15.74 55.64 -45.36
CA HIS A 993 -15.48 55.37 -46.76
C HIS A 993 -15.17 56.62 -47.55
N GLU A 994 -15.32 57.81 -46.96
CA GLU A 994 -15.00 59.05 -47.63
C GLU A 994 -13.62 59.59 -47.27
N MET A 995 -13.15 59.33 -46.04
CA MET A 995 -11.81 59.74 -45.65
C MET A 995 -10.74 59.12 -46.52
N PHE A 996 -11.02 57.97 -47.15
CA PHE A 996 -10.04 57.28 -47.97
C PHE A 996 -10.08 57.71 -49.44
N LYS A 997 -11.25 58.13 -49.94
CA LYS A 997 -11.33 58.51 -51.34
C LYS A 997 -10.57 59.81 -51.61
N GLU A 998 -10.40 60.66 -50.59
CA GLU A 998 -9.69 61.91 -50.80
C GLU A 998 -8.23 61.68 -51.17
N HIS A 999 -7.65 60.56 -50.74
CA HIS A 999 -6.26 60.25 -51.01
C HIS A 999 -6.08 59.21 -52.11
N PHE A 1000 -7.07 58.34 -52.31
CA PHE A 1000 -7.07 57.35 -53.39
C PHE A 1000 -8.21 57.71 -54.34
N PRO A 1001 -7.98 58.59 -55.32
CA PRO A 1001 -9.12 59.12 -56.09
C PRO A 1001 -9.94 58.05 -56.79
N LYS A 1002 -9.29 57.04 -57.37
CA LYS A 1002 -10.00 56.01 -58.12
C LYS A 1002 -10.51 54.89 -57.21
N PHE A 1003 -10.89 55.24 -55.98
CA PHE A 1003 -11.47 54.29 -55.04
C PHE A 1003 -12.98 54.47 -55.00
N SER A 1004 -13.69 53.34 -54.99
CA SER A 1004 -15.16 53.36 -54.98
C SER A 1004 -15.66 51.99 -54.55
N GLY A 1005 -16.62 51.99 -53.61
CA GLY A 1005 -17.19 50.75 -53.13
C GLY A 1005 -17.51 50.78 -51.65
N ALA A 1006 -16.85 51.68 -50.92
CA ALA A 1006 -17.06 51.82 -49.48
C ALA A 1006 -16.66 50.55 -48.74
N SER A 1007 -15.59 49.91 -49.18
CA SER A 1007 -15.10 48.68 -48.57
C SER A 1007 -13.90 48.92 -47.66
N VAL A 1008 -12.86 49.59 -48.17
CA VAL A 1008 -11.61 49.79 -47.45
C VAL A 1008 -10.90 48.45 -47.31
N SER A 1009 -11.56 47.48 -46.68
CA SER A 1009 -11.04 46.10 -46.67
C SER A 1009 -10.56 45.70 -48.05
N LYS A 1010 -11.44 45.84 -49.05
CA LYS A 1010 -11.06 45.50 -50.42
C LYS A 1010 -10.00 46.46 -50.95
N LEU A 1011 -9.92 47.68 -50.44
CA LEU A 1011 -8.86 48.59 -50.86
C LEU A 1011 -7.52 48.10 -50.36
N MET A 1012 -7.44 47.74 -49.08
CA MET A 1012 -6.21 47.19 -48.53
C MET A 1012 -5.80 45.92 -49.28
N VAL A 1013 -6.74 44.98 -49.42
CA VAL A 1013 -6.43 43.74 -50.14
C VAL A 1013 -5.94 44.05 -51.54
N ASP A 1014 -6.65 44.92 -52.25
CA ASP A 1014 -6.31 45.23 -53.64
C ASP A 1014 -4.93 45.87 -53.75
N ILE A 1015 -4.51 46.63 -52.73
CA ILE A 1015 -3.20 47.26 -52.80
C ILE A 1015 -2.10 46.29 -52.42
N VAL A 1016 -2.36 45.32 -51.54
CA VAL A 1016 -1.29 44.49 -50.99
C VAL A 1016 -1.10 43.20 -51.80
N VAL A 1017 -2.18 42.59 -52.26
CA VAL A 1017 -2.10 41.23 -52.81
C VAL A 1017 -1.24 41.16 -54.07
N PRO A 1018 -1.08 42.23 -54.86
CA PRO A 1018 -0.19 42.11 -56.03
C PRO A 1018 1.22 41.66 -55.70
N PHE A 1019 1.64 41.77 -54.43
CA PHE A 1019 2.99 41.39 -54.04
C PHE A 1019 3.07 39.94 -53.55
N ALA A 1020 1.96 39.21 -53.56
CA ALA A 1020 1.99 37.79 -53.24
C ALA A 1020 2.43 36.93 -54.42
N ALA A 1021 2.63 37.52 -55.59
CA ALA A 1021 3.00 36.76 -56.76
C ALA A 1021 4.43 36.21 -56.61
N PRO A 1022 4.73 35.08 -57.26
CA PRO A 1022 6.08 34.53 -57.17
C PRO A 1022 7.15 35.43 -57.77
N SER A 1023 6.77 36.44 -58.54
CA SER A 1023 7.75 37.34 -59.14
C SER A 1023 8.51 38.14 -58.09
N TRP A 1024 7.97 38.26 -56.88
CA TRP A 1024 8.61 38.98 -55.80
C TRP A 1024 9.46 38.04 -54.95
N PRO A 1025 10.42 38.58 -54.19
CA PRO A 1025 11.20 37.72 -53.29
C PRO A 1025 10.36 37.19 -52.14
N LEU A 1026 10.93 36.33 -51.31
CA LEU A 1026 10.17 35.72 -50.22
C LEU A 1026 9.92 36.70 -49.08
N ASP A 1027 10.92 37.54 -48.77
CA ASP A 1027 10.75 38.53 -47.71
C ASP A 1027 9.61 39.50 -48.02
N VAL A 1028 9.17 39.58 -49.27
CA VAL A 1028 8.05 40.43 -49.65
C VAL A 1028 6.75 39.63 -49.72
N ARG A 1029 6.79 38.45 -50.34
CA ARG A 1029 5.59 37.63 -50.44
C ARG A 1029 5.07 37.23 -49.07
N LYS A 1030 5.97 37.07 -48.08
CA LYS A 1030 5.50 36.65 -46.75
C LYS A 1030 4.64 37.72 -46.10
N PRO A 1031 5.16 38.90 -45.78
CA PRO A 1031 4.33 39.90 -45.08
C PRO A 1031 3.12 40.35 -45.88
N ALA A 1032 3.14 40.22 -47.21
CA ALA A 1032 1.97 40.54 -48.01
C ALA A 1032 0.85 39.54 -47.74
N LEU A 1033 1.15 38.25 -47.85
CA LEU A 1033 0.16 37.22 -47.57
C LEU A 1033 -0.30 37.30 -46.12
N ASP A 1034 0.62 37.60 -45.20
CA ASP A 1034 0.25 37.81 -43.80
C ASP A 1034 -0.76 38.94 -43.70
N CYS A 1035 -0.49 40.06 -44.36
CA CYS A 1035 -1.40 41.20 -44.32
C CYS A 1035 -2.79 40.83 -44.83
N VAL A 1036 -2.87 40.33 -46.07
CA VAL A 1036 -4.17 39.99 -46.64
C VAL A 1036 -4.88 38.96 -45.78
N GLY A 1037 -4.14 38.06 -45.13
CA GLY A 1037 -4.76 37.10 -44.24
C GLY A 1037 -5.39 37.75 -43.03
N LEU A 1038 -4.63 38.64 -42.37
CA LEU A 1038 -5.17 39.38 -41.24
C LEU A 1038 -6.40 40.18 -41.63
N VAL A 1039 -6.40 40.76 -42.82
CA VAL A 1039 -7.55 41.53 -43.28
C VAL A 1039 -8.75 40.61 -43.50
N CYS A 1040 -8.53 39.51 -44.22
CA CYS A 1040 -9.64 38.65 -44.60
C CYS A 1040 -10.28 37.98 -43.39
N GLN A 1041 -9.47 37.60 -42.40
CA GLN A 1041 -10.03 36.85 -41.26
C GLN A 1041 -11.11 37.66 -40.55
N SER A 1042 -11.04 38.99 -40.61
CA SER A 1042 -12.05 39.84 -40.02
C SER A 1042 -13.01 40.44 -41.04
N SER A 1043 -12.73 40.28 -42.33
CA SER A 1043 -13.64 40.68 -43.40
C SER A 1043 -13.74 39.52 -44.38
N PRO A 1044 -14.41 38.43 -43.97
CA PRO A 1044 -14.35 37.19 -44.76
C PRO A 1044 -14.81 37.33 -46.20
N ARG A 1045 -15.64 38.32 -46.52
CA ARG A 1045 -16.12 38.45 -47.89
C ARG A 1045 -14.99 38.68 -48.88
N ASN A 1046 -13.83 39.16 -48.42
CA ASN A 1046 -12.68 39.31 -49.31
C ASN A 1046 -12.08 37.98 -49.71
N TYR A 1047 -12.28 36.92 -48.90
CA TYR A 1047 -11.74 35.61 -49.24
C TYR A 1047 -12.17 35.15 -50.63
N VAL A 1048 -13.45 35.34 -50.96
CA VAL A 1048 -14.01 34.78 -52.19
C VAL A 1048 -13.86 35.76 -53.35
N ALA A 1049 -12.87 36.62 -53.28
CA ALA A 1049 -12.56 37.53 -54.38
C ALA A 1049 -11.49 36.92 -55.28
N ALA A 1050 -11.70 37.03 -56.59
CA ALA A 1050 -10.72 36.52 -57.54
C ALA A 1050 -9.33 37.08 -57.25
N ASN A 1051 -9.26 38.25 -56.61
CA ASN A 1051 -7.98 38.91 -56.39
C ASN A 1051 -7.12 38.13 -55.38
N VAL A 1052 -7.74 37.44 -54.44
CA VAL A 1052 -7.01 36.83 -53.32
C VAL A 1052 -6.84 35.33 -53.50
N TYR A 1053 -7.91 34.60 -53.86
CA TYR A 1053 -7.79 33.15 -53.89
C TYR A 1053 -6.93 32.66 -55.04
N THR A 1054 -6.64 33.52 -56.03
CA THR A 1054 -5.60 33.20 -57.00
C THR A 1054 -4.24 33.20 -56.32
N ALA A 1055 -4.03 34.11 -55.38
CA ALA A 1055 -2.78 34.13 -54.63
C ALA A 1055 -2.71 32.97 -53.64
N PHE A 1056 -3.84 32.59 -53.05
CA PHE A 1056 -3.85 31.42 -52.17
C PHE A 1056 -3.56 30.15 -52.96
N GLN A 1057 -4.28 29.96 -54.07
CA GLN A 1057 -3.98 28.82 -54.94
C GLN A 1057 -2.53 28.81 -55.37
N GLN A 1058 -1.99 29.98 -55.70
CA GLN A 1058 -0.58 30.08 -56.05
C GLN A 1058 0.30 29.61 -54.90
N VAL A 1059 -0.03 30.02 -53.67
CA VAL A 1059 0.72 29.60 -52.50
C VAL A 1059 0.73 28.09 -52.39
N PHE A 1060 -0.46 27.49 -52.35
CA PHE A 1060 -0.54 26.03 -52.20
C PHE A 1060 0.16 25.30 -53.34
N ASP A 1061 0.13 25.87 -54.55
CA ASP A 1061 0.82 25.24 -55.66
C ASP A 1061 2.33 25.29 -55.48
N ASP A 1062 2.85 26.43 -55.03
CA ASP A 1062 4.29 26.56 -54.84
C ASP A 1062 4.83 25.64 -53.76
N GLN A 1063 3.96 25.16 -52.86
CA GLN A 1063 4.37 24.24 -51.80
C GLN A 1063 5.48 24.84 -50.93
N ILE A 1064 5.36 26.12 -50.62
CA ILE A 1064 6.32 26.83 -49.77
C ILE A 1064 5.77 26.83 -48.34
N PRO A 1065 6.50 26.29 -47.36
CA PRO A 1065 5.89 26.13 -46.02
C PRO A 1065 5.50 27.43 -45.33
N ILE A 1066 6.37 28.44 -45.33
CA ILE A 1066 6.13 29.61 -44.47
C ILE A 1066 4.92 30.39 -44.96
N LEU A 1067 4.87 30.70 -46.25
CA LEU A 1067 3.79 31.54 -46.75
C LEU A 1067 2.51 30.76 -47.03
N GLU A 1068 2.53 29.44 -46.87
CA GLU A 1068 1.28 28.68 -46.76
C GLU A 1068 0.85 28.53 -45.31
N THR A 1069 1.78 28.65 -44.36
CA THR A 1069 1.41 28.90 -42.98
C THR A 1069 0.67 30.22 -42.86
N MET A 1070 1.14 31.25 -43.59
CA MET A 1070 0.44 32.53 -43.59
C MET A 1070 -1.02 32.39 -44.00
N VAL A 1071 -1.33 31.44 -44.89
CA VAL A 1071 -2.71 31.22 -45.31
C VAL A 1071 -3.45 30.35 -44.30
N LEU A 1072 -2.81 29.27 -43.85
CA LEU A 1072 -3.48 28.35 -42.94
C LEU A 1072 -3.87 29.03 -41.64
N ARG A 1073 -3.03 29.94 -41.14
CA ARG A 1073 -3.36 30.63 -39.90
C ARG A 1073 -4.57 31.53 -40.08
N SER A 1074 -4.64 32.23 -41.21
CA SER A 1074 -5.82 33.05 -41.50
C SER A 1074 -7.08 32.20 -41.55
N LEU A 1075 -7.06 31.12 -42.35
CA LEU A 1075 -8.22 30.24 -42.41
C LEU A 1075 -8.57 29.69 -41.03
N LYS A 1076 -7.56 29.43 -40.20
CA LYS A 1076 -7.82 28.90 -38.87
C LYS A 1076 -8.56 29.91 -38.00
N GLU A 1077 -8.10 31.16 -38.01
CA GLU A 1077 -8.81 32.20 -37.26
C GLU A 1077 -10.23 32.36 -37.76
N PHE A 1078 -10.40 32.47 -39.08
CA PHE A 1078 -11.72 32.64 -39.67
C PHE A 1078 -12.66 31.52 -39.23
N LEU A 1079 -12.25 30.26 -39.43
CA LEU A 1079 -13.13 29.14 -39.11
C LEU A 1079 -13.39 29.03 -37.61
N PHE A 1080 -12.36 29.24 -36.79
CA PHE A 1080 -12.54 29.18 -35.35
C PHE A 1080 -13.57 30.20 -34.87
N SER A 1081 -13.41 31.46 -35.30
CA SER A 1081 -14.42 32.46 -34.97
C SER A 1081 -15.79 32.06 -35.54
N GLU A 1082 -15.80 31.38 -36.69
CA GLU A 1082 -17.05 30.86 -37.22
C GLU A 1082 -17.63 29.76 -36.35
N GLU A 1083 -16.84 29.18 -35.44
CA GLU A 1083 -17.38 28.23 -34.48
C GLU A 1083 -17.83 28.90 -33.19
N LYS A 1084 -17.04 29.84 -32.67
CA LYS A 1084 -17.53 30.65 -31.55
C LYS A 1084 -18.85 31.32 -31.91
N ARG A 1085 -19.03 31.67 -33.18
CA ARG A 1085 -20.27 32.24 -33.69
C ARG A 1085 -21.44 31.29 -33.47
N SER A 1086 -21.41 30.13 -34.13
CA SER A 1086 -22.54 29.21 -34.08
C SER A 1086 -22.76 28.69 -32.66
N GLU A 1087 -21.72 28.15 -32.04
CA GLU A 1087 -21.83 27.60 -30.69
C GLU A 1087 -22.35 28.65 -29.71
N THR A 1112 -22.62 39.76 -42.46
CA THR A 1112 -22.78 39.36 -41.06
C THR A 1112 -22.93 37.85 -40.93
N ASN A 1113 -23.30 37.19 -42.03
CA ASN A 1113 -23.43 35.74 -42.10
C ASN A 1113 -22.52 35.24 -43.21
N TYR A 1114 -21.45 34.54 -42.84
CA TYR A 1114 -20.42 34.12 -43.78
C TYR A 1114 -20.42 32.59 -43.97
N ASP A 1115 -21.60 32.00 -44.11
CA ASP A 1115 -21.67 30.56 -44.32
C ASP A 1115 -21.22 30.19 -45.74
N ASP A 1116 -21.85 30.79 -46.74
CA ASP A 1116 -21.53 30.44 -48.13
C ASP A 1116 -20.10 30.80 -48.48
N VAL A 1117 -19.54 31.84 -47.84
CA VAL A 1117 -18.12 32.16 -48.03
C VAL A 1117 -17.26 31.02 -47.51
N ALA A 1118 -17.47 30.66 -46.22
CA ALA A 1118 -16.73 29.57 -45.61
C ALA A 1118 -16.79 28.31 -46.46
N SER A 1119 -17.97 27.97 -46.99
CA SER A 1119 -18.09 26.77 -47.81
C SER A 1119 -17.35 26.93 -49.13
N ALA A 1120 -17.49 28.09 -49.78
CA ALA A 1120 -16.79 28.33 -51.03
C ALA A 1120 -15.30 28.05 -50.87
N THR A 1121 -14.62 28.80 -49.99
CA THR A 1121 -13.18 28.64 -49.88
C THR A 1121 -12.81 27.27 -49.31
N THR A 1122 -13.61 26.77 -48.37
CA THR A 1122 -13.35 25.43 -47.82
C THR A 1122 -13.28 24.40 -48.93
N HIS A 1123 -14.25 24.41 -49.84
CA HIS A 1123 -14.23 23.45 -50.93
C HIS A 1123 -13.08 23.71 -51.88
N ARG A 1124 -12.78 24.98 -52.17
CA ARG A 1124 -11.68 25.26 -53.09
C ARG A 1124 -10.36 24.70 -52.56
N PHE A 1125 -10.09 24.87 -51.27
CA PHE A 1125 -8.78 24.55 -50.72
C PHE A 1125 -8.74 23.23 -49.94
N LEU A 1126 -9.84 22.48 -49.91
CA LEU A 1126 -9.86 21.24 -49.12
C LEU A 1126 -8.73 20.30 -49.54
N LYS A 1127 -8.57 20.08 -50.83
CA LYS A 1127 -7.53 19.16 -51.29
C LYS A 1127 -6.15 19.58 -50.81
N ASP A 1128 -5.84 20.87 -50.91
CA ASP A 1128 -4.51 21.34 -50.51
C ASP A 1128 -4.32 21.20 -49.00
N ILE A 1129 -5.29 21.63 -48.21
CA ILE A 1129 -5.13 21.54 -46.76
C ILE A 1129 -4.98 20.09 -46.34
N THR A 1130 -5.76 19.19 -46.97
CA THR A 1130 -5.59 17.76 -46.72
C THR A 1130 -4.17 17.32 -47.04
N ARG A 1131 -3.65 17.69 -48.22
CA ARG A 1131 -2.29 17.34 -48.58
C ARG A 1131 -1.31 17.76 -47.50
N ILE A 1132 -1.38 19.02 -47.06
CA ILE A 1132 -0.47 19.49 -46.02
C ILE A 1132 -0.64 18.68 -44.75
N ALA A 1133 -1.87 18.28 -44.43
CA ALA A 1133 -2.13 17.59 -43.17
C ALA A 1133 -1.59 16.16 -43.19
N THR A 1134 -1.55 15.51 -44.35
CA THR A 1134 -1.21 14.10 -44.45
C THR A 1134 0.13 13.85 -45.12
N SER A 1135 0.97 14.88 -45.23
CA SER A 1135 2.27 14.75 -45.89
C SER A 1135 3.43 14.69 -44.92
N THR A 1136 3.30 15.30 -43.75
CA THR A 1136 4.37 15.30 -42.76
C THR A 1136 3.76 15.09 -41.38
N GLN A 1137 4.63 14.93 -40.39
CA GLN A 1137 4.22 14.67 -39.01
C GLN A 1137 4.72 15.74 -38.05
N ASP A 1138 4.98 16.95 -38.55
CA ASP A 1138 5.50 18.04 -37.75
C ASP A 1138 4.38 19.03 -37.43
N ASP A 1139 4.75 20.12 -36.75
CA ASP A 1139 3.75 21.05 -36.24
C ASP A 1139 2.94 21.69 -37.38
N HIS A 1140 3.58 21.93 -38.52
CA HIS A 1140 2.87 22.50 -39.66
C HIS A 1140 1.67 21.64 -40.05
N ALA A 1141 1.93 20.35 -40.27
CA ALA A 1141 0.84 19.42 -40.51
C ALA A 1141 -0.22 19.52 -39.41
N PHE A 1142 0.22 19.71 -38.16
CA PHE A 1142 -0.75 19.86 -37.08
C PHE A 1142 -1.64 21.09 -37.28
N LEU A 1143 -1.07 22.15 -37.84
CA LEU A 1143 -1.88 23.32 -38.19
C LEU A 1143 -2.92 22.96 -39.24
N ALA A 1144 -2.49 22.24 -40.28
CA ALA A 1144 -3.42 21.83 -41.33
C ALA A 1144 -4.58 21.02 -40.74
N VAL A 1145 -4.27 19.95 -40.01
CA VAL A 1145 -5.32 19.15 -39.41
C VAL A 1145 -6.12 19.95 -38.40
N GLU A 1146 -5.52 21.01 -37.83
CA GLU A 1146 -6.28 21.87 -36.93
C GLU A 1146 -7.30 22.69 -37.70
N VAL A 1147 -7.05 22.97 -38.98
CA VAL A 1147 -8.05 23.59 -39.83
C VAL A 1147 -9.11 22.57 -40.25
N LEU A 1148 -8.68 21.37 -40.66
CA LEU A 1148 -9.64 20.36 -41.10
C LEU A 1148 -10.58 19.94 -39.97
N ALA A 1149 -10.06 19.87 -38.74
CA ALA A 1149 -10.92 19.52 -37.62
C ALA A 1149 -12.05 20.52 -37.48
N SER A 1150 -11.75 21.80 -37.62
CA SER A 1150 -12.80 22.82 -37.58
C SER A 1150 -13.76 22.64 -38.76
N ILE A 1151 -13.21 22.52 -39.97
CA ILE A 1151 -14.04 22.32 -41.16
C ILE A 1151 -15.03 21.19 -40.94
N ASN A 1152 -14.60 20.13 -40.25
CA ASN A 1152 -15.45 18.96 -40.07
C ASN A 1152 -16.43 19.17 -38.92
N ARG A 1153 -16.00 19.79 -37.82
CA ARG A 1153 -16.88 20.05 -36.71
C ARG A 1153 -18.04 20.95 -37.12
N GLN A 1154 -17.79 21.88 -38.06
CA GLN A 1154 -18.85 22.78 -38.50
C GLN A 1154 -19.79 22.11 -39.50
N GLY A 1155 -19.28 21.16 -40.29
CA GLY A 1155 -20.11 20.48 -41.27
C GLY A 1155 -20.11 21.10 -42.64
N LEU A 1156 -19.05 21.81 -43.02
CA LEU A 1156 -18.98 22.39 -44.36
C LEU A 1156 -18.70 21.35 -45.43
N VAL A 1157 -18.07 20.24 -45.06
CA VAL A 1157 -17.73 19.19 -46.02
C VAL A 1157 -18.46 17.92 -45.61
N HIS A 1158 -18.75 17.08 -46.61
CA HIS A 1158 -19.44 15.83 -46.33
C HIS A 1158 -18.50 14.84 -45.62
N PRO A 1159 -19.05 13.97 -44.77
CA PRO A 1159 -18.18 13.05 -44.02
C PRO A 1159 -17.39 12.08 -44.89
N LYS A 1160 -17.82 11.84 -46.13
CA LYS A 1160 -17.07 10.95 -47.01
C LYS A 1160 -15.70 11.54 -47.36
N GLU A 1161 -15.65 12.85 -47.60
CA GLU A 1161 -14.42 13.52 -47.99
C GLU A 1161 -13.44 13.68 -46.83
N THR A 1162 -13.78 13.20 -45.64
CA THR A 1162 -13.02 13.56 -44.43
C THR A 1162 -12.67 12.33 -43.59
N GLY A 1163 -13.58 11.36 -43.54
CA GLY A 1163 -13.42 10.22 -42.65
C GLY A 1163 -12.07 9.54 -42.71
N VAL A 1164 -11.71 9.01 -43.89
CA VAL A 1164 -10.48 8.23 -44.01
C VAL A 1164 -9.28 9.05 -43.58
N THR A 1165 -9.29 10.35 -43.83
CA THR A 1165 -8.16 11.19 -43.47
C THR A 1165 -7.95 11.20 -41.96
N PHE A 1166 -9.02 11.44 -41.20
CA PHE A 1166 -8.88 11.49 -39.75
C PHE A 1166 -8.62 10.11 -39.16
N ILE A 1167 -9.27 9.08 -39.71
CA ILE A 1167 -8.95 7.72 -39.30
C ILE A 1167 -7.47 7.44 -39.48
N THR A 1168 -6.88 7.98 -40.55
CA THR A 1168 -5.47 7.77 -40.82
C THR A 1168 -4.59 8.58 -39.88
N LEU A 1169 -4.93 9.84 -39.65
CA LEU A 1169 -4.14 10.69 -38.77
C LEU A 1169 -4.23 10.26 -37.32
N ALA A 1170 -5.25 9.50 -36.94
CA ALA A 1170 -5.35 9.02 -35.57
C ALA A 1170 -4.21 8.07 -35.22
N THR A 1171 -3.56 7.46 -36.20
CA THR A 1171 -2.43 6.57 -35.98
C THR A 1171 -1.10 7.29 -36.04
N SER A 1172 -1.10 8.61 -35.89
CA SER A 1172 0.14 9.39 -35.96
C SER A 1172 0.86 9.34 -34.62
N THR A 1173 2.19 9.46 -34.68
CA THR A 1173 2.99 9.49 -33.46
C THR A 1173 2.96 10.86 -32.79
N HIS A 1174 2.83 11.93 -33.57
CA HIS A 1174 2.68 13.27 -33.01
C HIS A 1174 1.40 13.29 -32.16
N PRO A 1175 1.52 13.44 -30.83
CA PRO A 1175 0.30 13.31 -30.00
C PRO A 1175 -0.80 14.29 -30.36
N ARG A 1176 -0.45 15.51 -30.77
CA ARG A 1176 -1.48 16.52 -31.03
C ARG A 1176 -2.27 16.22 -32.28
N ILE A 1177 -1.68 15.52 -33.25
CA ILE A 1177 -2.44 15.08 -34.41
C ILE A 1177 -3.28 13.86 -34.06
N SER A 1178 -2.71 12.91 -33.32
CA SER A 1178 -3.41 11.67 -33.00
C SER A 1178 -4.64 11.94 -32.14
N GLU A 1179 -4.52 12.82 -31.14
CA GLU A 1179 -5.64 13.08 -30.25
C GLU A 1179 -6.78 13.77 -30.99
N LEU A 1180 -6.48 14.88 -31.67
CA LEU A 1180 -7.52 15.62 -32.39
C LEU A 1180 -8.16 14.76 -33.47
N ALA A 1181 -7.33 14.12 -34.31
CA ALA A 1181 -7.87 13.26 -35.36
C ALA A 1181 -8.70 12.13 -34.78
N PHE A 1182 -8.32 11.61 -33.61
CA PHE A 1182 -9.10 10.57 -32.97
C PHE A 1182 -10.45 11.10 -32.49
N LEU A 1183 -10.47 12.36 -32.02
CA LEU A 1183 -11.74 12.97 -31.64
C LEU A 1183 -12.65 13.12 -32.84
N GLU A 1184 -12.09 13.54 -33.98
CA GLU A 1184 -12.91 13.73 -35.18
C GLU A 1184 -13.40 12.40 -35.75
N HIS A 1185 -12.56 11.37 -35.67
CA HIS A 1185 -13.01 10.04 -36.12
C HIS A 1185 -14.08 9.48 -35.20
N LYS A 1186 -13.92 9.69 -33.89
CA LYS A 1186 -14.90 9.18 -32.94
C LYS A 1186 -16.24 9.88 -33.09
N ALA A 1187 -16.24 11.21 -33.15
CA ALA A 1187 -17.48 11.95 -33.33
C ALA A 1187 -18.10 11.64 -34.69
N LEU A 1188 -17.28 11.61 -35.74
CA LEU A 1188 -17.78 11.34 -37.08
C LEU A 1188 -18.44 9.97 -37.16
N HIS A 1189 -17.82 8.95 -36.54
CA HIS A 1189 -18.45 7.64 -36.48
C HIS A 1189 -19.73 7.69 -35.65
N THR A 1190 -19.72 8.47 -34.56
CA THR A 1190 -20.91 8.60 -33.74
C THR A 1190 -22.09 9.09 -34.55
N LYS A 1191 -21.89 10.13 -35.36
CA LYS A 1191 -22.98 10.71 -36.14
C LYS A 1191 -23.20 10.03 -37.47
N HIS A 1192 -22.16 9.42 -38.06
CA HIS A 1192 -22.24 8.87 -39.41
C HIS A 1192 -21.55 7.50 -39.48
N GLU A 1193 -22.11 6.53 -38.75
CA GLU A 1193 -21.61 5.16 -38.84
C GLU A 1193 -21.95 4.55 -40.19
N THR A 1194 -23.17 4.83 -40.68
CA THR A 1194 -23.64 4.25 -41.93
C THR A 1194 -22.63 4.40 -43.06
N VAL A 1195 -21.87 5.49 -43.06
CA VAL A 1195 -20.96 5.77 -44.18
C VAL A 1195 -19.57 5.19 -43.92
N ILE A 1196 -19.10 5.19 -42.67
CA ILE A 1196 -17.77 4.68 -42.38
C ILE A 1196 -17.75 3.16 -42.46
N GLU A 1197 -18.90 2.51 -42.23
CA GLU A 1197 -18.94 1.07 -42.41
C GLU A 1197 -18.65 0.65 -43.84
N ARG A 1198 -18.78 1.57 -44.80
CA ARG A 1198 -18.56 1.27 -46.21
C ARG A 1198 -17.16 1.63 -46.69
N GLU A 1199 -16.41 2.44 -45.93
CA GLU A 1199 -15.06 2.83 -46.32
C GLU A 1199 -14.03 2.19 -45.40
N TYR A 1200 -14.17 0.90 -45.14
CA TYR A 1200 -13.21 0.20 -44.29
C TYR A 1200 -11.94 -0.15 -45.05
N ALA A 1201 -12.08 -0.71 -46.25
CA ALA A 1201 -10.90 -1.08 -47.03
C ALA A 1201 -9.98 0.12 -47.26
N LYS A 1202 -10.54 1.20 -47.82
CA LYS A 1202 -9.73 2.39 -48.06
C LYS A 1202 -9.12 2.93 -46.77
N ALA A 1203 -9.80 2.73 -45.65
CA ALA A 1203 -9.26 3.21 -44.37
C ALA A 1203 -8.05 2.40 -43.95
N ILE A 1204 -8.14 1.07 -44.04
CA ILE A 1204 -7.01 0.22 -43.68
C ILE A 1204 -5.83 0.49 -44.60
N GLN A 1205 -6.06 0.43 -45.92
CA GLN A 1205 -5.01 0.75 -46.88
C GLN A 1205 -4.39 2.11 -46.58
N SER A 1206 -5.23 3.09 -46.23
CA SER A 1206 -4.73 4.42 -45.94
C SER A 1206 -3.82 4.42 -44.71
N ILE A 1207 -4.24 3.73 -43.65
CA ILE A 1207 -3.42 3.67 -42.44
C ILE A 1207 -2.07 3.03 -42.76
N PHE A 1208 -2.08 1.97 -43.56
CA PHE A 1208 -0.83 1.31 -43.92
C PHE A 1208 0.08 2.24 -44.71
N ALA A 1209 -0.46 2.86 -45.76
CA ALA A 1209 0.34 3.79 -46.56
C ALA A 1209 0.89 4.92 -45.70
N TYR A 1210 0.11 5.38 -44.72
CA TYR A 1210 0.56 6.45 -43.85
C TYR A 1210 1.71 5.99 -42.95
N GLN A 1211 1.57 4.81 -42.35
CA GLN A 1211 2.63 4.28 -41.52
C GLN A 1211 3.90 4.01 -42.32
N ARG A 1212 3.75 3.65 -43.60
CA ARG A 1212 4.90 3.28 -44.41
C ARG A 1212 5.64 4.51 -44.95
N ASP A 1213 4.90 5.46 -45.51
CA ASP A 1213 5.51 6.60 -46.20
C ASP A 1213 5.75 7.79 -45.29
N ILE A 1214 4.92 8.00 -44.27
CA ILE A 1214 5.02 9.20 -43.45
C ILE A 1214 5.73 8.88 -42.14
N VAL A 1215 5.09 8.05 -41.30
CA VAL A 1215 5.70 7.66 -40.03
C VAL A 1215 7.00 6.90 -40.27
N LYS A 1216 7.11 6.22 -41.42
CA LYS A 1216 8.29 5.43 -41.75
C LYS A 1216 8.51 4.33 -40.71
N ASP A 1217 7.46 3.51 -40.56
CA ASP A 1217 7.45 2.37 -39.65
C ASP A 1217 6.36 1.40 -40.11
N PRO A 1218 6.63 0.56 -41.10
CA PRO A 1218 5.58 -0.29 -41.68
C PRO A 1218 5.16 -1.47 -40.83
N ARG A 1219 5.62 -1.57 -39.59
CA ARG A 1219 5.20 -2.67 -38.73
C ARG A 1219 3.72 -2.53 -38.38
N GLY A 1220 3.09 -3.66 -38.06
CA GLY A 1220 1.68 -3.66 -37.71
C GLY A 1220 1.37 -3.33 -36.27
N ALA A 1221 2.40 -3.18 -35.43
CA ALA A 1221 2.19 -2.85 -34.03
C ALA A 1221 3.47 -2.26 -33.47
N THR A 1222 3.34 -1.51 -32.39
CA THR A 1222 4.48 -0.90 -31.75
C THR A 1222 5.26 -1.94 -30.95
N THR A 1223 6.43 -1.54 -30.47
CA THR A 1223 7.27 -2.35 -29.61
C THR A 1223 7.18 -1.80 -28.20
N ASN A 1224 6.53 -2.55 -27.32
CA ASN A 1224 6.25 -2.12 -25.95
C ASN A 1224 5.23 -0.97 -25.93
N PRO A 1225 4.07 -1.18 -25.28
CA PRO A 1225 3.58 -2.39 -24.61
C PRO A 1225 2.87 -3.35 -25.57
N PHE A 1226 3.37 -3.46 -26.81
CA PHE A 1226 2.75 -4.29 -27.83
C PHE A 1226 1.30 -3.90 -28.04
N THR A 1227 1.08 -2.83 -28.81
CA THR A 1227 -0.27 -2.37 -29.13
C THR A 1227 -0.40 -2.25 -30.65
N PRO A 1228 -1.53 -2.69 -31.22
CA PRO A 1228 -1.67 -2.63 -32.68
C PRO A 1228 -1.90 -1.20 -33.16
N LYS A 1229 -1.52 -0.95 -34.41
CA LYS A 1229 -1.69 0.38 -34.98
C LYS A 1229 -3.16 0.77 -35.05
N LEU A 1230 -4.04 -0.20 -35.32
CA LEU A 1230 -5.46 0.05 -35.45
C LEU A 1230 -6.19 0.01 -34.12
N HIS A 1231 -5.47 0.04 -33.00
CA HIS A 1231 -6.13 -0.08 -31.70
C HIS A 1231 -7.08 1.08 -31.45
N LEU A 1232 -6.76 2.27 -32.00
CA LEU A 1232 -7.72 3.35 -31.97
C LEU A 1232 -8.96 3.00 -32.80
N PHE A 1233 -8.73 2.57 -34.04
CA PHE A 1233 -9.83 2.19 -34.92
C PHE A 1233 -10.82 1.27 -34.19
N MET A 1234 -10.34 0.09 -33.78
CA MET A 1234 -11.23 -0.85 -33.10
C MET A 1234 -11.82 -0.26 -31.83
N GLU A 1235 -11.07 0.60 -31.13
CA GLU A 1235 -11.62 1.25 -29.95
C GLU A 1235 -12.87 2.04 -30.30
N VAL A 1236 -12.83 2.77 -31.42
CA VAL A 1236 -14.01 3.49 -31.89
C VAL A 1236 -15.13 2.51 -32.22
N LEU A 1237 -14.77 1.33 -32.74
CA LEU A 1237 -15.78 0.31 -33.02
C LEU A 1237 -16.30 -0.36 -31.76
N LYS A 1238 -15.83 0.04 -30.58
CA LYS A 1238 -16.35 -0.49 -29.34
C LYS A 1238 -17.67 0.15 -28.93
N ILE A 1239 -18.15 1.15 -29.68
CA ILE A 1239 -19.40 1.82 -29.39
C ILE A 1239 -20.50 1.25 -30.27
N SER A 1240 -20.14 0.86 -31.49
CA SER A 1240 -21.11 0.29 -32.42
C SER A 1240 -21.62 -1.06 -31.92
N LYS A 1241 -20.73 -1.87 -31.35
CA LYS A 1241 -21.12 -3.17 -30.81
C LYS A 1241 -21.71 -4.05 -31.92
N ALA A 1242 -22.41 -5.11 -31.52
CA ALA A 1242 -23.01 -6.03 -32.48
C ALA A 1242 -21.95 -6.67 -33.36
N LYS A 1243 -22.38 -7.46 -34.35
CA LYS A 1243 -21.44 -8.10 -35.27
C LYS A 1243 -20.76 -7.12 -36.21
N ASN A 1244 -21.15 -5.84 -36.18
CA ASN A 1244 -20.51 -4.86 -37.05
C ASN A 1244 -19.01 -4.80 -36.82
N ARG A 1245 -18.58 -5.03 -35.58
CA ARG A 1245 -17.15 -5.14 -35.29
C ARG A 1245 -16.59 -6.44 -35.86
N VAL A 1246 -17.29 -7.57 -35.62
CA VAL A 1246 -16.86 -8.85 -36.16
C VAL A 1246 -16.48 -8.72 -37.62
N LYS A 1247 -17.42 -8.25 -38.45
CA LYS A 1247 -17.18 -8.17 -39.88
C LYS A 1247 -15.91 -7.39 -40.18
N PHE A 1248 -15.66 -6.30 -39.45
CA PHE A 1248 -14.44 -5.55 -39.65
C PHE A 1248 -13.23 -6.47 -39.57
N LEU A 1249 -13.11 -7.21 -38.47
CA LEU A 1249 -12.07 -8.22 -38.36
C LEU A 1249 -12.06 -9.11 -39.59
N GLU A 1250 -13.22 -9.68 -39.94
CA GLU A 1250 -13.30 -10.52 -41.12
C GLU A 1250 -12.79 -9.78 -42.35
N LYS A 1251 -13.20 -8.52 -42.52
CA LYS A 1251 -12.73 -7.75 -43.67
C LYS A 1251 -11.21 -7.67 -43.66
N LEU A 1252 -10.60 -7.43 -42.50
CA LEU A 1252 -9.15 -7.48 -42.39
C LEU A 1252 -8.62 -8.77 -43.00
N VAL A 1253 -9.15 -9.91 -42.55
CA VAL A 1253 -8.73 -11.19 -43.11
C VAL A 1253 -8.93 -11.21 -44.61
N SER A 1254 -10.08 -10.69 -45.08
CA SER A 1254 -10.35 -10.70 -46.52
C SER A 1254 -9.36 -9.83 -47.28
N GLN A 1255 -8.81 -8.81 -46.62
CA GLN A 1255 -7.82 -7.97 -47.27
C GLN A 1255 -6.47 -8.67 -47.43
N ILE A 1256 -6.31 -9.86 -46.85
CA ILE A 1256 -5.06 -10.59 -46.97
C ILE A 1256 -5.08 -11.58 -48.13
N ASP A 1257 -6.27 -11.93 -48.64
CA ASP A 1257 -6.36 -12.83 -49.79
C ASP A 1257 -5.52 -12.29 -50.94
N PHE A 1258 -5.18 -13.14 -51.90
CA PHE A 1258 -4.27 -12.74 -52.96
C PHE A 1258 -4.53 -13.56 -54.21
N ASP A 1259 -4.02 -13.03 -55.32
CA ASP A 1259 -4.09 -13.69 -56.62
C ASP A 1259 -2.70 -13.63 -57.23
N ILE A 1260 -2.02 -14.77 -57.30
CA ILE A 1260 -0.68 -14.83 -57.88
C ILE A 1260 -0.72 -14.18 -59.25
N ALA A 1261 0.06 -13.12 -59.42
CA ALA A 1261 -0.08 -12.11 -60.48
C ALA A 1261 -0.30 -10.77 -59.79
N LYS A 1262 0.79 -10.12 -59.40
CA LYS A 1262 0.73 -8.94 -58.55
C LYS A 1262 2.06 -8.20 -58.59
N LEU A 1263 2.93 -8.44 -57.60
CA LEU A 1263 4.30 -7.93 -57.56
C LEU A 1263 4.60 -6.84 -58.59
N GLU A 1268 11.82 -6.28 -53.94
CA GLU A 1268 11.94 -6.75 -52.57
C GLU A 1268 10.58 -7.28 -52.09
N LEU A 1269 10.38 -7.29 -50.76
CA LEU A 1269 9.13 -7.66 -50.15
C LEU A 1269 7.96 -7.19 -51.00
N PRO A 1270 7.13 -8.09 -51.53
CA PRO A 1270 6.00 -7.64 -52.35
C PRO A 1270 5.15 -6.66 -51.59
N PRO A 1271 4.53 -5.70 -52.29
CA PRO A 1271 3.64 -4.76 -51.58
C PRO A 1271 2.57 -5.45 -50.75
N HIS A 1272 1.95 -6.49 -51.33
CA HIS A 1272 0.88 -7.20 -50.63
C HIS A 1272 1.42 -8.03 -49.47
N VAL A 1273 2.71 -8.38 -49.47
CA VAL A 1273 3.28 -9.08 -48.32
C VAL A 1273 3.57 -8.11 -47.19
N GLN A 1274 4.08 -6.92 -47.51
CA GLN A 1274 4.26 -5.90 -46.49
C GLN A 1274 2.92 -5.50 -45.87
N TYR A 1275 1.91 -5.31 -46.71
CA TYR A 1275 0.57 -4.98 -46.23
C TYR A 1275 -0.01 -6.11 -45.39
N SER A 1276 0.05 -7.34 -45.92
CA SER A 1276 -0.46 -8.50 -45.19
C SER A 1276 0.19 -8.60 -43.82
N ARG A 1277 1.52 -8.52 -43.77
CA ARG A 1277 2.22 -8.51 -42.49
C ARG A 1277 1.66 -7.40 -41.59
N PHE A 1278 1.51 -6.20 -42.15
CA PHE A 1278 1.02 -5.08 -41.36
C PHE A 1278 -0.31 -5.41 -40.68
N ILE A 1279 -1.22 -6.08 -41.39
CA ILE A 1279 -2.56 -6.30 -40.84
C ILE A 1279 -2.71 -7.65 -40.16
N ILE A 1280 -1.70 -8.51 -40.17
CA ILE A 1280 -1.73 -9.69 -39.31
C ILE A 1280 -1.07 -9.40 -37.97
N GLU A 1281 0.00 -8.61 -37.98
CA GLU A 1281 0.60 -8.17 -36.72
C GLU A 1281 -0.40 -7.39 -35.88
N ASN A 1282 -1.41 -6.77 -36.51
CA ASN A 1282 -2.50 -6.17 -35.76
C ASN A 1282 -3.41 -7.24 -35.17
N LEU A 1283 -3.66 -8.32 -35.91
CA LEU A 1283 -4.53 -9.38 -35.42
C LEU A 1283 -3.92 -10.04 -34.19
N ALA A 1284 -2.59 -10.17 -34.16
CA ALA A 1284 -1.95 -10.81 -33.02
C ALA A 1284 -2.40 -10.21 -31.69
N PHE A 1285 -2.45 -8.88 -31.62
CA PHE A 1285 -2.83 -8.18 -30.40
C PHE A 1285 -3.91 -7.17 -30.72
N PHE A 1286 -5.00 -7.19 -29.95
CA PHE A 1286 -6.12 -6.30 -30.25
C PHE A 1286 -7.00 -6.00 -29.04
N GLU A 1287 -6.83 -6.75 -27.95
CA GLU A 1287 -7.70 -6.63 -26.79
C GLU A 1287 -9.16 -6.88 -27.19
N TYR A 1288 -9.41 -8.09 -27.69
CA TYR A 1288 -10.75 -8.49 -28.07
C TYR A 1288 -11.66 -8.51 -26.84
N VAL A 1289 -12.93 -8.18 -27.05
CA VAL A 1289 -13.88 -8.03 -25.95
C VAL A 1289 -14.91 -9.16 -25.91
N THR A 1290 -14.87 -10.09 -26.86
CA THR A 1290 -15.71 -11.28 -26.81
C THR A 1290 -14.94 -12.45 -27.40
N VAL A 1291 -15.31 -13.66 -26.96
CA VAL A 1291 -14.73 -14.85 -27.57
C VAL A 1291 -15.40 -15.16 -28.91
N GLY A 1292 -16.57 -14.58 -29.18
CA GLY A 1292 -17.20 -14.78 -30.47
C GLY A 1292 -16.50 -14.01 -31.58
N GLU A 1293 -16.03 -12.80 -31.27
CA GLU A 1293 -15.27 -12.02 -32.25
C GLU A 1293 -14.00 -12.76 -32.65
N ILE A 1294 -13.19 -13.16 -31.66
CA ILE A 1294 -11.94 -13.84 -31.96
C ILE A 1294 -12.20 -15.22 -32.55
N HIS A 1295 -13.28 -15.88 -32.14
CA HIS A 1295 -13.59 -17.19 -32.70
C HIS A 1295 -13.95 -17.08 -34.18
N SER A 1296 -14.79 -16.11 -34.52
CA SER A 1296 -15.11 -15.87 -35.92
C SER A 1296 -13.88 -15.40 -36.69
N LEU A 1297 -12.97 -14.69 -36.01
CA LEU A 1297 -11.76 -14.24 -36.66
C LEU A 1297 -10.87 -15.41 -37.05
N VAL A 1298 -10.52 -16.27 -36.08
CA VAL A 1298 -9.71 -17.43 -36.37
C VAL A 1298 -10.44 -18.37 -37.32
N ALA A 1299 -11.78 -18.35 -37.29
CA ALA A 1299 -12.54 -19.11 -38.27
C ALA A 1299 -12.30 -18.59 -39.68
N ALA A 1300 -12.28 -17.27 -39.83
CA ALA A 1300 -12.04 -16.68 -41.14
C ALA A 1300 -10.60 -16.90 -41.59
N MET A 1301 -9.66 -16.89 -40.65
CA MET A 1301 -8.26 -17.13 -41.00
C MET A 1301 -8.05 -18.58 -41.42
N GLU A 1302 -8.61 -19.52 -40.68
CA GLU A 1302 -8.55 -20.92 -41.09
C GLU A 1302 -9.23 -21.14 -42.43
N ARG A 1303 -10.37 -20.48 -42.65
CA ARG A 1303 -11.07 -20.61 -43.93
C ARG A 1303 -10.22 -20.11 -45.07
N LEU A 1304 -9.63 -18.92 -44.93
CA LEU A 1304 -8.76 -18.38 -45.98
C LEU A 1304 -7.57 -19.29 -46.23
N VAL A 1305 -6.84 -19.64 -45.17
CA VAL A 1305 -5.65 -20.46 -45.33
C VAL A 1305 -6.00 -21.78 -46.03
N ALA A 1306 -7.10 -22.41 -45.62
CA ALA A 1306 -7.50 -23.67 -46.23
C ALA A 1306 -8.03 -23.50 -47.65
N SER A 1307 -8.45 -22.29 -48.02
CA SER A 1307 -8.96 -22.04 -49.36
C SER A 1307 -7.84 -21.75 -50.35
N THR A 1308 -6.99 -20.75 -50.05
CA THR A 1308 -5.95 -20.35 -50.99
C THR A 1308 -4.71 -21.22 -50.83
N GLY A 1309 -4.34 -21.57 -49.60
CA GLY A 1309 -3.22 -22.46 -49.37
C GLY A 1309 -3.35 -23.79 -50.08
N ALA A 1310 -4.56 -24.18 -50.46
CA ALA A 1310 -4.74 -25.36 -51.30
C ALA A 1310 -4.10 -25.13 -52.67
N SER A 1311 -4.53 -24.09 -53.37
CA SER A 1311 -3.94 -23.76 -54.66
C SER A 1311 -2.43 -23.57 -54.55
N VAL A 1312 -2.00 -22.71 -53.61
CA VAL A 1312 -0.59 -22.39 -53.49
C VAL A 1312 0.24 -23.65 -53.21
N ALA A 1313 -0.08 -24.36 -52.13
CA ALA A 1313 0.66 -25.55 -51.78
C ALA A 1313 0.68 -26.56 -52.92
N GLN A 1314 -0.46 -26.75 -53.58
CA GLN A 1314 -0.54 -27.70 -54.69
C GLN A 1314 0.43 -27.32 -55.80
N VAL A 1315 0.30 -26.12 -56.34
CA VAL A 1315 1.17 -25.68 -57.43
C VAL A 1315 2.63 -25.63 -56.98
N ILE A 1316 2.88 -25.54 -55.67
CA ILE A 1316 4.25 -25.61 -55.17
C ILE A 1316 4.77 -27.04 -55.30
N GLU A 1317 3.99 -28.01 -54.84
CA GLU A 1317 4.39 -29.40 -54.99
C GLU A 1317 4.69 -29.72 -56.44
N SER A 1318 3.87 -29.22 -57.37
CA SER A 1318 4.16 -29.49 -58.78
C SER A 1318 5.39 -28.73 -59.26
N GLU A 1319 5.32 -27.39 -59.28
CA GLU A 1319 6.38 -26.59 -59.88
C GLU A 1319 7.71 -26.80 -59.16
N VAL A 1320 7.71 -26.73 -57.83
CA VAL A 1320 8.94 -26.91 -57.06
C VAL A 1320 9.32 -28.38 -57.02
N ARG A 1363 10.26 -17.51 -60.67
CA ARG A 1363 8.95 -17.69 -60.08
C ARG A 1363 9.04 -18.12 -58.62
N LEU A 1364 10.15 -18.80 -58.29
CA LEU A 1364 10.37 -19.28 -56.92
C LEU A 1364 10.02 -18.23 -55.89
N ARG A 1365 10.50 -17.00 -56.08
CA ARG A 1365 10.20 -15.92 -55.14
C ARG A 1365 8.71 -15.61 -55.13
N GLN A 1366 8.00 -15.89 -56.22
CA GLN A 1366 6.57 -15.65 -56.24
C GLN A 1366 5.84 -16.56 -55.26
N LEU A 1367 6.20 -17.85 -55.25
CA LEU A 1367 5.54 -18.80 -54.37
C LEU A 1367 6.07 -18.76 -52.94
N THR A 1368 7.32 -18.32 -52.76
CA THR A 1368 7.78 -18.02 -51.41
C THR A 1368 7.02 -16.82 -50.84
N ALA A 1369 6.90 -15.75 -51.64
CA ALA A 1369 6.04 -14.64 -51.27
C ALA A 1369 4.65 -15.13 -50.89
N ALA A 1370 4.04 -15.94 -51.75
CA ALA A 1370 2.74 -16.51 -51.44
C ALA A 1370 2.77 -17.19 -50.07
N SER A 1371 3.69 -18.14 -49.89
CA SER A 1371 3.73 -18.95 -48.67
C SER A 1371 3.81 -18.08 -47.43
N MET A 1372 4.84 -17.22 -47.36
CA MET A 1372 5.07 -16.39 -46.17
C MET A 1372 3.78 -15.82 -45.60
N ILE A 1373 2.91 -15.34 -46.49
CA ILE A 1373 1.62 -14.81 -46.04
C ILE A 1373 0.88 -15.87 -45.23
N LEU A 1374 0.71 -17.06 -45.81
CA LEU A 1374 -0.07 -18.10 -45.14
C LEU A 1374 0.60 -18.57 -43.85
N LEU A 1375 1.91 -18.78 -43.88
CA LEU A 1375 2.61 -19.20 -42.67
C LEU A 1375 2.46 -18.16 -41.55
N ALA A 1376 2.49 -16.88 -41.91
CA ALA A 1376 2.28 -15.84 -40.92
C ALA A 1376 0.86 -15.87 -40.38
N ILE A 1377 -0.13 -15.96 -41.27
CA ILE A 1377 -1.53 -16.06 -40.85
C ILE A 1377 -1.68 -17.18 -39.84
N TRP A 1378 -1.23 -18.39 -40.19
CA TRP A 1378 -1.38 -19.53 -39.30
C TRP A 1378 -0.59 -19.35 -38.02
N GLU A 1379 0.57 -18.69 -38.09
CA GLU A 1379 1.33 -18.41 -36.88
C GLU A 1379 0.50 -17.59 -35.90
N VAL A 1380 -0.03 -16.46 -36.36
CA VAL A 1380 -0.89 -15.63 -35.50
C VAL A 1380 -2.10 -16.45 -35.04
N ARG A 1381 -2.61 -17.32 -35.92
CA ARG A 1381 -3.77 -18.14 -35.56
C ARG A 1381 -3.47 -19.00 -34.34
N THR A 1382 -2.41 -19.80 -34.41
CA THR A 1382 -2.03 -20.62 -33.27
C THR A 1382 -1.77 -19.75 -32.04
N TYR A 1383 -1.10 -18.61 -32.24
CA TYR A 1383 -0.83 -17.72 -31.13
C TYR A 1383 -2.11 -17.29 -30.43
N LEU A 1384 -3.18 -17.07 -31.21
CA LEU A 1384 -4.45 -16.70 -30.61
C LEU A 1384 -5.13 -17.90 -29.94
N ARG A 1385 -5.10 -19.06 -30.60
CA ARG A 1385 -5.71 -20.25 -30.03
C ARG A 1385 -5.11 -20.58 -28.67
N ARG A 1386 -3.80 -20.42 -28.52
CA ARG A 1386 -3.17 -20.67 -27.23
C ARG A 1386 -3.27 -19.47 -26.29
N LEU A 1387 -3.37 -18.26 -26.84
CA LEU A 1387 -3.43 -17.06 -26.02
C LEU A 1387 -4.76 -16.93 -25.29
N TYR A 1388 -5.80 -17.65 -25.72
CA TYR A 1388 -7.10 -17.58 -25.09
C TYR A 1388 -7.58 -18.95 -24.66
N SER A 1389 -8.16 -19.71 -25.59
CA SER A 1389 -8.65 -21.05 -25.29
C SER A 1389 -8.71 -21.86 -26.58
N LEU A 1390 -8.54 -23.17 -26.43
CA LEU A 1390 -8.60 -24.08 -27.58
C LEU A 1390 -9.89 -23.90 -28.36
N ALA A 1410 -19.31 -17.08 -27.02
CA ALA A 1410 -19.83 -15.80 -26.55
C ALA A 1410 -19.28 -15.48 -25.16
N ARG A 1411 -19.61 -14.28 -24.65
CA ARG A 1411 -19.18 -13.79 -23.35
C ARG A 1411 -17.77 -13.23 -23.43
N PRO A 1412 -17.36 -12.38 -22.48
CA PRO A 1412 -16.03 -11.77 -22.57
C PRO A 1412 -14.95 -12.81 -22.53
N PRO A 1413 -13.78 -12.52 -23.09
CA PRO A 1413 -12.67 -13.48 -23.08
C PRO A 1413 -11.74 -13.25 -21.89
N VAL A 1414 -10.78 -14.17 -21.75
CA VAL A 1414 -9.77 -14.10 -20.71
C VAL A 1414 -8.43 -14.52 -21.30
N LYS A 1415 -7.36 -13.90 -20.81
CA LYS A 1415 -6.01 -14.15 -21.29
C LYS A 1415 -5.32 -15.19 -20.42
N VAL A 1416 -4.44 -15.97 -21.03
CA VAL A 1416 -3.68 -16.99 -20.31
C VAL A 1416 -2.50 -16.35 -19.61
N GLN A 1417 -2.01 -17.02 -18.56
CA GLN A 1417 -0.96 -16.47 -17.70
C GLN A 1417 0.28 -16.06 -18.51
N GLY A 1418 1.06 -17.03 -18.96
CA GLY A 1418 2.33 -16.74 -19.58
C GLY A 1418 2.36 -16.90 -21.09
N VAL A 1419 1.70 -15.99 -21.80
CA VAL A 1419 1.76 -15.95 -23.25
C VAL A 1419 2.09 -14.52 -23.67
N THR A 1420 3.28 -14.05 -23.30
CA THR A 1420 3.70 -12.67 -23.50
C THR A 1420 3.37 -12.19 -24.91
N GLY A 1421 4.07 -12.71 -25.91
CA GLY A 1421 3.85 -12.31 -27.28
C GLY A 1421 5.14 -12.02 -28.02
N ASP A 1422 6.29 -12.21 -27.35
CA ASP A 1422 7.57 -12.01 -28.01
C ASP A 1422 7.87 -13.13 -28.98
N LYS A 1423 7.51 -14.37 -28.63
CA LYS A 1423 7.77 -15.51 -29.50
C LYS A 1423 7.06 -15.35 -30.84
N VAL A 1424 5.78 -14.94 -30.81
CA VAL A 1424 5.02 -14.78 -32.04
C VAL A 1424 5.57 -13.64 -32.88
N TRP A 1425 6.01 -12.56 -32.24
CA TRP A 1425 6.61 -11.44 -32.96
C TRP A 1425 7.90 -11.87 -33.66
N GLU A 1426 8.86 -12.36 -32.88
CA GLU A 1426 10.10 -12.87 -33.44
C GLU A 1426 9.86 -13.84 -34.58
N GLU A 1427 8.97 -14.82 -34.36
CA GLU A 1427 8.72 -15.83 -35.37
C GLU A 1427 8.12 -15.22 -36.62
N ILE A 1428 7.22 -14.24 -36.46
CA ILE A 1428 6.67 -13.54 -37.62
C ILE A 1428 7.78 -12.90 -38.42
N ASN A 1429 8.73 -12.25 -37.74
CA ASN A 1429 9.87 -11.66 -38.45
C ASN A 1429 10.66 -12.74 -39.19
N ASN A 1430 10.94 -13.86 -38.51
CA ASN A 1430 11.66 -14.96 -39.14
C ASN A 1430 10.98 -15.38 -40.44
N ILE A 1431 9.67 -15.62 -40.39
CA ILE A 1431 8.93 -15.96 -41.60
C ILE A 1431 9.09 -14.86 -42.64
N MET A 1432 9.05 -13.61 -42.21
CA MET A 1432 9.14 -12.46 -43.11
C MET A 1432 10.57 -12.15 -43.53
N GLY A 1433 11.52 -13.02 -43.22
CA GLY A 1433 12.88 -12.90 -43.73
C GLY A 1433 13.24 -13.90 -44.81
N ALA A 1434 12.27 -14.63 -45.36
CA ALA A 1434 12.59 -15.69 -46.31
C ALA A 1434 13.11 -15.11 -47.62
N LEU A 1435 12.42 -14.11 -48.17
CA LEU A 1435 12.81 -13.52 -49.46
C LEU A 1435 14.01 -12.61 -49.36
N SER A 1436 14.73 -12.62 -48.23
CA SER A 1436 15.97 -11.86 -48.08
C SER A 1436 17.19 -12.76 -48.03
N GLY A 1437 17.03 -14.04 -48.34
CA GLY A 1437 18.13 -15.00 -48.30
C GLY A 1437 19.07 -14.83 -49.47
N GLY A 1438 19.74 -15.92 -49.90
CA GLY A 1438 19.56 -17.25 -49.32
C GLY A 1438 18.36 -17.96 -49.90
N ARG A 1439 18.54 -18.58 -51.07
CA ARG A 1439 17.46 -19.33 -51.70
C ARG A 1439 17.04 -20.53 -50.86
N GLU A 1440 17.93 -21.04 -50.00
CA GLU A 1440 17.60 -22.16 -49.14
C GLU A 1440 16.33 -21.88 -48.35
N ARG A 1441 16.33 -20.80 -47.56
CA ARG A 1441 15.16 -20.47 -46.76
C ARG A 1441 13.95 -20.16 -47.63
N MET A 1442 14.18 -19.60 -48.82
CA MET A 1442 13.08 -19.44 -49.77
C MET A 1442 12.41 -20.77 -50.06
N VAL A 1443 13.18 -21.85 -50.13
CA VAL A 1443 12.59 -23.15 -50.39
C VAL A 1443 12.02 -23.77 -49.12
N ARG A 1444 12.65 -23.54 -47.96
CA ARG A 1444 12.10 -24.05 -46.71
C ARG A 1444 10.77 -23.41 -46.37
N ALA A 1445 10.53 -22.19 -46.85
CA ALA A 1445 9.22 -21.57 -46.67
C ALA A 1445 8.16 -22.34 -47.44
N CYS A 1446 8.37 -22.54 -48.74
CA CYS A 1446 7.43 -23.32 -49.55
C CYS A 1446 7.24 -24.71 -48.96
N LYS A 1447 8.31 -25.33 -48.47
CA LYS A 1447 8.19 -26.64 -47.85
C LYS A 1447 7.30 -26.60 -46.61
N ASP A 1448 7.62 -25.70 -45.68
CA ASP A 1448 6.80 -25.55 -44.48
C ASP A 1448 5.35 -25.26 -44.80
N LEU A 1449 5.08 -24.66 -45.97
CA LEU A 1449 3.70 -24.42 -46.38
C LEU A 1449 3.07 -25.70 -46.92
N VAL A 1450 3.81 -26.47 -47.70
CA VAL A 1450 3.28 -27.74 -48.22
C VAL A 1450 2.97 -28.69 -47.08
N GLU A 1451 3.75 -28.63 -45.99
CA GLU A 1451 3.56 -29.54 -44.87
C GLU A 1451 2.57 -28.99 -43.85
N LEU A 1452 2.51 -27.67 -43.66
CA LEU A 1452 1.52 -27.09 -42.77
C LEU A 1452 0.10 -27.54 -43.16
N MET A 1453 -0.13 -27.67 -44.46
CA MET A 1453 -1.42 -28.13 -44.98
C MET A 1453 -1.16 -29.39 -45.82
N SER A 1454 -0.91 -30.50 -45.15
CA SER A 1454 -0.60 -31.75 -45.82
C SER A 1454 -1.75 -32.16 -46.75
N ILE A 1455 -1.54 -32.01 -48.06
CA ILE A 1455 -2.56 -32.30 -49.05
C ILE A 1455 -2.38 -33.73 -49.56
N ASP A 1456 -1.44 -33.92 -50.47
CA ASP A 1456 -1.18 -35.23 -51.05
C ASP A 1456 -0.50 -36.14 -50.04
#